data_2L1R
#
_entry.id   2L1R
#
_cell.length_a   1.000
_cell.length_b   1.000
_cell.length_c   1.000
_cell.angle_alpha   90.00
_cell.angle_beta   90.00
_cell.angle_gamma   90.00
#
_symmetry.space_group_name_H-M   'P 1'
#
loop_
_entity.id
_entity.type
_entity.pdbx_description
1 polymer 'Troponin C'
2 polymer 'Troponin I'
3 non-polymer 'CALCIUM ION'
4 non-polymer "[(2',4'-difluorobiphenyl-4-yl)oxy]acetic acid"
#
loop_
_entity_poly.entity_id
_entity_poly.type
_entity_poly.pdbx_seq_one_letter_code
_entity_poly.pdbx_strand_id
1 'polypeptide(L)'
;MDDIYKAAVEQLTEEQKNEFKAAFDIFVLGAEDGCISTKELGKVMRMLGQNPTPEELQEMIDEVDEDGSGTVDFDEFLVM
MVRCMKDDS
;
A
2 'polypeptide(L)' RRVRISADAMMQALLGARAK B
#
loop_
_chem_comp.id
_chem_comp.type
_chem_comp.name
_chem_comp.formula
CA non-polymer 'CALCIUM ION' 'Ca 2'
SXK non-polymer '[(2',4'-difluorobiphenyl-4-yl)oxy]acetic acid' 'C14 H10 F2 O3'
#
# COMPACT_ATOMS: atom_id res chain seq x y z
N MET A 1 -18.77 -16.83 3.18
CA MET A 1 -17.40 -17.28 3.57
C MET A 1 -16.51 -16.07 3.89
N ASP A 2 -15.34 -16.30 4.41
CA ASP A 2 -14.41 -15.17 4.75
C ASP A 2 -13.06 -15.36 4.03
N ASP A 3 -12.09 -14.54 4.34
CA ASP A 3 -10.74 -14.65 3.69
C ASP A 3 -10.88 -14.64 2.16
N ILE A 4 -11.67 -13.74 1.63
CA ILE A 4 -11.85 -13.68 0.15
C ILE A 4 -10.75 -12.80 -0.48
N TYR A 5 -10.45 -11.68 0.11
CA TYR A 5 -9.38 -10.79 -0.45
C TYR A 5 -8.00 -11.43 -0.25
N LYS A 6 -7.76 -12.07 0.87
CA LYS A 6 -6.42 -12.70 1.09
C LYS A 6 -6.26 -13.93 0.17
N ALA A 7 -7.34 -14.62 -0.13
CA ALA A 7 -7.25 -15.80 -1.05
C ALA A 7 -6.60 -15.35 -2.38
N ALA A 8 -6.98 -14.19 -2.86
CA ALA A 8 -6.38 -13.67 -4.14
C ALA A 8 -4.92 -13.28 -3.88
N VAL A 9 -4.64 -12.73 -2.71
CA VAL A 9 -3.24 -12.33 -2.38
C VAL A 9 -2.32 -13.57 -2.41
N GLU A 10 -2.76 -14.66 -1.83
CA GLU A 10 -1.93 -15.90 -1.82
C GLU A 10 -1.78 -16.44 -3.25
N GLN A 11 -2.86 -16.50 -3.99
CA GLN A 11 -2.79 -17.01 -5.38
C GLN A 11 -2.31 -15.89 -6.32
N LEU A 12 -3.19 -15.03 -6.78
CA LEU A 12 -2.78 -13.91 -7.69
C LEU A 12 -1.98 -14.43 -8.89
N THR A 13 -1.22 -13.58 -9.53
CA THR A 13 -0.41 -14.00 -10.71
C THR A 13 0.93 -13.27 -10.70
N GLU A 14 1.93 -13.86 -11.32
CA GLU A 14 3.28 -13.21 -11.34
C GLU A 14 3.19 -11.78 -11.89
N GLU A 15 2.38 -11.58 -12.91
CA GLU A 15 2.23 -10.20 -13.50
C GLU A 15 1.83 -9.19 -12.42
N GLN A 16 0.88 -9.54 -11.59
CA GLN A 16 0.44 -8.58 -10.51
C GLN A 16 1.32 -8.73 -9.26
N LYS A 17 1.79 -9.92 -8.99
CA LYS A 17 2.65 -10.14 -7.79
C LYS A 17 3.97 -9.38 -7.94
N ASN A 18 4.66 -9.58 -9.04
CA ASN A 18 5.95 -8.85 -9.26
C ASN A 18 5.67 -7.34 -9.32
N GLU A 19 4.51 -6.95 -9.81
CA GLU A 19 4.17 -5.50 -9.89
C GLU A 19 4.14 -4.91 -8.47
N PHE A 20 3.53 -5.60 -7.54
CA PHE A 20 3.49 -5.08 -6.13
C PHE A 20 4.91 -4.99 -5.57
N LYS A 21 5.77 -5.93 -5.94
CA LYS A 21 7.19 -5.88 -5.47
C LYS A 21 7.88 -4.64 -6.04
N ALA A 22 7.72 -4.38 -7.31
CA ALA A 22 8.34 -3.17 -7.94
C ALA A 22 7.71 -1.89 -7.36
N ALA A 23 6.45 -1.94 -7.00
CA ALA A 23 5.78 -0.73 -6.43
C ALA A 23 5.99 -0.66 -4.91
N PHE A 24 6.55 -1.68 -4.31
CA PHE A 24 6.77 -1.67 -2.83
C PHE A 24 8.12 -1.03 -2.45
N ASP A 25 9.20 -1.43 -3.08
CA ASP A 25 10.54 -0.84 -2.73
C ASP A 25 10.55 0.69 -2.91
N ILE A 26 9.91 1.20 -3.93
CA ILE A 26 9.88 2.69 -4.12
C ILE A 26 9.09 3.33 -2.97
N PHE A 27 8.05 2.67 -2.50
CA PHE A 27 7.27 3.24 -1.36
C PHE A 27 8.14 3.27 -0.09
N VAL A 28 8.80 2.18 0.20
CA VAL A 28 9.69 2.12 1.40
C VAL A 28 11.16 1.99 0.94
N LEU A 29 11.85 3.10 0.86
CA LEU A 29 13.28 3.06 0.42
C LEU A 29 14.21 3.03 1.66
N GLY A 30 13.87 3.80 2.67
CA GLY A 30 14.72 3.83 3.90
C GLY A 30 13.81 3.75 5.13
N ALA A 31 12.97 2.75 5.22
CA ALA A 31 12.06 2.62 6.38
C ALA A 31 12.32 1.31 7.13
N GLU A 32 12.97 1.41 8.28
CA GLU A 32 13.27 0.20 9.10
C GLU A 32 13.98 -0.89 8.26
N ASP A 33 13.37 -2.02 8.05
CA ASP A 33 14.03 -3.10 7.25
C ASP A 33 13.29 -3.32 5.92
N GLY A 34 12.80 -2.27 5.31
CA GLY A 34 12.08 -2.42 4.01
C GLY A 34 10.57 -2.60 4.25
N CYS A 35 10.02 -1.83 5.16
CA CYS A 35 8.55 -1.94 5.43
C CYS A 35 7.91 -0.55 5.32
N ILE A 36 6.91 -0.41 4.49
CA ILE A 36 6.24 0.92 4.32
C ILE A 36 5.67 1.39 5.67
N SER A 37 6.20 2.44 6.22
CA SER A 37 5.70 2.96 7.53
C SER A 37 4.90 4.26 7.34
N THR A 38 4.53 4.91 8.41
CA THR A 38 3.74 6.19 8.29
C THR A 38 4.53 7.24 7.50
N LYS A 39 5.80 7.37 7.75
CA LYS A 39 6.63 8.38 7.02
C LYS A 39 6.71 8.06 5.52
N GLU A 40 6.88 6.81 5.17
CA GLU A 40 6.97 6.45 3.72
C GLU A 40 5.62 6.70 3.03
N LEU A 41 4.54 6.28 3.63
CA LEU A 41 3.20 6.51 3.02
C LEU A 41 2.93 8.02 2.95
N GLY A 42 3.29 8.75 3.98
CA GLY A 42 3.06 10.23 3.97
C GLY A 42 3.82 10.88 2.79
N LYS A 43 4.95 10.32 2.40
CA LYS A 43 5.72 10.90 1.25
C LYS A 43 4.83 10.92 0.01
N VAL A 44 4.18 9.81 -0.29
CA VAL A 44 3.28 9.75 -1.49
C VAL A 44 2.01 10.59 -1.22
N MET A 45 1.59 10.69 0.02
CA MET A 45 0.37 11.50 0.35
C MET A 45 0.58 12.95 -0.11
N ARG A 46 1.77 13.47 0.07
CA ARG A 46 2.06 14.88 -0.36
C ARG A 46 1.94 15.01 -1.88
N MET A 47 2.27 13.97 -2.62
CA MET A 47 2.15 14.04 -4.12
C MET A 47 0.70 14.30 -4.53
N LEU A 48 -0.25 13.71 -3.83
CA LEU A 48 -1.69 13.93 -4.18
C LEU A 48 -2.09 15.38 -3.87
N GLY A 49 -1.58 15.93 -2.79
CA GLY A 49 -1.92 17.34 -2.43
C GLY A 49 -2.35 17.45 -0.95
N GLN A 50 -2.16 16.42 -0.16
CA GLN A 50 -2.56 16.48 1.27
C GLN A 50 -1.40 16.08 2.18
N ASN A 51 -1.21 16.79 3.26
CA ASN A 51 -0.08 16.46 4.20
C ASN A 51 -0.66 16.20 5.61
N PRO A 52 -1.17 15.00 5.79
CA PRO A 52 -1.76 14.61 7.10
C PRO A 52 -0.67 14.27 8.12
N THR A 53 -1.05 14.15 9.38
CA THR A 53 -0.05 13.81 10.43
C THR A 53 0.29 12.30 10.36
N PRO A 54 1.32 11.90 11.07
CA PRO A 54 1.73 10.47 11.07
C PRO A 54 0.64 9.58 11.69
N GLU A 55 -0.18 10.13 12.56
CA GLU A 55 -1.27 9.33 13.17
C GLU A 55 -2.28 8.89 12.10
N GLU A 56 -2.58 9.75 11.16
CA GLU A 56 -3.54 9.40 10.06
C GLU A 56 -3.08 8.11 9.37
N LEU A 57 -1.82 8.01 9.04
CA LEU A 57 -1.33 6.77 8.37
C LEU A 57 -1.14 5.65 9.40
N GLN A 58 -0.87 5.98 10.65
CA GLN A 58 -0.70 4.92 11.68
C GLN A 58 -2.00 4.09 11.77
N GLU A 59 -3.14 4.74 11.58
CA GLU A 59 -4.43 3.99 11.61
C GLU A 59 -4.50 3.10 10.37
N MET A 60 -3.99 3.59 9.25
CA MET A 60 -3.99 2.78 7.98
C MET A 60 -3.13 1.52 8.18
N ILE A 61 -1.96 1.67 8.77
CA ILE A 61 -1.06 0.50 9.00
C ILE A 61 -1.70 -0.48 10.01
N ASP A 62 -2.43 0.03 10.98
CA ASP A 62 -3.07 -0.87 11.98
C ASP A 62 -4.21 -1.67 11.33
N GLU A 63 -4.92 -1.06 10.42
CA GLU A 63 -6.05 -1.78 9.74
C GLU A 63 -5.55 -2.95 8.88
N VAL A 64 -4.40 -2.81 8.27
CA VAL A 64 -3.86 -3.92 7.41
C VAL A 64 -2.74 -4.71 8.13
N ASP A 65 -2.18 -4.19 9.19
CA ASP A 65 -1.08 -4.94 9.89
C ASP A 65 -1.32 -4.99 11.41
N GLU A 66 -1.03 -6.11 12.00
CA GLU A 66 -1.19 -6.27 13.47
C GLU A 66 -0.25 -7.38 13.98
N ASP A 67 0.96 -7.43 13.45
CA ASP A 67 1.93 -8.48 13.87
C ASP A 67 2.94 -7.94 14.91
N GLY A 68 2.77 -6.71 15.35
CA GLY A 68 3.73 -6.14 16.34
C GLY A 68 4.64 -5.12 15.65
N SER A 69 4.96 -5.34 14.39
CA SER A 69 5.85 -4.39 13.67
C SER A 69 5.12 -3.05 13.43
N GLY A 70 3.86 -3.09 13.04
CA GLY A 70 3.12 -1.80 12.81
C GLY A 70 3.63 -1.17 11.51
N THR A 71 4.08 -1.97 10.58
CA THR A 71 4.59 -1.44 9.28
C THR A 71 4.05 -2.30 8.14
N VAL A 72 3.72 -1.70 7.03
CA VAL A 72 3.17 -2.49 5.88
C VAL A 72 4.29 -3.28 5.18
N ASP A 73 4.27 -4.58 5.31
CA ASP A 73 5.33 -5.42 4.67
C ASP A 73 4.95 -5.67 3.20
N PHE A 74 5.70 -6.48 2.50
CA PHE A 74 5.37 -6.77 1.07
C PHE A 74 3.98 -7.40 0.97
N ASP A 75 3.72 -8.40 1.78
CA ASP A 75 2.38 -9.06 1.76
C ASP A 75 1.28 -8.06 2.14
N GLU A 76 1.44 -7.38 3.24
CA GLU A 76 0.40 -6.37 3.66
C GLU A 76 0.20 -5.32 2.57
N PHE A 77 1.28 -4.90 1.92
CA PHE A 77 1.15 -3.88 0.83
C PHE A 77 0.31 -4.45 -0.31
N LEU A 78 0.61 -5.66 -0.74
CA LEU A 78 -0.18 -6.29 -1.85
C LEU A 78 -1.59 -6.68 -1.32
N VAL A 79 -1.70 -7.01 -0.06
CA VAL A 79 -3.05 -7.36 0.52
C VAL A 79 -3.92 -6.10 0.56
N MET A 80 -3.33 -4.98 0.90
CA MET A 80 -4.10 -3.70 0.95
C MET A 80 -4.49 -3.27 -0.48
N MET A 81 -3.72 -3.66 -1.47
CA MET A 81 -4.03 -3.29 -2.88
C MET A 81 -5.32 -3.97 -3.34
N VAL A 82 -5.40 -5.28 -3.25
CA VAL A 82 -6.64 -6.00 -3.70
C VAL A 82 -7.86 -5.51 -2.90
N ARG A 83 -7.68 -5.10 -1.67
CA ARG A 83 -8.83 -4.60 -0.85
C ARG A 83 -9.59 -3.50 -1.61
N CYS A 84 -8.88 -2.54 -2.17
CA CYS A 84 -9.56 -1.45 -2.95
C CYS A 84 -9.59 -1.81 -4.45
N MET A 85 -8.98 -2.91 -4.83
CA MET A 85 -8.97 -3.31 -6.28
C MET A 85 -10.27 -4.06 -6.64
N LYS A 86 -11.07 -4.45 -5.66
CA LYS A 86 -12.34 -5.18 -5.94
C LYS A 86 -12.06 -6.54 -6.60
N ASP A 87 -13.08 -7.28 -6.97
CA ASP A 87 -12.85 -8.61 -7.60
C ASP A 87 -13.22 -8.60 -9.10
N ASP A 88 -13.15 -9.73 -9.74
CA ASP A 88 -13.48 -9.79 -11.20
C ASP A 88 -14.93 -10.23 -11.45
N SER A 89 -15.53 -10.94 -10.52
CA SER A 89 -16.95 -11.39 -10.72
C SER A 89 -17.94 -10.22 -10.56
N ARG B 1 -14.35 14.93 4.55
CA ARG B 1 -12.94 14.45 4.62
C ARG B 1 -12.46 14.00 3.24
N ARG B 2 -11.25 14.34 2.87
CA ARG B 2 -10.73 13.94 1.52
C ARG B 2 -9.56 12.95 1.68
N VAL B 3 -9.78 11.85 2.35
CA VAL B 3 -8.67 10.84 2.54
C VAL B 3 -9.09 9.49 1.95
N ARG B 4 -8.57 9.15 0.80
CA ARG B 4 -8.93 7.84 0.16
C ARG B 4 -7.93 7.52 -0.96
N ILE B 5 -7.47 6.30 -1.04
CA ILE B 5 -6.48 5.92 -2.10
C ILE B 5 -6.91 4.62 -2.80
N SER B 6 -6.70 4.55 -4.09
CA SER B 6 -7.06 3.32 -4.85
C SER B 6 -5.79 2.63 -5.36
N ALA B 7 -5.86 1.35 -5.65
CA ALA B 7 -4.64 0.62 -6.14
C ALA B 7 -4.10 1.29 -7.42
N ASP B 8 -4.92 1.43 -8.43
CA ASP B 8 -4.45 2.07 -9.69
C ASP B 8 -4.10 3.56 -9.45
N ALA B 9 -4.90 4.25 -8.68
CA ALA B 9 -4.62 5.70 -8.40
C ALA B 9 -3.25 5.85 -7.71
N MET B 10 -3.01 5.14 -6.64
CA MET B 10 -1.70 5.25 -5.94
C MET B 10 -0.56 4.79 -6.86
N MET B 11 -0.77 3.72 -7.61
CA MET B 11 0.30 3.23 -8.54
C MET B 11 0.60 4.29 -9.61
N GLN B 12 -0.44 4.90 -10.17
CA GLN B 12 -0.23 5.94 -11.21
C GLN B 12 0.58 7.12 -10.63
N ALA B 13 0.31 7.48 -9.41
CA ALA B 13 1.07 8.61 -8.77
C ALA B 13 2.45 8.11 -8.30
N LEU B 14 2.57 6.83 -8.03
CA LEU B 14 3.90 6.29 -7.56
C LEU B 14 4.92 6.31 -8.70
N LEU B 15 4.57 5.79 -9.85
CA LEU B 15 5.54 5.79 -10.99
C LEU B 15 4.99 6.64 -12.15
N GLY B 16 4.50 7.82 -11.85
CA GLY B 16 3.94 8.71 -12.93
C GLY B 16 4.00 10.17 -12.48
N ALA B 17 3.39 10.48 -11.36
CA ALA B 17 3.40 11.89 -10.86
C ALA B 17 4.83 12.30 -10.46
N ARG B 18 5.54 12.97 -11.32
CA ARG B 18 6.94 13.41 -11.00
C ARG B 18 7.78 12.23 -10.49
N ALA B 19 7.70 11.10 -11.15
CA ALA B 19 8.49 9.91 -10.70
C ALA B 19 9.14 9.22 -11.90
N LYS B 20 8.38 8.95 -12.93
CA LYS B 20 8.95 8.28 -14.14
C LYS B 20 8.64 9.11 -15.40
CA CA C . 3.96 -6.07 9.53
OAA SXK D . -11.05 1.70 2.99
OAB SXK D . -9.29 0.51 2.33
CAE SXK D . -0.84 2.51 -0.35
CAF SXK D . -6.05 4.27 2.13
CAG SXK D . -6.29 1.93 1.35
CAH SXK D . -4.66 4.20 1.89
CAI SXK D . -4.90 1.86 1.12
CAJ SXK D . -2.24 2.59 -0.14
CAK SXK D . -0.39 3.13 1.97
CAL SXK D . -8.87 2.67 3.24
OAM SXK D . -8.20 3.31 2.14
CAN SXK D . -9.82 1.53 2.81
CAO SXK D . 0.06 2.78 0.68
CAP SXK D . -6.87 3.13 1.86
CAQ SXK D . -1.79 3.21 2.20
CAR SXK D . -4.08 3.00 1.39
CAS SXK D . -2.70 2.94 1.15
FCC SXK D . 1.40 2.69 0.45
FDD SXK D . -2.20 3.54 3.46
HAE SXK D . -0.45 2.24 -1.35
HAF SXK D . -6.51 5.17 2.52
HAG SXK D . -6.91 1.05 1.15
HAH SXK D . -4.03 5.07 2.09
HAI SXK D . -4.46 0.94 0.73
HAJ SXK D . -2.93 2.39 -0.94
HAK SXK D . 0.32 3.32 2.77
HAL SXK D . -8.11 2.23 3.91
HALA SXK D . -9.49 3.41 3.74
N MET A 1 -10.68 -21.20 6.36
CA MET A 1 -10.13 -20.07 5.54
C MET A 1 -9.64 -18.94 6.47
N ASP A 2 -8.82 -18.06 5.96
CA ASP A 2 -8.31 -16.94 6.82
C ASP A 2 -8.95 -15.60 6.40
N ASP A 3 -8.49 -15.01 5.32
CA ASP A 3 -9.09 -13.72 4.87
C ASP A 3 -9.39 -13.77 3.36
N ILE A 4 -10.49 -13.18 2.95
CA ILE A 4 -10.87 -13.20 1.50
C ILE A 4 -9.87 -12.37 0.68
N TYR A 5 -9.40 -11.26 1.20
CA TYR A 5 -8.41 -10.44 0.45
C TYR A 5 -7.05 -11.16 0.41
N LYS A 6 -6.83 -12.07 1.33
CA LYS A 6 -5.54 -12.84 1.34
C LYS A 6 -5.50 -13.79 0.14
N ALA A 7 -6.54 -14.56 -0.07
CA ALA A 7 -6.58 -15.51 -1.22
C ALA A 7 -6.22 -14.77 -2.53
N ALA A 8 -6.68 -13.56 -2.69
CA ALA A 8 -6.36 -12.77 -3.92
C ALA A 8 -4.84 -12.62 -4.04
N VAL A 9 -4.15 -12.35 -2.95
CA VAL A 9 -2.66 -12.21 -2.99
C VAL A 9 -2.03 -13.56 -3.32
N GLU A 10 -2.52 -14.62 -2.71
CA GLU A 10 -1.97 -15.99 -3.00
C GLU A 10 -2.09 -16.30 -4.50
N GLN A 11 -3.18 -15.92 -5.11
CA GLN A 11 -3.36 -16.18 -6.57
C GLN A 11 -3.28 -14.86 -7.34
N LEU A 12 -2.27 -14.06 -7.08
CA LEU A 12 -2.12 -12.76 -7.80
C LEU A 12 -1.44 -12.97 -9.17
N THR A 13 -1.63 -12.04 -10.07
CA THR A 13 -0.99 -12.17 -11.42
C THR A 13 0.48 -11.75 -11.37
N GLU A 14 1.28 -12.29 -12.26
CA GLU A 14 2.73 -11.92 -12.27
C GLU A 14 2.89 -10.41 -12.45
N GLU A 15 2.18 -9.83 -13.40
CA GLU A 15 2.27 -8.35 -13.62
C GLU A 15 1.89 -7.61 -12.34
N GLN A 16 0.82 -8.01 -11.69
CA GLN A 16 0.40 -7.35 -10.42
C GLN A 16 1.47 -7.54 -9.35
N LYS A 17 1.91 -8.74 -9.19
CA LYS A 17 2.97 -9.04 -8.17
C LYS A 17 4.25 -8.26 -8.48
N ASN A 18 4.71 -8.32 -9.71
CA ASN A 18 5.94 -7.57 -10.09
C ASN A 18 5.74 -6.06 -9.90
N GLU A 19 4.57 -5.56 -10.25
CA GLU A 19 4.29 -4.10 -10.09
C GLU A 19 4.33 -3.73 -8.60
N PHE A 20 3.64 -4.47 -7.77
CA PHE A 20 3.64 -4.16 -6.30
C PHE A 20 5.04 -4.39 -5.71
N LYS A 21 5.75 -5.38 -6.21
CA LYS A 21 7.13 -5.66 -5.69
C LYS A 21 8.01 -4.43 -5.87
N ALA A 22 8.10 -3.92 -7.08
CA ALA A 22 8.95 -2.71 -7.33
C ALA A 22 8.38 -1.48 -6.61
N ALA A 23 7.08 -1.31 -6.63
CA ALA A 23 6.45 -0.13 -5.93
C ALA A 23 6.74 -0.21 -4.43
N PHE A 24 6.65 -1.39 -3.86
CA PHE A 24 6.92 -1.55 -2.39
C PHE A 24 8.37 -1.12 -2.08
N ASP A 25 9.31 -1.56 -2.87
CA ASP A 25 10.74 -1.18 -2.63
C ASP A 25 10.91 0.35 -2.70
N ILE A 26 10.21 0.99 -3.61
CA ILE A 26 10.32 2.49 -3.72
C ILE A 26 9.57 3.15 -2.56
N PHE A 27 8.56 2.49 -2.03
CA PHE A 27 7.77 3.08 -0.90
C PHE A 27 8.59 3.10 0.40
N VAL A 28 9.38 2.08 0.64
CA VAL A 28 10.19 2.04 1.90
C VAL A 28 11.46 2.91 1.79
N LEU A 29 11.59 3.71 0.75
CA LEU A 29 12.80 4.57 0.61
C LEU A 29 12.75 5.70 1.66
N GLY A 30 13.42 5.49 2.77
CA GLY A 30 13.42 6.51 3.85
C GLY A 30 13.40 5.79 5.21
N ALA A 31 12.90 4.59 5.26
CA ALA A 31 12.87 3.82 6.55
C ALA A 31 14.05 2.84 6.61
N GLU A 32 13.90 1.69 6.02
CA GLU A 32 15.01 0.67 6.03
C GLU A 32 14.85 -0.31 4.86
N ASP A 33 14.23 0.11 3.78
CA ASP A 33 14.03 -0.78 2.59
C ASP A 33 13.39 -2.11 3.00
N GLY A 34 12.27 -2.08 3.68
CA GLY A 34 11.61 -3.36 4.11
C GLY A 34 10.18 -3.12 4.60
N CYS A 35 9.92 -2.05 5.31
CA CYS A 35 8.54 -1.79 5.82
C CYS A 35 8.12 -0.33 5.61
N ILE A 36 6.82 -0.08 5.56
CA ILE A 36 6.34 1.32 5.37
C ILE A 36 5.60 1.79 6.64
N SER A 37 5.98 2.91 7.18
CA SER A 37 5.31 3.44 8.42
C SER A 37 4.35 4.58 8.06
N THR A 38 3.87 5.29 9.06
CA THR A 38 2.93 6.43 8.79
C THR A 38 3.65 7.54 8.01
N LYS A 39 4.84 7.91 8.43
CA LYS A 39 5.60 8.98 7.71
C LYS A 39 5.98 8.50 6.29
N GLU A 40 6.33 7.24 6.16
CA GLU A 40 6.69 6.70 4.82
C GLU A 40 5.48 6.73 3.88
N LEU A 41 4.29 6.59 4.42
CA LEU A 41 3.06 6.62 3.58
C LEU A 41 2.59 8.07 3.37
N GLY A 42 2.55 8.86 4.41
CA GLY A 42 2.08 10.28 4.28
C GLY A 42 2.82 11.01 3.15
N LYS A 43 4.10 10.77 3.01
CA LYS A 43 4.88 11.46 1.92
C LYS A 43 4.28 11.15 0.53
N VAL A 44 3.71 9.98 0.36
CA VAL A 44 3.08 9.63 -0.96
C VAL A 44 1.64 10.14 -0.99
N MET A 45 0.97 10.16 0.13
CA MET A 45 -0.45 10.66 0.18
C MET A 45 -0.54 12.09 -0.37
N ARG A 46 0.30 12.98 0.13
CA ARG A 46 0.28 14.39 -0.37
C ARG A 46 0.81 14.44 -1.81
N MET A 47 1.85 13.70 -2.10
CA MET A 47 2.41 13.68 -3.49
C MET A 47 1.36 13.14 -4.47
N LEU A 48 0.58 12.17 -4.07
CA LEU A 48 -0.47 11.61 -4.96
C LEU A 48 -1.66 12.57 -5.05
N GLY A 49 -2.13 13.07 -3.94
CA GLY A 49 -3.30 14.01 -3.96
C GLY A 49 -3.37 14.80 -2.65
N GLN A 50 -3.95 14.22 -1.63
CA GLN A 50 -4.08 14.94 -0.32
C GLN A 50 -3.53 14.09 0.83
N ASN A 51 -2.89 14.71 1.78
CA ASN A 51 -2.34 13.97 2.95
C ASN A 51 -3.05 14.43 4.24
N PRO A 52 -3.84 13.56 4.80
CA PRO A 52 -4.59 13.89 6.04
C PRO A 52 -3.64 13.97 7.25
N THR A 53 -3.46 12.90 7.99
CA THR A 53 -2.56 12.94 9.17
C THR A 53 -1.81 11.60 9.34
N PRO A 54 -0.73 11.65 10.08
CA PRO A 54 0.10 10.43 10.32
C PRO A 54 -0.65 9.43 11.23
N GLU A 55 -1.36 9.92 12.22
CA GLU A 55 -2.10 9.00 13.14
C GLU A 55 -3.15 8.18 12.36
N GLU A 56 -3.80 8.77 11.40
CA GLU A 56 -4.82 8.03 10.60
C GLU A 56 -4.17 6.86 9.84
N LEU A 57 -2.98 7.04 9.33
CA LEU A 57 -2.31 5.94 8.59
C LEU A 57 -1.93 4.80 9.55
N GLN A 58 -1.62 5.11 10.78
CA GLN A 58 -1.25 4.04 11.76
C GLN A 58 -2.40 3.02 11.82
N GLU A 59 -3.61 3.48 12.04
CA GLU A 59 -4.78 2.55 12.06
C GLU A 59 -4.98 1.97 10.65
N MET A 60 -4.74 2.77 9.63
CA MET A 60 -4.89 2.26 8.22
C MET A 60 -4.00 1.02 8.02
N ILE A 61 -2.81 1.03 8.56
CA ILE A 61 -1.91 -0.16 8.42
C ILE A 61 -2.45 -1.31 9.27
N ASP A 62 -2.75 -1.04 10.52
CA ASP A 62 -3.29 -2.11 11.43
C ASP A 62 -4.60 -2.69 10.87
N GLU A 63 -5.34 -1.91 10.09
CA GLU A 63 -6.62 -2.43 9.51
C GLU A 63 -6.38 -3.78 8.81
N VAL A 64 -5.26 -3.91 8.13
CA VAL A 64 -4.94 -5.20 7.45
C VAL A 64 -3.55 -5.72 7.90
N ASP A 65 -3.11 -5.35 9.08
CA ASP A 65 -1.77 -5.83 9.58
C ASP A 65 -1.92 -7.19 10.27
N GLU A 66 -1.30 -8.21 9.73
CA GLU A 66 -1.38 -9.56 10.36
C GLU A 66 -0.39 -9.67 11.53
N ASP A 67 0.61 -8.83 11.58
CA ASP A 67 1.60 -8.89 12.70
C ASP A 67 1.08 -8.19 13.96
N GLY A 68 0.05 -7.40 13.84
CA GLY A 68 -0.46 -6.67 15.04
C GLY A 68 0.60 -5.66 15.50
N SER A 69 1.55 -5.36 14.64
CA SER A 69 2.63 -4.39 14.99
C SER A 69 2.25 -2.98 14.51
N GLY A 70 1.56 -2.90 13.39
CA GLY A 70 1.16 -1.55 12.87
C GLY A 70 2.18 -1.06 11.84
N THR A 71 2.82 -1.96 11.14
CA THR A 71 3.83 -1.56 10.10
C THR A 71 3.49 -2.28 8.79
N VAL A 72 3.51 -1.59 7.67
CA VAL A 72 3.15 -2.24 6.38
C VAL A 72 4.30 -3.14 5.87
N ASP A 73 4.07 -4.42 5.84
CA ASP A 73 5.12 -5.37 5.34
C ASP A 73 4.84 -5.70 3.86
N PHE A 74 5.60 -6.60 3.27
CA PHE A 74 5.35 -6.94 1.84
C PHE A 74 4.06 -7.76 1.72
N ASP A 75 3.85 -8.67 2.63
CA ASP A 75 2.61 -9.50 2.61
C ASP A 75 1.37 -8.63 2.90
N GLU A 76 1.51 -7.66 3.76
CA GLU A 76 0.37 -6.76 4.08
C GLU A 76 0.12 -5.79 2.90
N PHE A 77 1.18 -5.28 2.31
CA PHE A 77 1.02 -4.34 1.16
C PHE A 77 0.24 -5.00 0.03
N LEU A 78 0.62 -6.19 -0.38
CA LEU A 78 -0.11 -6.90 -1.48
C LEU A 78 -1.61 -6.98 -1.16
N VAL A 79 -1.94 -7.37 0.04
CA VAL A 79 -3.39 -7.46 0.44
C VAL A 79 -4.01 -6.06 0.45
N MET A 80 -3.28 -5.07 0.90
CA MET A 80 -3.81 -3.68 0.93
C MET A 80 -4.07 -3.15 -0.48
N MET A 81 -3.18 -3.41 -1.42
CA MET A 81 -3.37 -2.91 -2.81
C MET A 81 -4.58 -3.58 -3.48
N VAL A 82 -4.67 -4.89 -3.43
CA VAL A 82 -5.84 -5.58 -4.08
C VAL A 82 -7.17 -5.20 -3.39
N ARG A 83 -7.16 -5.00 -2.10
CA ARG A 83 -8.44 -4.62 -1.41
C ARG A 83 -8.73 -3.12 -1.59
N CYS A 84 -7.73 -2.33 -1.91
CA CYS A 84 -7.96 -0.86 -2.13
C CYS A 84 -8.57 -0.60 -3.51
N MET A 85 -8.33 -1.48 -4.46
CA MET A 85 -8.89 -1.28 -5.84
C MET A 85 -10.42 -1.10 -5.79
N LYS A 86 -11.13 -2.03 -5.18
CA LYS A 86 -12.62 -1.90 -5.12
C LYS A 86 -13.15 -2.47 -3.79
N ASP A 87 -13.23 -1.65 -2.77
CA ASP A 87 -13.75 -2.13 -1.45
C ASP A 87 -15.20 -1.66 -1.27
N ASP A 88 -15.44 -0.38 -1.30
CA ASP A 88 -16.83 0.14 -1.13
C ASP A 88 -17.65 -0.15 -2.41
N SER A 89 -18.77 -0.82 -2.28
CA SER A 89 -19.60 -1.13 -3.48
C SER A 89 -21.09 -1.06 -3.12
N ARG B 1 -16.15 12.99 1.14
CA ARG B 1 -15.86 12.16 2.36
C ARG B 1 -14.70 11.20 2.09
N ARG B 2 -13.94 10.87 3.10
CA ARG B 2 -12.77 9.94 2.94
C ARG B 2 -11.72 10.54 1.99
N VAL B 3 -10.56 9.92 1.91
CA VAL B 3 -9.50 10.45 1.01
C VAL B 3 -9.42 9.60 -0.28
N ARG B 4 -8.97 10.18 -1.35
CA ARG B 4 -8.88 9.42 -2.63
C ARG B 4 -7.43 8.97 -2.90
N ILE B 5 -7.18 7.69 -2.75
CA ILE B 5 -5.80 7.17 -3.00
C ILE B 5 -5.76 6.37 -4.31
N SER B 6 -6.57 5.32 -4.38
CA SER B 6 -6.62 4.47 -5.62
C SER B 6 -5.27 3.77 -5.88
N ALA B 7 -5.23 2.47 -5.74
CA ALA B 7 -3.97 1.72 -5.99
C ALA B 7 -3.44 2.00 -7.41
N ASP B 8 -4.32 2.03 -8.38
CA ASP B 8 -3.89 2.29 -9.79
C ASP B 8 -3.26 3.69 -9.89
N ALA B 9 -3.80 4.67 -9.19
CA ALA B 9 -3.22 6.05 -9.24
C ALA B 9 -1.82 6.04 -8.60
N MET B 10 -1.70 5.46 -7.43
CA MET B 10 -0.37 5.41 -6.75
C MET B 10 0.61 4.57 -7.57
N MET B 11 0.13 3.51 -8.18
CA MET B 11 1.03 2.64 -9.03
C MET B 11 1.67 3.47 -10.15
N GLN B 12 0.88 4.25 -10.86
CA GLN B 12 1.44 5.09 -11.96
C GLN B 12 2.24 6.26 -11.38
N ALA B 13 1.83 6.78 -10.24
CA ALA B 13 2.57 7.92 -9.62
C ALA B 13 4.00 7.50 -9.26
N LEU B 14 4.18 6.32 -8.71
CA LEU B 14 5.55 5.87 -8.33
C LEU B 14 6.23 5.19 -9.53
N LEU B 15 5.58 4.20 -10.11
CA LEU B 15 6.19 3.50 -11.30
C LEU B 15 5.77 4.21 -12.59
N GLY B 16 6.22 5.42 -12.80
CA GLY B 16 5.85 6.17 -14.04
C GLY B 16 6.83 7.33 -14.25
N ALA B 17 6.86 8.27 -13.36
CA ALA B 17 7.78 9.43 -13.51
C ALA B 17 9.24 8.98 -13.36
N ARG B 18 9.95 8.88 -14.46
CA ARG B 18 11.40 8.44 -14.45
C ARG B 18 11.55 6.96 -14.07
N ALA B 19 10.99 6.54 -12.96
CA ALA B 19 11.12 5.11 -12.55
C ALA B 19 9.83 4.36 -12.87
N LYS B 20 9.89 3.40 -13.76
CA LYS B 20 8.67 2.64 -14.14
C LYS B 20 9.02 1.21 -14.60
CA CA C . 3.02 -5.79 10.21
OAA SXK D . -11.12 1.45 2.45
OAB SXK D . -11.73 3.01 3.92
CAE SXK D . -1.43 2.53 -0.44
CAF SXK D . -6.76 4.21 1.71
CAG SXK D . -6.87 1.77 1.42
CAH SXK D . -5.36 4.17 1.49
CAI SXK D . -5.47 1.72 1.21
CAJ SXK D . -2.83 2.56 -0.24
CAK SXK D . -1.05 3.16 1.89
CAL SXK D . -9.46 3.02 3.21
OAM SXK D . -8.85 3.17 1.90
CAN SXK D . -10.88 2.44 3.19
CAO SXK D . -0.56 2.83 0.63
CAP SXK D . -7.51 3.00 1.67
CAQ SXK D . -2.44 3.19 2.10
CAR SXK D . -4.72 2.92 1.24
CAS SXK D . -3.34 2.89 1.04
FCC SXK D . 0.78 2.79 0.41
FDD SXK D . -2.90 3.52 3.36
HAE SXK D . -1.03 2.28 -1.41
HAF SXK D . -7.26 5.16 1.90
HAG SXK D . -7.44 0.83 1.39
HAH SXK D . -4.79 5.09 1.53
HAI SXK D . -4.99 0.77 1.00
HAJ SXK D . -3.51 2.33 -1.06
HAK SXK D . -0.36 3.39 2.71
HAL SXK D . -8.83 2.35 3.81
HALA SXK D . -9.54 4.01 3.65
N MET A 1 -8.41 -8.94 9.78
CA MET A 1 -9.88 -8.80 9.60
C MET A 1 -10.20 -8.47 8.13
N ASP A 2 -10.42 -9.47 7.32
CA ASP A 2 -10.73 -9.24 5.87
C ASP A 2 -11.17 -10.55 5.20
N ASP A 3 -10.44 -11.62 5.43
CA ASP A 3 -10.79 -12.96 4.85
C ASP A 3 -10.92 -12.92 3.31
N ILE A 4 -12.05 -12.52 2.80
CA ILE A 4 -12.26 -12.47 1.30
C ILE A 4 -11.13 -11.71 0.60
N TYR A 5 -10.62 -10.66 1.19
CA TYR A 5 -9.52 -9.88 0.51
C TYR A 5 -8.28 -10.76 0.27
N LYS A 6 -8.01 -11.71 1.15
CA LYS A 6 -6.83 -12.60 0.92
C LYS A 6 -7.01 -13.40 -0.38
N ALA A 7 -8.21 -13.84 -0.66
CA ALA A 7 -8.47 -14.60 -1.91
C ALA A 7 -8.12 -13.75 -3.14
N ALA A 8 -8.41 -12.47 -3.09
CA ALA A 8 -8.08 -11.58 -4.24
C ALA A 8 -6.57 -11.58 -4.50
N VAL A 9 -5.78 -11.69 -3.46
CA VAL A 9 -4.28 -11.71 -3.64
C VAL A 9 -3.87 -12.98 -4.40
N GLU A 10 -4.55 -14.08 -4.18
CA GLU A 10 -4.22 -15.35 -4.90
C GLU A 10 -4.43 -15.16 -6.42
N GLN A 11 -5.39 -14.33 -6.80
CA GLN A 11 -5.65 -14.09 -8.25
C GLN A 11 -4.46 -13.34 -8.88
N LEU A 12 -3.75 -12.55 -8.11
CA LEU A 12 -2.58 -11.81 -8.67
C LEU A 12 -1.39 -12.76 -8.82
N THR A 13 -1.18 -13.26 -10.02
CA THR A 13 -0.03 -14.21 -10.25
C THR A 13 1.29 -13.45 -10.33
N GLU A 14 2.36 -14.15 -10.61
CA GLU A 14 3.70 -13.49 -10.69
C GLU A 14 3.67 -12.25 -11.60
N GLU A 15 2.91 -12.30 -12.66
CA GLU A 15 2.82 -11.12 -13.58
C GLU A 15 2.28 -9.90 -12.82
N GLN A 16 1.22 -10.08 -12.07
CA GLN A 16 0.63 -8.95 -11.29
C GLN A 16 1.50 -8.67 -10.06
N LYS A 17 2.04 -9.69 -9.48
CA LYS A 17 2.92 -9.52 -8.28
C LYS A 17 4.16 -8.71 -8.66
N ASN A 18 4.73 -8.97 -9.81
CA ASN A 18 5.95 -8.20 -10.26
C ASN A 18 5.60 -6.71 -10.42
N GLU A 19 4.44 -6.41 -10.97
CA GLU A 19 4.05 -4.98 -11.15
C GLU A 19 3.98 -4.27 -9.78
N PHE A 20 3.41 -4.92 -8.79
CA PHE A 20 3.33 -4.29 -7.43
C PHE A 20 4.69 -4.38 -6.72
N LYS A 21 5.40 -5.47 -6.93
CA LYS A 21 6.74 -5.63 -6.29
C LYS A 21 7.68 -4.48 -6.69
N ALA A 22 7.74 -4.19 -7.97
CA ALA A 22 8.62 -3.07 -8.45
C ALA A 22 8.18 -1.75 -7.80
N ALA A 23 6.90 -1.49 -7.75
CA ALA A 23 6.41 -0.23 -7.09
C ALA A 23 6.72 -0.30 -5.58
N PHE A 24 6.62 -1.47 -5.01
CA PHE A 24 6.91 -1.64 -3.56
C PHE A 24 8.38 -1.30 -3.26
N ASP A 25 9.27 -1.57 -4.18
CA ASP A 25 10.72 -1.25 -3.97
C ASP A 25 10.90 0.26 -3.72
N ILE A 26 10.38 1.09 -4.59
CA ILE A 26 10.52 2.56 -4.40
C ILE A 26 9.79 2.98 -3.12
N PHE A 27 8.66 2.38 -2.84
CA PHE A 27 7.89 2.72 -1.60
C PHE A 27 8.72 2.43 -0.34
N VAL A 28 9.53 1.40 -0.37
CA VAL A 28 10.36 1.05 0.83
C VAL A 28 11.83 1.51 0.65
N LEU A 29 12.19 2.00 -0.51
CA LEU A 29 13.60 2.45 -0.75
C LEU A 29 14.04 3.44 0.34
N GLY A 30 13.32 4.53 0.49
CA GLY A 30 13.69 5.53 1.54
C GLY A 30 12.70 5.40 2.71
N ALA A 31 12.52 4.21 3.22
CA ALA A 31 11.56 4.02 4.35
C ALA A 31 12.28 3.98 5.70
N GLU A 32 13.37 4.72 5.84
CA GLU A 32 14.13 4.77 7.14
C GLU A 32 14.52 3.35 7.60
N ASP A 33 13.65 2.67 8.31
CA ASP A 33 13.99 1.28 8.78
C ASP A 33 14.02 0.30 7.60
N GLY A 34 13.21 0.51 6.59
CA GLY A 34 13.22 -0.40 5.41
C GLY A 34 11.79 -0.75 4.98
N CYS A 35 10.92 -1.04 5.92
CA CYS A 35 9.51 -1.38 5.54
C CYS A 35 8.66 -0.11 5.41
N ILE A 36 7.55 -0.20 4.71
CA ILE A 36 6.67 1.01 4.54
C ILE A 36 6.01 1.37 5.88
N SER A 37 6.38 2.50 6.44
CA SER A 37 5.78 2.94 7.73
C SER A 37 4.71 4.01 7.47
N THR A 38 4.16 4.59 8.51
CA THR A 38 3.09 5.64 8.33
C THR A 38 3.62 6.84 7.54
N LYS A 39 4.72 7.41 7.97
CA LYS A 39 5.28 8.61 7.26
C LYS A 39 5.62 8.28 5.79
N GLU A 40 6.15 7.11 5.51
CA GLU A 40 6.48 6.76 4.09
C GLU A 40 5.20 6.72 3.24
N LEU A 41 4.17 6.08 3.74
CA LEU A 41 2.88 6.00 2.97
C LEU A 41 2.37 7.42 2.69
N GLY A 42 2.09 8.16 3.74
CA GLY A 42 1.58 9.57 3.60
C GLY A 42 2.44 10.37 2.60
N LYS A 43 3.72 10.11 2.55
CA LYS A 43 4.61 10.87 1.58
C LYS A 43 4.08 10.72 0.15
N VAL A 44 3.67 9.54 -0.23
CA VAL A 44 3.14 9.33 -1.61
C VAL A 44 1.71 9.88 -1.68
N MET A 45 0.97 9.78 -0.60
CA MET A 45 -0.44 10.30 -0.58
C MET A 45 -0.43 11.80 -0.92
N ARG A 46 0.31 12.59 -0.18
CA ARG A 46 0.37 14.07 -0.48
C ARG A 46 0.93 14.31 -1.89
N MET A 47 1.85 13.49 -2.34
CA MET A 47 2.39 13.66 -3.72
C MET A 47 1.26 13.50 -4.75
N LEU A 48 0.30 12.66 -4.45
CA LEU A 48 -0.86 12.46 -5.37
C LEU A 48 -1.94 13.53 -5.11
N GLY A 49 -2.22 13.83 -3.87
CA GLY A 49 -3.26 14.88 -3.57
C GLY A 49 -3.60 14.89 -2.08
N GLN A 50 -4.20 13.83 -1.57
CA GLN A 50 -4.59 13.80 -0.12
C GLN A 50 -3.36 13.97 0.79
N ASN A 51 -3.48 14.76 1.81
CA ASN A 51 -2.32 14.98 2.74
C ASN A 51 -2.67 14.52 4.17
N PRO A 52 -2.64 13.23 4.37
CA PRO A 52 -2.95 12.65 5.70
C PRO A 52 -1.73 12.72 6.62
N THR A 53 -1.94 12.55 7.91
CA THR A 53 -0.79 12.59 8.87
C THR A 53 -0.29 11.17 9.15
N PRO A 54 0.90 11.07 9.66
CA PRO A 54 1.49 9.74 10.00
C PRO A 54 0.69 9.08 11.13
N GLU A 55 0.16 9.86 12.04
CA GLU A 55 -0.66 9.28 13.15
C GLU A 55 -1.94 8.68 12.58
N GLU A 56 -2.53 9.32 11.59
CA GLU A 56 -3.78 8.80 10.98
C GLU A 56 -3.45 7.59 10.08
N LEU A 57 -2.37 7.66 9.33
CA LEU A 57 -2.00 6.50 8.44
C LEU A 57 -1.72 5.24 9.28
N GLN A 58 -1.43 5.37 10.56
CA GLN A 58 -1.18 4.16 11.40
C GLN A 58 -2.43 3.26 11.38
N GLU A 59 -3.60 3.86 11.39
CA GLU A 59 -4.86 3.04 11.34
C GLU A 59 -5.04 2.50 9.91
N MET A 60 -4.64 3.27 8.92
CA MET A 60 -4.76 2.80 7.50
C MET A 60 -3.94 1.52 7.32
N ILE A 61 -2.76 1.47 7.88
CA ILE A 61 -1.92 0.23 7.75
C ILE A 61 -2.43 -0.86 8.71
N ASP A 62 -2.78 -0.50 9.92
CA ASP A 62 -3.30 -1.50 10.90
C ASP A 62 -4.56 -2.21 10.36
N GLU A 63 -5.35 -1.51 9.56
CA GLU A 63 -6.59 -2.12 8.99
C GLU A 63 -6.27 -3.44 8.27
N VAL A 64 -5.14 -3.53 7.63
CA VAL A 64 -4.78 -4.79 6.91
C VAL A 64 -3.49 -5.43 7.49
N ASP A 65 -3.10 -5.04 8.69
CA ASP A 65 -1.87 -5.64 9.29
C ASP A 65 -2.25 -6.85 10.17
N GLU A 66 -2.54 -6.64 11.44
CA GLU A 66 -2.93 -7.77 12.35
C GLU A 66 -1.95 -8.94 12.22
N ASP A 67 -0.66 -8.68 12.08
CA ASP A 67 0.33 -9.79 11.95
C ASP A 67 1.30 -9.83 13.15
N GLY A 68 1.63 -8.69 13.73
CA GLY A 68 2.56 -8.68 14.90
C GLY A 68 3.53 -7.50 14.82
N SER A 69 3.88 -7.08 13.62
CA SER A 69 4.85 -5.94 13.49
C SER A 69 4.12 -4.59 13.36
N GLY A 70 2.92 -4.55 12.80
CA GLY A 70 2.21 -3.25 12.65
C GLY A 70 2.59 -2.59 11.31
N THR A 71 3.86 -2.63 10.96
CA THR A 71 4.31 -2.00 9.66
C THR A 71 3.82 -2.84 8.46
N VAL A 72 3.63 -2.23 7.32
CA VAL A 72 3.15 -2.99 6.12
C VAL A 72 4.29 -3.81 5.50
N ASP A 73 4.00 -5.03 5.11
CA ASP A 73 5.05 -5.90 4.46
C ASP A 73 4.82 -5.97 2.95
N PHE A 74 5.39 -6.94 2.26
CA PHE A 74 5.18 -7.05 0.78
C PHE A 74 3.81 -7.67 0.48
N ASP A 75 3.61 -8.91 0.85
CA ASP A 75 2.28 -9.56 0.59
C ASP A 75 1.18 -8.79 1.33
N GLU A 76 1.49 -8.19 2.46
CA GLU A 76 0.47 -7.37 3.20
C GLU A 76 0.09 -6.16 2.34
N PHE A 77 1.05 -5.60 1.65
CA PHE A 77 0.77 -4.43 0.75
C PHE A 77 -0.06 -4.90 -0.44
N LEU A 78 0.23 -6.08 -0.95
CA LEU A 78 -0.55 -6.62 -2.11
C LEU A 78 -2.04 -6.72 -1.75
N VAL A 79 -2.35 -7.23 -0.58
CA VAL A 79 -3.79 -7.33 -0.16
C VAL A 79 -4.35 -5.93 0.17
N MET A 80 -3.49 -4.97 0.42
CA MET A 80 -3.97 -3.59 0.73
C MET A 80 -4.41 -2.89 -0.56
N MET A 81 -3.69 -3.10 -1.64
CA MET A 81 -4.05 -2.46 -2.95
C MET A 81 -5.45 -2.92 -3.39
N VAL A 82 -5.72 -4.20 -3.30
CA VAL A 82 -7.06 -4.71 -3.71
C VAL A 82 -8.13 -4.24 -2.70
N ARG A 83 -7.76 -4.08 -1.44
CA ARG A 83 -8.75 -3.59 -0.43
C ARG A 83 -9.17 -2.16 -0.77
N CYS A 84 -8.24 -1.33 -1.11
CA CYS A 84 -8.58 0.09 -1.48
C CYS A 84 -9.25 0.11 -2.86
N MET A 85 -8.79 -0.73 -3.77
CA MET A 85 -9.41 -0.77 -5.14
C MET A 85 -10.82 -1.38 -5.07
N LYS A 86 -11.08 -2.20 -4.08
CA LYS A 86 -12.43 -2.84 -3.93
C LYS A 86 -12.65 -3.91 -5.02
N ASP A 87 -12.76 -5.15 -4.63
CA ASP A 87 -12.98 -6.24 -5.62
C ASP A 87 -14.42 -6.79 -5.51
N ASP A 88 -14.68 -7.94 -6.06
CA ASP A 88 -16.05 -8.53 -5.99
C ASP A 88 -16.47 -8.75 -4.54
N SER A 89 -15.57 -9.25 -3.72
CA SER A 89 -15.87 -9.49 -2.27
C SER A 89 -17.03 -10.50 -2.12
N ARG B 1 -15.14 7.23 6.69
CA ARG B 1 -13.74 7.04 6.23
C ARG B 1 -12.97 8.37 6.28
N ARG B 2 -11.72 8.37 5.85
CA ARG B 2 -10.92 9.64 5.86
C ARG B 2 -10.20 9.83 4.52
N VAL B 3 -9.31 8.94 4.16
CA VAL B 3 -8.58 9.06 2.86
C VAL B 3 -9.10 8.05 1.84
N ARG B 4 -8.93 8.32 0.58
CA ARG B 4 -9.42 7.38 -0.48
C ARG B 4 -8.24 6.77 -1.25
N ILE B 5 -7.67 7.51 -2.19
CA ILE B 5 -6.52 6.99 -3.01
C ILE B 5 -6.96 5.80 -3.87
N SER B 6 -6.25 5.52 -4.94
CA SER B 6 -6.63 4.38 -5.82
C SER B 6 -5.42 3.47 -6.06
N ALA B 7 -5.64 2.18 -6.15
CA ALA B 7 -4.52 1.23 -6.38
C ALA B 7 -3.75 1.58 -7.67
N ASP B 8 -4.46 1.85 -8.74
CA ASP B 8 -3.78 2.21 -10.03
C ASP B 8 -3.08 3.58 -9.90
N ALA B 9 -3.68 4.51 -9.20
CA ALA B 9 -3.04 5.85 -9.02
C ALA B 9 -1.72 5.71 -8.27
N MET B 10 -1.72 4.97 -7.19
CA MET B 10 -0.46 4.76 -6.40
C MET B 10 0.55 3.96 -7.24
N MET B 11 0.08 2.97 -7.96
CA MET B 11 1.00 2.14 -8.80
C MET B 11 1.65 3.01 -9.89
N GLN B 12 0.86 3.73 -10.64
CA GLN B 12 1.45 4.61 -11.71
C GLN B 12 2.33 5.70 -11.08
N ALA B 13 1.89 6.28 -9.98
CA ALA B 13 2.69 7.35 -9.31
C ALA B 13 4.04 6.78 -8.83
N LEU B 14 4.07 5.56 -8.36
CA LEU B 14 5.35 4.96 -7.89
C LEU B 14 6.09 4.24 -9.03
N LEU B 15 5.52 4.19 -10.21
CA LEU B 15 6.20 3.50 -11.35
C LEU B 15 7.22 4.43 -12.02
N GLY B 16 6.81 5.61 -12.43
CA GLY B 16 7.76 6.56 -13.08
C GLY B 16 7.11 7.96 -13.21
N ALA B 17 6.56 8.46 -12.14
CA ALA B 17 5.92 9.81 -12.19
C ALA B 17 6.78 10.83 -11.44
N ARG B 18 7.12 10.54 -10.20
CA ARG B 18 7.96 11.49 -9.41
C ARG B 18 8.86 10.70 -8.43
N ALA B 19 10.07 10.39 -8.82
CA ALA B 19 10.98 9.62 -7.93
C ALA B 19 11.51 10.52 -6.80
N LYS B 20 12.15 9.93 -5.81
CA LYS B 20 12.70 10.70 -4.65
C LYS B 20 11.57 11.22 -3.76
CA CA C . 3.08 -6.45 9.12
OAA SXK D . -12.41 3.64 4.60
OAB SXK D . -11.26 5.04 5.90
CAE SXK D . -2.97 1.97 -0.34
CAF SXK D . -7.63 4.40 2.56
CAG SXK D . -7.88 1.94 2.65
CAH SXK D . -6.31 4.25 2.06
CAI SXK D . -6.57 1.78 2.17
CAJ SXK D . -4.28 2.16 0.13
CAK SXK D . -2.05 3.04 1.66
CAL SXK D . -10.02 3.37 4.73
OAM SXK D . -9.66 3.52 3.33
CAN SXK D . -11.34 4.06 5.11
CAO SXK D . -1.87 2.42 0.42
CAP SXK D . -8.41 3.24 2.86
CAQ SXK D . -3.36 3.24 2.15
CAR SXK D . -5.78 2.94 1.87
CAS SXK D . -4.48 2.79 1.38
FCC SXK D . -0.61 2.22 -0.06
FDD SXK D . -3.51 3.86 3.36
HAE SXK D . -2.79 1.48 -1.30
HAF SXK D . -8.05 5.40 2.71
HAG SXK D . -8.46 1.06 2.89
HAH SXK D . -5.71 5.13 1.83
HAI SXK D . -6.16 0.79 2.02
HAJ SXK D . -5.14 1.81 -0.46
HAK SXK D . -1.19 3.38 2.24
HAL SXK D . -10.13 2.30 4.97
HALA SXK D . -9.25 3.84 5.32
N MET A 1 -6.46 -13.36 10.98
CA MET A 1 -7.38 -14.31 10.26
C MET A 1 -7.50 -13.90 8.79
N ASP A 2 -7.23 -14.81 7.88
CA ASP A 2 -7.32 -14.47 6.44
C ASP A 2 -8.05 -15.58 5.67
N ASP A 3 -8.74 -15.23 4.61
CA ASP A 3 -9.48 -16.23 3.79
C ASP A 3 -9.68 -15.71 2.36
N ILE A 4 -10.42 -14.64 2.21
CA ILE A 4 -10.66 -14.06 0.86
C ILE A 4 -9.42 -13.28 0.37
N TYR A 5 -8.79 -12.53 1.25
CA TYR A 5 -7.59 -11.73 0.85
C TYR A 5 -6.50 -12.67 0.31
N LYS A 6 -6.27 -13.79 0.96
CA LYS A 6 -5.25 -14.76 0.46
C LYS A 6 -5.67 -15.26 -0.94
N ALA A 7 -6.93 -15.54 -1.11
CA ALA A 7 -7.42 -16.01 -2.45
C ALA A 7 -7.22 -14.90 -3.50
N ALA A 8 -7.43 -13.66 -3.12
CA ALA A 8 -7.23 -12.53 -4.09
C ALA A 8 -5.78 -12.54 -4.62
N VAL A 9 -4.84 -12.90 -3.78
CA VAL A 9 -3.41 -12.96 -4.22
C VAL A 9 -3.27 -13.98 -5.36
N GLU A 10 -3.92 -15.11 -5.25
CA GLU A 10 -3.85 -16.15 -6.32
C GLU A 10 -4.58 -15.65 -7.59
N GLN A 11 -5.55 -14.78 -7.42
CA GLN A 11 -6.31 -14.26 -8.61
C GLN A 11 -5.46 -13.27 -9.40
N LEU A 12 -4.65 -12.48 -8.72
CA LEU A 12 -3.80 -11.48 -9.43
C LEU A 12 -2.86 -12.17 -10.43
N THR A 13 -2.73 -11.62 -11.61
CA THR A 13 -1.84 -12.25 -12.63
C THR A 13 -0.39 -11.87 -12.39
N GLU A 14 0.52 -12.47 -13.10
CA GLU A 14 1.97 -12.13 -12.91
C GLU A 14 2.20 -10.63 -13.13
N GLU A 15 1.45 -10.04 -14.03
CA GLU A 15 1.60 -8.57 -14.30
C GLU A 15 1.35 -7.79 -13.01
N GLN A 16 0.22 -7.99 -12.39
CA GLN A 16 -0.09 -7.26 -11.11
C GLN A 16 0.87 -7.71 -10.01
N LYS A 17 1.20 -8.96 -10.00
CA LYS A 17 2.16 -9.48 -8.96
C LYS A 17 3.49 -8.74 -9.09
N ASN A 18 4.02 -8.64 -10.29
CA ASN A 18 5.31 -7.92 -10.49
C ASN A 18 5.07 -6.41 -10.31
N GLU A 19 3.92 -5.92 -10.71
CA GLU A 19 3.59 -4.47 -10.54
C GLU A 19 3.72 -4.06 -9.06
N PHE A 20 3.15 -4.82 -8.18
CA PHE A 20 3.24 -4.49 -6.72
C PHE A 20 4.70 -4.64 -6.24
N LYS A 21 5.41 -5.63 -6.71
CA LYS A 21 6.84 -5.82 -6.29
C LYS A 21 7.64 -4.55 -6.59
N ALA A 22 7.60 -4.08 -7.81
CA ALA A 22 8.36 -2.83 -8.16
C ALA A 22 7.87 -1.66 -7.29
N ALA A 23 6.57 -1.50 -7.17
CA ALA A 23 6.02 -0.39 -6.32
C ALA A 23 6.47 -0.56 -4.87
N PHE A 24 6.53 -1.79 -4.40
CA PHE A 24 6.97 -2.05 -2.99
C PHE A 24 8.43 -1.59 -2.81
N ASP A 25 9.29 -1.92 -3.74
CA ASP A 25 10.72 -1.50 -3.63
C ASP A 25 10.80 0.03 -3.49
N ILE A 26 10.04 0.75 -4.28
CA ILE A 26 10.06 2.24 -4.20
C ILE A 26 9.36 2.70 -2.90
N PHE A 27 8.37 1.96 -2.45
CA PHE A 27 7.65 2.32 -1.19
C PHE A 27 8.60 2.28 0.01
N VAL A 28 9.44 1.27 0.10
CA VAL A 28 10.40 1.19 1.25
C VAL A 28 11.84 1.42 0.78
N LEU A 29 12.13 2.59 0.28
CA LEU A 29 13.54 2.90 -0.15
C LEU A 29 14.34 3.25 1.11
N GLY A 30 14.71 2.25 1.87
CA GLY A 30 15.44 2.50 3.15
C GLY A 30 14.40 2.46 4.27
N ALA A 31 13.37 3.26 4.16
CA ALA A 31 12.27 3.29 5.17
C ALA A 31 12.80 3.48 6.60
N GLU A 32 11.97 3.29 7.58
CA GLU A 32 12.40 3.46 9.00
C GLU A 32 12.58 2.09 9.67
N ASP A 33 11.60 1.23 9.56
CA ASP A 33 11.70 -0.12 10.20
C ASP A 33 11.99 -1.22 9.16
N GLY A 34 12.06 -0.88 7.89
CA GLY A 34 12.32 -1.92 6.84
C GLY A 34 11.05 -2.15 6.02
N CYS A 35 9.89 -1.85 6.58
CA CYS A 35 8.61 -2.04 5.83
C CYS A 35 8.02 -0.67 5.49
N ILE A 36 6.78 -0.62 5.07
CA ILE A 36 6.15 0.69 4.73
C ILE A 36 5.43 1.27 5.95
N SER A 37 6.07 2.18 6.65
CA SER A 37 5.43 2.79 7.86
C SER A 37 4.72 4.11 7.47
N THR A 38 4.36 4.91 8.44
CA THR A 38 3.67 6.21 8.13
C THR A 38 4.54 7.08 7.24
N LYS A 39 5.84 7.10 7.48
CA LYS A 39 6.76 7.94 6.63
C LYS A 39 6.82 7.36 5.20
N GLU A 40 6.96 6.06 5.07
CA GLU A 40 7.03 5.45 3.70
C GLU A 40 5.67 5.62 3.00
N LEU A 41 4.58 5.47 3.71
CA LEU A 41 3.23 5.64 3.11
C LEU A 41 3.01 7.10 2.73
N GLY A 42 3.09 7.99 3.70
CA GLY A 42 2.91 9.45 3.44
C GLY A 42 3.79 9.90 2.26
N LYS A 43 4.95 9.31 2.09
CA LYS A 43 5.84 9.71 0.95
C LYS A 43 5.09 9.59 -0.39
N VAL A 44 4.26 8.58 -0.53
CA VAL A 44 3.48 8.41 -1.80
C VAL A 44 2.14 9.15 -1.69
N MET A 45 1.60 9.25 -0.49
CA MET A 45 0.30 9.95 -0.29
C MET A 45 0.35 11.40 -0.81
N ARG A 46 1.42 12.12 -0.51
CA ARG A 46 1.54 13.54 -0.96
C ARG A 46 1.32 13.69 -2.49
N MET A 47 1.41 12.61 -3.24
CA MET A 47 1.20 12.72 -4.73
C MET A 47 -0.29 12.70 -5.08
N LEU A 48 -1.11 12.03 -4.29
CA LEU A 48 -2.57 11.97 -4.61
C LEU A 48 -3.42 12.00 -3.33
N GLY A 49 -3.10 11.19 -2.35
CA GLY A 49 -3.90 11.16 -1.09
C GLY A 49 -3.26 12.08 -0.05
N GLN A 50 -3.83 13.24 0.14
CA GLN A 50 -3.28 14.21 1.14
C GLN A 50 -2.96 13.52 2.49
N ASN A 51 -1.90 13.95 3.14
CA ASN A 51 -1.51 13.34 4.46
C ASN A 51 -1.25 14.47 5.48
N PRO A 52 -2.28 14.81 6.22
CA PRO A 52 -2.16 15.90 7.24
C PRO A 52 -1.30 15.45 8.43
N THR A 53 -1.43 14.22 8.84
CA THR A 53 -0.61 13.74 10.02
C THR A 53 -0.23 12.26 9.82
N PRO A 54 0.87 11.89 10.42
CA PRO A 54 1.36 10.49 10.34
C PRO A 54 0.41 9.54 11.08
N GLU A 55 -0.19 10.00 12.15
CA GLU A 55 -1.14 9.14 12.92
C GLU A 55 -2.31 8.71 12.04
N GLU A 56 -2.74 9.56 11.13
CA GLU A 56 -3.87 9.20 10.22
C GLU A 56 -3.52 7.91 9.45
N LEU A 57 -2.31 7.82 8.95
CA LEU A 57 -1.90 6.58 8.22
C LEU A 57 -1.60 5.46 9.22
N GLN A 58 -1.12 5.80 10.40
CA GLN A 58 -0.84 4.75 11.42
C GLN A 58 -2.10 3.90 11.65
N GLU A 59 -3.21 4.56 11.87
CA GLU A 59 -4.50 3.81 12.07
C GLU A 59 -4.88 3.10 10.76
N MET A 60 -4.57 3.71 9.63
CA MET A 60 -4.89 3.09 8.31
C MET A 60 -4.17 1.73 8.17
N ILE A 61 -2.90 1.69 8.49
CA ILE A 61 -2.15 0.39 8.40
C ILE A 61 -2.59 -0.55 9.53
N ASP A 62 -2.74 -0.05 10.73
CA ASP A 62 -3.18 -0.92 11.87
C ASP A 62 -4.53 -1.59 11.54
N GLU A 63 -5.37 -0.93 10.77
CA GLU A 63 -6.67 -1.54 10.39
C GLU A 63 -6.43 -2.76 9.50
N VAL A 64 -5.39 -2.72 8.70
CA VAL A 64 -5.07 -3.88 7.80
C VAL A 64 -4.26 -4.93 8.56
N ASP A 65 -3.36 -4.53 9.44
CA ASP A 65 -2.54 -5.53 10.18
C ASP A 65 -2.59 -5.29 11.70
N GLU A 66 -2.53 -6.36 12.45
CA GLU A 66 -2.54 -6.26 13.94
C GLU A 66 -1.55 -7.29 14.49
N ASP A 67 -0.37 -7.34 13.91
CA ASP A 67 0.65 -8.33 14.36
C ASP A 67 1.76 -7.65 15.19
N GLY A 68 1.39 -6.77 16.09
CA GLY A 68 2.41 -6.08 16.95
C GLY A 68 3.43 -5.34 16.07
N SER A 69 2.97 -4.67 15.04
CA SER A 69 3.93 -3.93 14.15
C SER A 69 3.27 -2.65 13.62
N GLY A 70 2.10 -2.74 13.05
CA GLY A 70 1.43 -1.51 12.51
C GLY A 70 2.18 -1.00 11.28
N THR A 71 2.91 -1.85 10.61
CA THR A 71 3.67 -1.43 9.39
C THR A 71 3.27 -2.31 8.20
N VAL A 72 3.10 -1.74 7.04
CA VAL A 72 2.67 -2.53 5.85
C VAL A 72 3.84 -3.36 5.28
N ASP A 73 3.65 -4.65 5.14
CA ASP A 73 4.72 -5.52 4.56
C ASP A 73 4.27 -6.00 3.16
N PHE A 74 4.95 -6.96 2.58
CA PHE A 74 4.55 -7.44 1.21
C PHE A 74 3.17 -8.14 1.27
N ASP A 75 2.96 -9.00 2.23
CA ASP A 75 1.64 -9.72 2.34
C ASP A 75 0.50 -8.70 2.53
N GLU A 76 0.61 -7.85 3.53
CA GLU A 76 -0.46 -6.84 3.77
C GLU A 76 -0.63 -5.93 2.54
N PHE A 77 0.46 -5.55 1.92
CA PHE A 77 0.36 -4.67 0.71
C PHE A 77 -0.42 -5.38 -0.40
N LEU A 78 -0.19 -6.66 -0.59
CA LEU A 78 -0.93 -7.40 -1.66
C LEU A 78 -2.45 -7.36 -1.41
N VAL A 79 -2.89 -7.68 -0.22
CA VAL A 79 -4.36 -7.64 0.07
C VAL A 79 -4.84 -6.17 0.16
N MET A 80 -3.99 -5.28 0.64
CA MET A 80 -4.38 -3.84 0.74
C MET A 80 -4.74 -3.30 -0.64
N MET A 81 -3.90 -3.53 -1.62
CA MET A 81 -4.20 -3.07 -3.00
C MET A 81 -5.47 -3.76 -3.51
N VAL A 82 -5.68 -4.99 -3.12
CA VAL A 82 -6.91 -5.73 -3.57
C VAL A 82 -8.16 -5.07 -2.96
N ARG A 83 -8.08 -4.59 -1.74
CA ARG A 83 -9.26 -3.94 -1.09
C ARG A 83 -9.73 -2.73 -1.93
N CYS A 84 -8.79 -1.98 -2.47
CA CYS A 84 -9.17 -0.79 -3.31
C CYS A 84 -9.27 -1.16 -4.80
N MET A 85 -8.73 -2.30 -5.19
CA MET A 85 -8.78 -2.72 -6.62
C MET A 85 -9.98 -3.66 -6.86
N LYS A 86 -9.99 -4.82 -6.24
CA LYS A 86 -11.12 -5.76 -6.44
C LYS A 86 -11.21 -6.77 -5.28
N ASP A 87 -12.04 -6.50 -4.32
CA ASP A 87 -12.20 -7.44 -3.16
C ASP A 87 -13.44 -8.31 -3.36
N ASP A 88 -13.73 -9.19 -2.44
CA ASP A 88 -14.92 -10.08 -2.58
C ASP A 88 -15.88 -9.89 -1.39
N SER A 89 -17.10 -9.49 -1.65
CA SER A 89 -18.10 -9.28 -0.56
C SER A 89 -17.57 -8.30 0.50
N ARG B 1 -6.02 14.75 -3.96
CA ARG B 1 -6.70 15.90 -3.29
C ARG B 1 -7.16 15.50 -1.88
N ARG B 2 -7.93 14.46 -1.75
CA ARG B 2 -8.42 14.04 -0.40
C ARG B 2 -7.85 12.66 -0.04
N VAL B 3 -8.56 11.87 0.74
CA VAL B 3 -8.02 10.52 1.12
C VAL B 3 -8.55 9.41 0.18
N ARG B 4 -8.78 9.73 -1.08
CA ARG B 4 -9.27 8.68 -2.03
C ARG B 4 -8.08 8.11 -2.83
N ILE B 5 -7.41 7.12 -2.28
CA ILE B 5 -6.24 6.53 -3.00
C ILE B 5 -6.69 5.33 -3.84
N SER B 6 -6.48 5.39 -5.13
CA SER B 6 -6.89 4.25 -6.02
C SER B 6 -5.66 3.39 -6.36
N ALA B 7 -5.86 2.11 -6.58
CA ALA B 7 -4.71 1.22 -6.92
C ALA B 7 -4.01 1.71 -8.20
N ASP B 8 -4.76 2.14 -9.19
CA ASP B 8 -4.13 2.63 -10.46
C ASP B 8 -3.53 4.03 -10.24
N ALA B 9 -4.29 4.94 -9.68
CA ALA B 9 -3.77 6.32 -9.43
C ALA B 9 -2.51 6.28 -8.55
N MET B 10 -2.53 5.50 -7.49
CA MET B 10 -1.31 5.41 -6.62
C MET B 10 -0.16 4.77 -7.39
N MET B 11 -0.44 3.79 -8.21
CA MET B 11 0.64 3.12 -9.01
C MET B 11 1.29 4.15 -9.94
N GLN B 12 0.49 4.99 -10.58
CA GLN B 12 1.04 6.04 -11.48
C GLN B 12 1.84 7.07 -10.68
N ALA B 13 1.39 7.37 -9.48
CA ALA B 13 2.13 8.36 -8.63
C ALA B 13 3.49 7.78 -8.21
N LEU B 14 3.52 6.53 -7.84
CA LEU B 14 4.81 5.89 -7.41
C LEU B 14 5.87 5.99 -8.53
N LEU B 15 5.44 5.93 -9.77
CA LEU B 15 6.43 6.00 -10.90
C LEU B 15 6.01 7.09 -11.90
N GLY B 16 5.89 8.32 -11.46
CA GLY B 16 5.50 9.42 -12.40
C GLY B 16 5.28 10.73 -11.65
N ALA B 17 4.46 10.72 -10.63
CA ALA B 17 4.19 11.98 -9.86
C ALA B 17 5.49 12.54 -9.26
N ARG B 18 6.21 11.74 -8.51
CA ARG B 18 7.49 12.23 -7.89
C ARG B 18 8.58 11.17 -8.05
N ALA B 19 8.63 10.52 -9.19
CA ALA B 19 9.68 9.47 -9.43
C ALA B 19 9.92 9.30 -10.93
N LYS B 20 10.94 9.94 -11.46
CA LYS B 20 11.25 9.82 -12.91
C LYS B 20 12.70 10.23 -13.21
CA CA C . 2.04 -5.47 9.96
OAA SXK D . -11.58 6.16 3.08
OAB SXK D . -12.19 4.83 4.75
CAE SXK D . -2.66 2.47 -0.51
CAF SXK D . -7.57 5.08 1.66
CAG SXK D . -7.99 2.65 1.73
CAH SXK D . -6.20 4.84 1.39
CAI SXK D . -6.64 2.40 1.45
CAJ SXK D . -4.02 2.72 -0.25
CAK SXK D . -2.04 3.26 1.72
CAL SXK D . -10.40 4.08 3.39
OAM SXK D . -9.76 4.35 2.11
CAN SXK D . -11.47 5.11 3.77
CAO SXK D . -1.69 2.74 0.47
CAP SXK D . -8.46 3.98 1.84
CAQ SXK D . -3.41 3.53 2.00
CAR SXK D . -5.75 3.50 1.28
CAS SXK D . -4.39 3.25 1.01
FCC SXK D . -0.38 2.48 0.20
FDD SXK D . -3.72 4.04 3.23
HAE SXK D . -2.36 2.06 -1.48
HAF SXK D . -7.95 6.10 1.76
HAG SXK D . -8.67 1.81 1.86
HAH SXK D . -5.52 5.68 1.26
HAI SXK D . -6.28 1.38 1.37
HAJ SXK D . -4.78 2.51 -1.01
HAK SXK D . -1.28 3.47 2.47
HAL SXK D . -10.87 3.10 3.35
HALA SXK D . -9.64 4.14 4.16
N MET A 1 -15.33 -13.66 3.87
CA MET A 1 -14.63 -12.59 4.64
C MET A 1 -13.20 -13.04 4.99
N ASP A 2 -12.29 -12.10 5.13
CA ASP A 2 -10.86 -12.44 5.48
C ASP A 2 -10.23 -13.37 4.42
N ASP A 3 -10.45 -14.65 4.50
CA ASP A 3 -9.86 -15.61 3.51
C ASP A 3 -10.25 -15.23 2.08
N ILE A 4 -11.42 -14.69 1.89
CA ILE A 4 -11.85 -14.31 0.50
C ILE A 4 -10.84 -13.36 -0.15
N TYR A 5 -10.33 -12.40 0.60
CA TYR A 5 -9.31 -11.46 0.04
C TYR A 5 -7.92 -12.10 0.15
N LYS A 6 -7.71 -12.90 1.17
CA LYS A 6 -6.38 -13.58 1.35
C LYS A 6 -6.07 -14.47 0.14
N ALA A 7 -7.03 -15.24 -0.31
CA ALA A 7 -6.81 -16.13 -1.49
C ALA A 7 -6.30 -15.31 -2.69
N ALA A 8 -6.87 -14.15 -2.91
CA ALA A 8 -6.41 -13.29 -4.05
C ALA A 8 -4.98 -12.80 -3.80
N VAL A 9 -4.67 -12.44 -2.58
CA VAL A 9 -3.28 -11.94 -2.25
C VAL A 9 -2.24 -13.03 -2.56
N GLU A 10 -2.53 -14.26 -2.22
CA GLU A 10 -1.56 -15.37 -2.48
C GLU A 10 -1.63 -15.82 -3.94
N GLN A 11 -2.81 -15.97 -4.50
CA GLN A 11 -2.92 -16.42 -5.93
C GLN A 11 -2.93 -15.22 -6.89
N LEU A 12 -2.13 -14.21 -6.63
CA LEU A 12 -2.10 -13.03 -7.55
C LEU A 12 -1.25 -13.36 -8.79
N THR A 13 -1.69 -12.97 -9.96
CA THR A 13 -0.91 -13.28 -11.20
C THR A 13 0.40 -12.47 -11.26
N GLU A 14 1.30 -12.89 -12.10
CA GLU A 14 2.61 -12.18 -12.22
C GLU A 14 2.42 -10.73 -12.68
N GLU A 15 1.46 -10.48 -13.54
CA GLU A 15 1.21 -9.09 -14.03
C GLU A 15 0.95 -8.14 -12.85
N GLN A 16 0.19 -8.57 -11.88
CA GLN A 16 -0.11 -7.69 -10.70
C GLN A 16 0.98 -7.81 -9.64
N LYS A 17 1.38 -9.01 -9.35
CA LYS A 17 2.45 -9.23 -8.32
C LYS A 17 3.75 -8.52 -8.72
N ASN A 18 4.16 -8.68 -9.95
CA ASN A 18 5.42 -8.02 -10.41
C ASN A 18 5.23 -6.49 -10.47
N GLU A 19 4.03 -6.03 -10.70
CA GLU A 19 3.76 -4.56 -10.75
C GLU A 19 3.80 -3.98 -9.33
N PHE A 20 3.18 -4.65 -8.39
CA PHE A 20 3.17 -4.13 -6.97
C PHE A 20 4.55 -4.33 -6.33
N LYS A 21 5.24 -5.40 -6.63
CA LYS A 21 6.59 -5.61 -6.02
C LYS A 21 7.56 -4.50 -6.48
N ALA A 22 7.38 -3.98 -7.68
CA ALA A 22 8.27 -2.88 -8.17
C ALA A 22 7.87 -1.55 -7.51
N ALA A 23 6.60 -1.39 -7.22
CA ALA A 23 6.13 -0.14 -6.56
C ALA A 23 6.28 -0.25 -5.03
N PHE A 24 6.61 -1.42 -4.53
CA PHE A 24 6.78 -1.59 -3.05
C PHE A 24 8.22 -1.25 -2.63
N ASP A 25 9.21 -1.85 -3.27
CA ASP A 25 10.63 -1.55 -2.90
C ASP A 25 10.93 -0.05 -3.10
N ILE A 26 10.38 0.56 -4.13
CA ILE A 26 10.62 2.02 -4.36
C ILE A 26 9.91 2.83 -3.27
N PHE A 27 8.77 2.37 -2.82
CA PHE A 27 8.02 3.09 -1.74
C PHE A 27 8.85 3.15 -0.46
N VAL A 28 9.47 2.05 -0.10
CA VAL A 28 10.30 2.01 1.16
C VAL A 28 11.73 2.52 0.90
N LEU A 29 11.88 3.59 0.15
CA LEU A 29 13.25 4.14 -0.12
C LEU A 29 13.90 4.59 1.20
N GLY A 30 13.24 5.45 1.94
CA GLY A 30 13.79 5.91 3.24
C GLY A 30 13.05 5.20 4.37
N ALA A 31 13.00 3.89 4.31
CA ALA A 31 12.29 3.10 5.37
C ALA A 31 13.28 2.46 6.35
N GLU A 32 14.51 2.25 5.93
CA GLU A 32 15.55 1.63 6.83
C GLU A 32 15.18 0.17 7.15
N ASP A 33 14.14 -0.06 7.90
CA ASP A 33 13.73 -1.46 8.25
C ASP A 33 13.36 -2.23 6.97
N GLY A 34 12.70 -1.60 6.03
CA GLY A 34 12.31 -2.30 4.77
C GLY A 34 10.78 -2.32 4.62
N CYS A 35 10.06 -2.23 5.71
CA CYS A 35 8.56 -2.25 5.63
C CYS A 35 8.01 -0.82 5.44
N ILE A 36 6.86 -0.69 4.81
CA ILE A 36 6.27 0.67 4.59
C ILE A 36 5.86 1.31 5.93
N SER A 37 6.29 2.52 6.17
CA SER A 37 5.95 3.22 7.46
C SER A 37 4.86 4.27 7.21
N THR A 38 4.32 4.84 8.26
CA THR A 38 3.25 5.89 8.10
C THR A 38 3.84 7.16 7.46
N LYS A 39 4.95 7.65 7.98
CA LYS A 39 5.57 8.87 7.38
C LYS A 39 5.97 8.58 5.92
N GLU A 40 6.43 7.39 5.66
CA GLU A 40 6.82 7.00 4.27
C GLU A 40 5.58 7.01 3.37
N LEU A 41 4.49 6.43 3.84
CA LEU A 41 3.23 6.43 3.04
C LEU A 41 2.71 7.86 2.90
N GLY A 42 2.46 8.50 4.02
CA GLY A 42 1.95 9.92 4.01
C GLY A 42 2.76 10.80 3.04
N LYS A 43 4.04 10.54 2.88
CA LYS A 43 4.86 11.38 1.93
C LYS A 43 4.28 11.29 0.51
N VAL A 44 3.77 10.14 0.13
CA VAL A 44 3.18 9.99 -1.24
C VAL A 44 1.70 10.44 -1.22
N MET A 45 1.07 10.44 -0.06
CA MET A 45 -0.36 10.89 0.02
C MET A 45 -0.51 12.31 -0.53
N ARG A 46 0.46 13.16 -0.31
CA ARG A 46 0.37 14.57 -0.85
C ARG A 46 0.33 14.55 -2.38
N MET A 47 1.00 13.60 -3.00
CA MET A 47 0.99 13.51 -4.51
C MET A 47 -0.44 13.24 -5.00
N LEU A 48 -1.22 12.52 -4.25
CA LEU A 48 -2.63 12.22 -4.66
C LEU A 48 -3.57 13.27 -4.07
N GLY A 49 -3.38 13.61 -2.81
CA GLY A 49 -4.24 14.62 -2.15
C GLY A 49 -3.40 15.46 -1.18
N GLN A 50 -3.47 15.17 0.10
CA GLN A 50 -2.67 15.94 1.10
C GLN A 50 -2.27 15.03 2.27
N ASN A 51 -1.39 15.51 3.12
CA ASN A 51 -0.95 14.69 4.29
C ASN A 51 -0.85 15.58 5.54
N PRO A 52 -1.81 15.44 6.41
CA PRO A 52 -1.84 16.25 7.67
C PRO A 52 -0.85 15.70 8.70
N THR A 53 -0.90 14.42 8.99
CA THR A 53 0.03 13.82 9.99
C THR A 53 0.20 12.32 9.77
N PRO A 54 1.27 11.77 10.28
CA PRO A 54 1.55 10.31 10.15
C PRO A 54 0.51 9.49 10.93
N GLU A 55 -0.10 10.07 11.95
CA GLU A 55 -1.12 9.33 12.74
C GLU A 55 -2.28 8.89 11.82
N GLU A 56 -2.63 9.71 10.86
CA GLU A 56 -3.73 9.34 9.92
C GLU A 56 -3.36 8.04 9.18
N LEU A 57 -2.14 7.92 8.73
CA LEU A 57 -1.72 6.67 8.03
C LEU A 57 -1.56 5.53 9.04
N GLN A 58 -1.22 5.84 10.28
CA GLN A 58 -1.07 4.76 11.31
C GLN A 58 -2.37 3.94 11.37
N GLU A 59 -3.48 4.60 11.55
CA GLU A 59 -4.79 3.87 11.58
C GLU A 59 -5.00 3.17 10.22
N MET A 60 -4.53 3.80 9.16
CA MET A 60 -4.65 3.19 7.80
C MET A 60 -3.84 1.88 7.72
N ILE A 61 -2.68 1.85 8.35
CA ILE A 61 -1.86 0.60 8.32
C ILE A 61 -2.48 -0.45 9.25
N ASP A 62 -2.90 -0.06 10.44
CA ASP A 62 -3.55 -1.05 11.37
C ASP A 62 -4.74 -1.73 10.68
N GLU A 63 -5.40 -1.02 9.80
CA GLU A 63 -6.57 -1.59 9.07
C GLU A 63 -6.14 -2.83 8.26
N VAL A 64 -4.94 -2.83 7.71
CA VAL A 64 -4.46 -4.00 6.92
C VAL A 64 -3.13 -4.55 7.49
N ASP A 65 -2.86 -4.30 8.75
CA ASP A 65 -1.59 -4.81 9.37
C ASP A 65 -1.91 -5.51 10.71
N GLU A 66 -2.06 -4.76 11.78
CA GLU A 66 -2.40 -5.36 13.12
C GLU A 66 -1.62 -6.67 13.39
N ASP A 67 -0.33 -6.67 13.17
CA ASP A 67 0.46 -7.92 13.42
C ASP A 67 1.51 -7.69 14.54
N GLY A 68 1.47 -6.55 15.19
CA GLY A 68 2.46 -6.27 16.28
C GLY A 68 3.64 -5.44 15.74
N SER A 69 3.69 -5.21 14.45
CA SER A 69 4.82 -4.41 13.87
C SER A 69 4.34 -2.99 13.49
N GLY A 70 3.18 -2.87 12.88
CA GLY A 70 2.68 -1.53 12.48
C GLY A 70 3.39 -1.07 11.20
N THR A 71 3.96 -1.99 10.46
CA THR A 71 4.69 -1.65 9.21
C THR A 71 4.22 -2.59 8.10
N VAL A 72 3.74 -2.06 7.01
CA VAL A 72 3.24 -2.95 5.91
C VAL A 72 4.42 -3.57 5.13
N ASP A 73 4.45 -4.87 5.04
CA ASP A 73 5.54 -5.57 4.29
C ASP A 73 5.06 -5.87 2.85
N PHE A 74 5.86 -6.53 2.06
CA PHE A 74 5.43 -6.84 0.66
C PHE A 74 4.15 -7.70 0.69
N ASP A 75 4.11 -8.70 1.55
CA ASP A 75 2.89 -9.56 1.66
C ASP A 75 1.69 -8.73 2.10
N GLU A 76 1.84 -7.94 3.14
CA GLU A 76 0.71 -7.09 3.62
C GLU A 76 0.37 -6.02 2.56
N PHE A 77 1.36 -5.56 1.83
CA PHE A 77 1.11 -4.55 0.77
C PHE A 77 0.16 -5.14 -0.28
N LEU A 78 0.32 -6.40 -0.60
CA LEU A 78 -0.59 -7.04 -1.60
C LEU A 78 -2.02 -7.08 -1.05
N VAL A 79 -2.17 -7.30 0.24
CA VAL A 79 -3.54 -7.30 0.86
C VAL A 79 -4.14 -5.90 0.74
N MET A 80 -3.32 -4.88 0.84
CA MET A 80 -3.82 -3.47 0.73
C MET A 80 -4.28 -3.22 -0.72
N MET A 81 -3.55 -3.74 -1.68
CA MET A 81 -3.93 -3.54 -3.12
C MET A 81 -5.26 -4.25 -3.43
N VAL A 82 -5.39 -5.51 -3.06
CA VAL A 82 -6.67 -6.24 -3.34
C VAL A 82 -7.83 -5.57 -2.59
N ARG A 83 -7.57 -4.97 -1.46
CA ARG A 83 -8.65 -4.28 -0.70
C ARG A 83 -9.09 -3.03 -1.47
N CYS A 84 -8.16 -2.24 -1.95
CA CYS A 84 -8.51 -1.01 -2.72
C CYS A 84 -9.16 -1.40 -4.07
N MET A 85 -8.76 -2.52 -4.64
CA MET A 85 -9.36 -2.97 -5.93
C MET A 85 -10.84 -3.35 -5.73
N LYS A 86 -11.17 -3.86 -4.56
CA LYS A 86 -12.58 -4.28 -4.26
C LYS A 86 -13.06 -5.35 -5.25
N ASP A 87 -12.36 -6.47 -5.30
CA ASP A 87 -12.75 -7.59 -6.23
C ASP A 87 -12.88 -7.10 -7.69
N ASP A 88 -13.69 -7.76 -8.48
CA ASP A 88 -13.86 -7.34 -9.91
C ASP A 88 -15.25 -7.74 -10.43
N SER A 89 -15.74 -8.91 -10.08
CA SER A 89 -17.08 -9.35 -10.55
C SER A 89 -17.95 -9.82 -9.38
N ARG B 1 -8.56 13.63 8.18
CA ARG B 1 -9.69 13.57 7.20
C ARG B 1 -9.66 12.24 6.45
N ARG B 2 -10.81 11.75 6.05
CA ARG B 2 -10.85 10.45 5.32
C ARG B 2 -10.42 10.65 3.86
N VAL B 3 -9.69 9.70 3.32
CA VAL B 3 -9.23 9.82 1.90
C VAL B 3 -9.53 8.53 1.13
N ARG B 4 -9.68 8.60 -0.17
CA ARG B 4 -9.99 7.38 -0.97
C ARG B 4 -8.86 7.07 -1.95
N ILE B 5 -7.90 6.27 -1.54
CA ILE B 5 -6.78 5.91 -2.45
C ILE B 5 -7.04 4.53 -3.07
N SER B 6 -7.10 4.44 -4.38
CA SER B 6 -7.35 3.14 -5.04
C SER B 6 -6.05 2.52 -5.56
N ALA B 7 -6.10 1.29 -6.00
CA ALA B 7 -4.87 0.61 -6.53
C ALA B 7 -4.31 1.37 -7.73
N ASP B 8 -5.14 1.67 -8.70
CA ASP B 8 -4.65 2.42 -9.91
C ASP B 8 -4.12 3.81 -9.51
N ALA B 9 -4.73 4.43 -8.53
CA ALA B 9 -4.26 5.79 -8.09
C ALA B 9 -2.87 5.69 -7.45
N MET B 10 -2.71 4.86 -6.45
CA MET B 10 -1.38 4.72 -5.78
C MET B 10 -0.35 4.11 -6.76
N MET B 11 -0.80 3.27 -7.66
CA MET B 11 0.14 2.65 -8.65
C MET B 11 0.75 3.74 -9.56
N GLN B 12 -0.03 4.69 -9.99
CA GLN B 12 0.49 5.78 -10.87
C GLN B 12 1.28 6.81 -10.05
N ALA B 13 0.88 7.04 -8.81
CA ALA B 13 1.59 8.05 -7.96
C ALA B 13 3.10 7.74 -7.89
N LEU B 14 3.47 6.50 -7.66
CA LEU B 14 4.92 6.15 -7.60
C LEU B 14 5.50 6.01 -9.01
N LEU B 15 4.82 5.32 -9.88
CA LEU B 15 5.33 5.16 -11.28
C LEU B 15 5.01 6.44 -12.08
N GLY B 16 5.86 7.42 -12.00
CA GLY B 16 5.63 8.70 -12.73
C GLY B 16 6.18 9.86 -11.90
N ALA B 17 5.97 9.83 -10.60
CA ALA B 17 6.49 10.92 -9.72
C ALA B 17 7.46 10.37 -8.66
N ARG B 18 8.12 9.26 -8.94
CA ARG B 18 9.08 8.68 -7.95
C ARG B 18 10.21 7.93 -8.66
N ALA B 19 9.87 6.93 -9.45
CA ALA B 19 10.94 6.15 -10.14
C ALA B 19 10.78 6.27 -11.67
N LYS B 20 9.72 5.73 -12.22
CA LYS B 20 9.51 5.80 -13.69
C LYS B 20 8.01 5.95 -14.01
CA CA C . 3.27 -5.67 9.76
OAA SXK D . -10.78 5.54 5.57
OAB SXK D . -12.17 4.01 4.75
CAE SXK D . -2.63 2.13 -0.30
CAF SXK D . -7.29 4.82 2.34
CAG SXK D . -7.54 2.39 2.67
CAH SXK D . -5.97 4.63 1.87
CAI SXK D . -6.23 2.19 2.20
CAJ SXK D . -3.94 2.37 0.14
CAK SXK D . -1.70 3.36 1.60
CAL SXK D . -9.83 3.62 4.47
OAM SXK D . -9.34 4.01 3.18
CAN SXK D . -11.02 4.46 4.97
CAO SXK D . -1.53 2.62 0.42
CAP SXK D . -8.07 3.69 2.74
CAQ SXK D . -3.02 3.61 2.06
CAR SXK D . -5.44 3.31 1.80
CAS SXK D . -4.14 3.11 1.33
FCC SXK D . -0.27 2.37 -0.03
FDD SXK D . -3.16 4.33 3.22
HAE SXK D . -2.45 1.56 -1.22
HAF SXK D . -7.71 5.83 2.41
HAG SXK D . -8.13 1.53 2.97
HAH SXK D . -5.37 5.49 1.56
HAI SXK D . -5.82 1.18 2.13
HAJ SXK D . -4.79 1.99 -0.41
HAK SXK D . -0.84 3.74 2.16
HAL SXK D . -10.17 2.57 4.42
HALA SXK D . -9.04 3.76 5.20
N MET A 1 -7.66 -8.37 9.59
CA MET A 1 -8.72 -9.39 9.33
C MET A 1 -9.32 -9.19 7.93
N ASP A 2 -9.49 -10.26 7.18
CA ASP A 2 -10.05 -10.13 5.80
C ASP A 2 -10.60 -11.47 5.31
N ASP A 3 -11.51 -11.45 4.36
CA ASP A 3 -12.09 -12.71 3.82
C ASP A 3 -12.30 -12.60 2.30
N ILE A 4 -13.22 -11.77 1.88
CA ILE A 4 -13.48 -11.62 0.40
C ILE A 4 -12.26 -11.03 -0.32
N TYR A 5 -11.61 -10.05 0.26
CA TYR A 5 -10.42 -9.45 -0.43
C TYR A 5 -9.20 -10.36 -0.21
N LYS A 6 -9.12 -11.00 0.93
CA LYS A 6 -7.97 -11.92 1.20
C LYS A 6 -7.95 -13.05 0.18
N ALA A 7 -9.10 -13.62 -0.13
CA ALA A 7 -9.16 -14.74 -1.14
C ALA A 7 -8.53 -14.27 -2.46
N ALA A 8 -8.78 -13.04 -2.85
CA ALA A 8 -8.18 -12.51 -4.12
C ALA A 8 -6.65 -12.55 -4.03
N VAL A 9 -6.10 -12.24 -2.88
CA VAL A 9 -4.61 -12.28 -2.70
C VAL A 9 -4.13 -13.73 -2.87
N GLU A 10 -4.87 -14.68 -2.35
CA GLU A 10 -4.48 -16.12 -2.48
C GLU A 10 -4.52 -16.53 -3.97
N GLN A 11 -5.37 -15.90 -4.74
CA GLN A 11 -5.46 -16.24 -6.20
C GLN A 11 -4.38 -15.49 -7.00
N LEU A 12 -3.82 -14.44 -6.45
CA LEU A 12 -2.75 -13.68 -7.17
C LEU A 12 -1.54 -14.58 -7.42
N THR A 13 -1.22 -14.87 -8.65
CA THR A 13 -0.04 -15.73 -8.95
C THR A 13 1.25 -14.95 -8.72
N GLU A 14 2.36 -15.63 -8.68
CA GLU A 14 3.66 -14.92 -8.45
C GLU A 14 3.90 -13.86 -9.52
N GLU A 15 3.47 -14.10 -10.74
CA GLU A 15 3.65 -13.08 -11.82
C GLU A 15 2.94 -11.77 -11.43
N GLN A 16 1.72 -11.88 -10.95
CA GLN A 16 0.98 -10.65 -10.53
C GLN A 16 1.67 -10.02 -9.31
N LYS A 17 2.18 -10.83 -8.44
CA LYS A 17 2.90 -10.31 -7.24
C LYS A 17 4.11 -9.48 -7.69
N ASN A 18 4.80 -9.94 -8.71
CA ASN A 18 5.99 -9.19 -9.23
C ASN A 18 5.53 -7.85 -9.82
N GLU A 19 4.40 -7.82 -10.50
CA GLU A 19 3.90 -6.54 -11.08
C GLU A 19 3.71 -5.52 -9.95
N PHE A 20 3.18 -5.95 -8.83
CA PHE A 20 3.00 -5.03 -7.67
C PHE A 20 4.35 -4.79 -6.99
N LYS A 21 5.24 -5.76 -7.04
CA LYS A 21 6.59 -5.59 -6.41
C LYS A 21 7.29 -4.37 -7.03
N ALA A 22 7.04 -4.09 -8.29
CA ALA A 22 7.68 -2.88 -8.93
C ALA A 22 7.29 -1.62 -8.15
N ALA A 23 6.01 -1.42 -7.94
CA ALA A 23 5.56 -0.22 -7.16
C ALA A 23 5.96 -0.38 -5.69
N PHE A 24 5.93 -1.59 -5.19
CA PHE A 24 6.31 -1.86 -3.77
C PHE A 24 7.79 -1.48 -3.54
N ASP A 25 8.68 -1.96 -4.37
CA ASP A 25 10.13 -1.63 -4.21
C ASP A 25 10.36 -0.12 -4.38
N ILE A 26 9.74 0.49 -5.37
CA ILE A 26 9.91 1.96 -5.57
C ILE A 26 9.26 2.71 -4.38
N PHE A 27 8.24 2.15 -3.78
CA PHE A 27 7.59 2.81 -2.61
C PHE A 27 8.59 2.96 -1.46
N VAL A 28 9.38 1.94 -1.20
CA VAL A 28 10.37 2.02 -0.08
C VAL A 28 11.71 2.62 -0.56
N LEU A 29 11.66 3.59 -1.46
CA LEU A 29 12.93 4.22 -1.95
C LEU A 29 13.50 5.14 -0.87
N GLY A 30 12.67 5.93 -0.25
CA GLY A 30 13.13 6.85 0.84
C GLY A 30 12.59 6.36 2.18
N ALA A 31 12.37 5.07 2.34
CA ALA A 31 11.83 4.54 3.61
C ALA A 31 12.97 4.11 4.55
N GLU A 32 13.30 4.93 5.52
CA GLU A 32 14.41 4.56 6.47
C GLU A 32 14.07 3.27 7.22
N ASP A 33 12.80 2.95 7.36
CA ASP A 33 12.40 1.69 8.07
C ASP A 33 12.78 0.46 7.24
N GLY A 34 12.83 0.58 5.93
CA GLY A 34 13.19 -0.58 5.06
C GLY A 34 11.94 -1.03 4.29
N CYS A 35 10.78 -0.97 4.90
CA CYS A 35 9.52 -1.39 4.22
C CYS A 35 8.52 -0.22 4.21
N ILE A 36 7.30 -0.45 3.78
CA ILE A 36 6.30 0.66 3.76
C ILE A 36 5.70 0.86 5.16
N SER A 37 6.13 1.90 5.84
CA SER A 37 5.61 2.19 7.20
C SER A 37 4.69 3.41 7.16
N THR A 38 4.31 3.91 8.31
CA THR A 38 3.41 5.12 8.34
C THR A 38 4.13 6.34 7.74
N LYS A 39 5.41 6.47 7.99
CA LYS A 39 6.18 7.63 7.43
C LYS A 39 6.21 7.60 5.90
N GLU A 40 6.51 6.46 5.32
CA GLU A 40 6.57 6.37 3.82
C GLU A 40 5.21 6.72 3.17
N LEU A 41 4.12 6.39 3.82
CA LEU A 41 2.78 6.70 3.24
C LEU A 41 2.53 8.21 3.24
N GLY A 42 2.41 8.79 4.42
CA GLY A 42 2.17 10.27 4.53
C GLY A 42 3.09 11.05 3.57
N LYS A 43 4.34 10.66 3.48
CA LYS A 43 5.29 11.38 2.56
C LYS A 43 4.75 11.36 1.12
N VAL A 44 4.37 10.19 0.64
CA VAL A 44 3.82 10.10 -0.76
C VAL A 44 2.46 10.82 -0.84
N MET A 45 1.67 10.74 0.20
CA MET A 45 0.33 11.42 0.21
C MET A 45 0.47 12.94 0.09
N ARG A 46 1.53 13.51 0.63
CA ARG A 46 1.72 14.99 0.56
C ARG A 46 1.50 15.52 -0.87
N MET A 47 1.99 14.82 -1.87
CA MET A 47 1.79 15.27 -3.28
C MET A 47 0.50 14.67 -3.86
N LEU A 48 0.09 13.52 -3.39
CA LEU A 48 -1.15 12.87 -3.90
C LEU A 48 -2.05 12.50 -2.70
N GLY A 49 -2.88 13.41 -2.27
CA GLY A 49 -3.76 13.13 -1.09
C GLY A 49 -3.06 13.62 0.17
N GLN A 50 -2.96 14.92 0.34
CA GLN A 50 -2.26 15.52 1.52
C GLN A 50 -2.50 14.72 2.82
N ASN A 51 -1.45 14.52 3.58
CA ASN A 51 -1.58 13.77 4.87
C ASN A 51 -1.63 14.77 6.05
N PRO A 52 -2.74 14.77 6.74
CA PRO A 52 -2.92 15.68 7.90
C PRO A 52 -2.10 15.21 9.12
N THR A 53 -2.41 14.06 9.67
CA THR A 53 -1.65 13.58 10.87
C THR A 53 -0.94 12.25 10.56
N PRO A 54 0.15 12.01 11.26
CA PRO A 54 0.94 10.77 11.08
C PRO A 54 0.20 9.55 11.63
N GLU A 55 -0.49 9.70 12.74
CA GLU A 55 -1.23 8.55 13.34
C GLU A 55 -2.33 8.04 12.38
N GLU A 56 -2.90 8.94 11.61
CA GLU A 56 -3.99 8.53 10.65
C GLU A 56 -3.53 7.36 9.76
N LEU A 57 -2.29 7.36 9.32
CA LEU A 57 -1.81 6.23 8.46
C LEU A 57 -1.60 4.98 9.31
N GLN A 58 -1.23 5.13 10.56
CA GLN A 58 -1.03 3.93 11.43
C GLN A 58 -2.35 3.13 11.47
N GLU A 59 -3.46 3.81 11.64
CA GLU A 59 -4.77 3.09 11.63
C GLU A 59 -4.95 2.40 10.27
N MET A 60 -4.49 3.04 9.21
CA MET A 60 -4.60 2.44 7.85
C MET A 60 -3.78 1.13 7.79
N ILE A 61 -2.65 1.09 8.46
CA ILE A 61 -1.80 -0.14 8.45
C ILE A 61 -2.29 -1.15 9.51
N ASP A 62 -2.82 -0.69 10.61
CA ASP A 62 -3.31 -1.61 11.68
C ASP A 62 -4.35 -2.60 11.14
N GLU A 63 -5.33 -2.10 10.41
CA GLU A 63 -6.40 -3.00 9.86
C GLU A 63 -5.78 -4.01 8.86
N VAL A 64 -4.81 -3.58 8.10
CA VAL A 64 -4.19 -4.50 7.10
C VAL A 64 -3.09 -5.37 7.73
N ASP A 65 -2.41 -4.88 8.74
CA ASP A 65 -1.33 -5.70 9.37
C ASP A 65 -1.42 -5.69 10.90
N GLU A 66 -1.22 -6.83 11.52
CA GLU A 66 -1.27 -6.93 13.01
C GLU A 66 -0.30 -8.03 13.47
N ASP A 67 0.89 -8.03 12.92
CA ASP A 67 1.90 -9.08 13.30
C ASP A 67 2.97 -8.51 14.26
N GLY A 68 2.74 -7.34 14.82
CA GLY A 68 3.74 -6.76 15.77
C GLY A 68 4.47 -5.58 15.13
N SER A 69 5.01 -5.75 13.95
CA SER A 69 5.74 -4.63 13.28
C SER A 69 4.79 -3.46 12.97
N GLY A 70 3.72 -3.70 12.25
CA GLY A 70 2.77 -2.60 11.91
C GLY A 70 3.22 -1.96 10.60
N THR A 71 3.75 -2.77 9.71
CA THR A 71 4.23 -2.27 8.40
C THR A 71 3.68 -3.13 7.27
N VAL A 72 3.35 -2.54 6.16
CA VAL A 72 2.79 -3.35 5.02
C VAL A 72 3.91 -4.13 4.32
N ASP A 73 3.94 -5.42 4.51
CA ASP A 73 4.99 -6.26 3.85
C ASP A 73 4.67 -6.44 2.36
N PHE A 74 5.45 -7.23 1.64
CA PHE A 74 5.18 -7.45 0.19
C PHE A 74 3.84 -8.16 0.01
N ASP A 75 3.70 -9.33 0.58
CA ASP A 75 2.42 -10.08 0.47
C ASP A 75 1.29 -9.32 1.18
N GLU A 76 1.61 -8.64 2.26
CA GLU A 76 0.57 -7.85 3.00
C GLU A 76 0.05 -6.72 2.09
N PHE A 77 0.95 -6.09 1.36
CA PHE A 77 0.54 -4.98 0.44
C PHE A 77 -0.53 -5.47 -0.56
N LEU A 78 -0.38 -6.67 -1.07
CA LEU A 78 -1.37 -7.21 -2.05
C LEU A 78 -2.79 -7.18 -1.45
N VAL A 79 -2.93 -7.52 -0.19
CA VAL A 79 -4.27 -7.49 0.47
C VAL A 79 -4.84 -6.06 0.46
N MET A 80 -3.99 -5.08 0.60
CA MET A 80 -4.47 -3.67 0.60
C MET A 80 -4.85 -3.24 -0.83
N MET A 81 -4.14 -3.71 -1.82
CA MET A 81 -4.46 -3.33 -3.23
C MET A 81 -5.82 -3.89 -3.65
N VAL A 82 -6.09 -5.14 -3.38
CA VAL A 82 -7.42 -5.73 -3.77
C VAL A 82 -8.56 -5.03 -3.03
N ARG A 83 -8.32 -4.57 -1.82
CA ARG A 83 -9.40 -3.86 -1.07
C ARG A 83 -9.71 -2.52 -1.75
N CYS A 84 -8.71 -1.88 -2.32
CA CYS A 84 -8.95 -0.58 -3.04
C CYS A 84 -9.58 -0.85 -4.41
N MET A 85 -9.30 -1.99 -5.00
CA MET A 85 -9.88 -2.32 -6.34
C MET A 85 -11.35 -2.74 -6.21
N LYS A 86 -11.71 -3.38 -5.11
CA LYS A 86 -13.13 -3.83 -4.90
C LYS A 86 -13.56 -4.80 -6.00
N ASP A 87 -13.10 -6.03 -5.94
CA ASP A 87 -13.48 -7.04 -6.98
C ASP A 87 -14.91 -7.57 -6.75
N ASP A 88 -15.40 -7.53 -5.53
CA ASP A 88 -16.79 -8.03 -5.26
C ASP A 88 -17.82 -6.93 -5.51
N SER A 89 -19.08 -7.29 -5.64
CA SER A 89 -20.14 -6.27 -5.90
C SER A 89 -20.54 -5.56 -4.59
N ARG B 1 -13.76 2.97 1.79
CA ARG B 1 -14.67 4.14 2.03
C ARG B 1 -13.92 5.28 2.74
N ARG B 2 -12.94 4.97 3.55
CA ARG B 2 -12.18 6.05 4.25
C ARG B 2 -10.96 6.47 3.41
N VAL B 3 -11.10 7.56 2.68
CA VAL B 3 -9.98 8.08 1.80
C VAL B 3 -9.68 7.08 0.66
N ARG B 4 -9.36 7.59 -0.51
CA ARG B 4 -9.05 6.69 -1.67
C ARG B 4 -7.84 7.23 -2.45
N ILE B 5 -6.86 6.40 -2.67
CA ILE B 5 -5.65 6.86 -3.42
C ILE B 5 -5.59 6.23 -4.84
N SER B 6 -6.16 5.05 -5.00
CA SER B 6 -6.17 4.35 -6.34
C SER B 6 -4.75 3.99 -6.77
N ALA B 7 -4.43 2.71 -6.77
CA ALA B 7 -3.06 2.25 -7.19
C ALA B 7 -2.70 2.77 -8.58
N ASP B 8 -3.64 2.71 -9.50
CA ASP B 8 -3.38 3.20 -10.90
C ASP B 8 -2.86 4.66 -10.88
N ALA B 9 -3.40 5.48 -10.02
CA ALA B 9 -2.94 6.90 -9.93
C ALA B 9 -1.74 7.02 -8.98
N MET B 10 -1.78 6.31 -7.88
CA MET B 10 -0.65 6.37 -6.89
C MET B 10 0.67 5.91 -7.55
N MET B 11 0.63 4.83 -8.29
CA MET B 11 1.87 4.33 -8.96
C MET B 11 2.39 5.37 -9.97
N GLN B 12 1.51 5.96 -10.74
CA GLN B 12 1.95 6.99 -11.74
C GLN B 12 2.52 8.23 -11.02
N ALA B 13 1.87 8.68 -9.98
CA ALA B 13 2.38 9.88 -9.23
C ALA B 13 3.76 9.59 -8.62
N LEU B 14 3.98 8.38 -8.18
CA LEU B 14 5.31 8.03 -7.58
C LEU B 14 6.35 7.75 -8.67
N LEU B 15 6.02 6.92 -9.63
CA LEU B 15 6.99 6.61 -10.73
C LEU B 15 7.15 7.82 -11.65
N GLY B 16 8.25 8.52 -11.57
CA GLY B 16 8.48 9.71 -12.42
C GLY B 16 8.85 10.93 -11.56
N ALA B 17 8.31 11.01 -10.37
CA ALA B 17 8.64 12.17 -9.47
C ALA B 17 9.49 11.73 -8.27
N ARG B 18 9.28 10.54 -7.77
CA ARG B 18 10.08 10.06 -6.58
C ARG B 18 10.96 8.86 -6.95
N ALA B 19 10.66 8.15 -8.02
CA ALA B 19 11.48 6.97 -8.40
C ALA B 19 12.61 7.36 -9.36
N LYS B 20 12.29 8.05 -10.43
CA LYS B 20 13.36 8.47 -11.41
C LYS B 20 12.96 9.77 -12.11
CA CA C . 3.82 -6.71 8.96
OAA SXK D . -11.09 2.18 2.33
OAB SXK D . -11.25 2.21 4.55
CAE SXK D . -1.49 2.40 -0.79
CAF SXK D . -6.43 4.25 1.99
CAG SXK D . -6.67 1.80 1.75
CAH SXK D . -5.07 4.14 1.62
CAI SXK D . -5.32 1.69 1.37
CAJ SXK D . -2.85 2.54 -0.42
CAK SXK D . -0.79 2.75 1.53
CAL SXK D . -9.12 2.70 3.63
OAM SXK D . -8.53 3.29 2.45
CAN SXK D . -10.60 2.34 3.49
CAO SXK D . -0.48 2.51 0.18
CAP SXK D . -7.23 3.06 2.06
CAQ SXK D . -2.15 2.88 1.91
CAR SXK D . -4.51 2.87 1.30
CAS SXK D . -3.17 2.76 0.93
FCC SXK D . 0.82 2.38 -0.20
FDD SXK D . -2.42 3.10 3.23
HAE SXK D . -1.22 2.23 -1.83
HAF SXK D . -6.86 5.21 2.24
HAG SXK D . -7.29 0.89 1.79
HAH SXK D . -4.45 5.04 1.56
HAI SXK D . -4.89 0.72 1.13
HAJ SXK D . -3.64 2.45 -1.17
HAK SXK D . 0.01 2.82 2.28
HAL SXK D . -8.57 1.79 3.88
HALA SXK D . -9.06 3.44 4.43
N MET A 1 -9.87 -19.23 -1.63
CA MET A 1 -10.41 -20.12 -0.55
C MET A 1 -9.89 -19.68 0.82
N ASP A 2 -8.61 -19.82 1.07
CA ASP A 2 -8.04 -19.40 2.38
C ASP A 2 -7.95 -17.88 2.44
N ASP A 3 -8.54 -17.27 3.45
CA ASP A 3 -8.52 -15.78 3.60
C ASP A 3 -9.38 -15.13 2.49
N ILE A 4 -9.94 -13.99 2.76
CA ILE A 4 -10.77 -13.30 1.74
C ILE A 4 -9.91 -12.28 0.99
N TYR A 5 -9.15 -11.48 1.70
CA TYR A 5 -8.26 -10.49 1.03
C TYR A 5 -7.13 -11.21 0.30
N LYS A 6 -6.64 -12.30 0.86
CA LYS A 6 -5.56 -13.07 0.17
C LYS A 6 -6.11 -13.67 -1.12
N ALA A 7 -7.32 -14.20 -1.07
CA ALA A 7 -7.93 -14.76 -2.32
C ALA A 7 -8.09 -13.65 -3.36
N ALA A 8 -8.39 -12.44 -2.92
CA ALA A 8 -8.55 -11.30 -3.87
C ALA A 8 -7.19 -10.97 -4.51
N VAL A 9 -6.09 -11.26 -3.85
CA VAL A 9 -4.75 -10.98 -4.44
C VAL A 9 -4.60 -11.74 -5.77
N GLU A 10 -5.08 -12.97 -5.82
CA GLU A 10 -4.99 -13.76 -7.08
C GLU A 10 -5.79 -13.07 -8.20
N GLN A 11 -6.83 -12.35 -7.85
CA GLN A 11 -7.63 -11.61 -8.88
C GLN A 11 -6.72 -10.60 -9.60
N LEU A 12 -5.77 -10.04 -8.88
CA LEU A 12 -4.82 -9.06 -9.50
C LEU A 12 -3.91 -9.80 -10.51
N THR A 13 -3.76 -11.09 -10.32
CA THR A 13 -2.90 -11.96 -11.20
C THR A 13 -1.42 -11.72 -10.93
N GLU A 14 -0.57 -12.60 -11.41
CA GLU A 14 0.89 -12.46 -11.16
C GLU A 14 1.40 -11.11 -11.69
N GLU A 15 0.79 -10.58 -12.72
CA GLU A 15 1.23 -9.25 -13.25
C GLU A 15 1.14 -8.21 -12.14
N GLN A 16 0.04 -8.17 -11.42
CA GLN A 16 -0.10 -7.18 -10.30
C GLN A 16 0.77 -7.60 -9.12
N LYS A 17 0.83 -8.89 -8.87
CA LYS A 17 1.66 -9.40 -7.74
C LYS A 17 3.11 -8.94 -7.94
N ASN A 18 3.63 -9.08 -9.14
CA ASN A 18 5.02 -8.62 -9.42
C ASN A 18 5.06 -7.09 -9.42
N GLU A 19 4.02 -6.46 -9.91
CA GLU A 19 3.97 -4.96 -9.93
C GLU A 19 4.01 -4.42 -8.50
N PHE A 20 3.14 -4.90 -7.63
CA PHE A 20 3.14 -4.43 -6.22
C PHE A 20 4.47 -4.78 -5.55
N LYS A 21 5.00 -5.96 -5.81
CA LYS A 21 6.31 -6.35 -5.21
C LYS A 21 7.39 -5.34 -5.62
N ALA A 22 7.44 -4.99 -6.88
CA ALA A 22 8.46 -4.00 -7.36
C ALA A 22 8.14 -2.61 -6.80
N ALA A 23 6.89 -2.19 -6.87
CA ALA A 23 6.50 -0.86 -6.31
C ALA A 23 6.75 -0.84 -4.80
N PHE A 24 6.55 -1.96 -4.14
CA PHE A 24 6.80 -2.04 -2.67
C PHE A 24 8.26 -1.71 -2.38
N ASP A 25 9.17 -2.33 -3.11
CA ASP A 25 10.62 -2.04 -2.89
C ASP A 25 10.91 -0.57 -3.27
N ILE A 26 10.21 -0.05 -4.27
CA ILE A 26 10.42 1.38 -4.65
C ILE A 26 9.92 2.29 -3.51
N PHE A 27 8.88 1.88 -2.83
CA PHE A 27 8.34 2.69 -1.70
C PHE A 27 9.36 2.77 -0.55
N VAL A 28 10.11 1.72 -0.33
CA VAL A 28 11.12 1.73 0.79
C VAL A 28 12.51 2.17 0.30
N LEU A 29 12.67 2.52 -0.95
CA LEU A 29 14.01 2.97 -1.44
C LEU A 29 14.41 4.27 -0.72
N GLY A 30 13.50 5.21 -0.62
CA GLY A 30 13.80 6.48 0.09
C GLY A 30 13.12 6.44 1.47
N ALA A 31 13.21 5.32 2.15
CA ALA A 31 12.57 5.21 3.50
C ALA A 31 13.60 5.29 4.63
N GLU A 32 13.34 6.12 5.60
CA GLU A 32 14.28 6.25 6.76
C GLU A 32 14.11 5.06 7.72
N ASP A 33 12.92 4.52 7.81
CA ASP A 33 12.67 3.37 8.73
C ASP A 33 13.17 2.06 8.09
N GLY A 34 13.03 1.93 6.80
CA GLY A 34 13.49 0.68 6.11
C GLY A 34 12.29 0.02 5.40
N CYS A 35 11.13 0.07 6.00
CA CYS A 35 9.91 -0.53 5.37
C CYS A 35 8.85 0.55 5.15
N ILE A 36 7.66 0.16 4.76
CA ILE A 36 6.59 1.18 4.52
C ILE A 36 5.79 1.44 5.80
N SER A 37 6.07 2.52 6.47
CA SER A 37 5.34 2.88 7.72
C SER A 37 4.51 4.14 7.47
N THR A 38 3.80 4.62 8.46
CA THR A 38 2.99 5.87 8.26
C THR A 38 3.92 7.05 7.94
N LYS A 39 5.04 7.14 8.63
CA LYS A 39 6.00 8.26 8.36
C LYS A 39 6.49 8.20 6.90
N GLU A 40 6.66 7.01 6.38
CA GLU A 40 7.11 6.86 4.97
C GLU A 40 5.91 6.97 4.02
N LEU A 41 4.79 6.41 4.41
CA LEU A 41 3.56 6.47 3.55
C LEU A 41 3.11 7.94 3.37
N GLY A 42 3.01 8.68 4.45
CA GLY A 42 2.56 10.09 4.36
C GLY A 42 3.42 10.88 3.36
N LYS A 43 4.71 10.63 3.32
CA LYS A 43 5.59 11.37 2.35
C LYS A 43 5.04 11.22 0.92
N VAL A 44 4.59 10.05 0.56
CA VAL A 44 4.03 9.83 -0.82
C VAL A 44 2.57 10.28 -0.86
N MET A 45 1.83 10.04 0.21
CA MET A 45 0.39 10.45 0.25
C MET A 45 0.25 11.96 0.11
N ARG A 46 1.11 12.72 0.76
CA ARG A 46 1.04 14.20 0.64
C ARG A 46 1.40 14.63 -0.78
N MET A 47 2.35 13.95 -1.40
CA MET A 47 2.74 14.29 -2.80
C MET A 47 1.68 13.76 -3.80
N LEU A 48 0.66 13.10 -3.32
CA LEU A 48 -0.41 12.57 -4.23
C LEU A 48 -1.76 13.20 -3.86
N GLY A 49 -2.17 13.08 -2.62
CA GLY A 49 -3.47 13.66 -2.18
C GLY A 49 -3.20 14.80 -1.18
N GLN A 50 -3.65 14.64 0.04
CA GLN A 50 -3.43 15.71 1.07
C GLN A 50 -3.06 15.12 2.44
N ASN A 51 -2.72 13.85 2.52
CA ASN A 51 -2.36 13.25 3.85
C ASN A 51 -0.92 13.65 4.22
N PRO A 52 -0.82 14.51 5.21
CA PRO A 52 0.49 15.03 5.66
C PRO A 52 1.10 14.21 6.82
N THR A 53 0.56 14.34 8.01
CA THR A 53 1.12 13.61 9.19
C THR A 53 0.88 12.09 9.06
N PRO A 54 1.87 11.35 9.51
CA PRO A 54 1.80 9.86 9.46
C PRO A 54 0.72 9.34 10.43
N GLU A 55 0.52 10.02 11.54
CA GLU A 55 -0.52 9.56 12.53
C GLU A 55 -1.90 9.50 11.84
N GLU A 56 -2.13 10.35 10.88
CA GLU A 56 -3.44 10.34 10.16
C GLU A 56 -3.62 9.01 9.42
N LEU A 57 -2.57 8.49 8.84
CA LEU A 57 -2.68 7.18 8.12
C LEU A 57 -2.49 6.00 9.08
N GLN A 58 -2.00 6.26 10.28
CA GLN A 58 -1.80 5.14 11.26
C GLN A 58 -3.11 4.36 11.48
N GLU A 59 -4.22 5.04 11.52
CA GLU A 59 -5.52 4.32 11.71
C GLU A 59 -5.71 3.31 10.57
N MET A 60 -5.21 3.61 9.40
CA MET A 60 -5.34 2.67 8.25
C MET A 60 -4.30 1.54 8.37
N ILE A 61 -3.05 1.87 8.64
CA ILE A 61 -2.01 0.79 8.77
C ILE A 61 -2.35 -0.14 9.95
N ASP A 62 -2.80 0.39 11.06
CA ASP A 62 -3.16 -0.48 12.23
C ASP A 62 -4.35 -1.38 11.86
N GLU A 63 -5.28 -0.87 11.09
CA GLU A 63 -6.47 -1.70 10.67
C GLU A 63 -6.02 -2.90 9.83
N VAL A 64 -4.91 -2.77 9.12
CA VAL A 64 -4.42 -3.91 8.28
C VAL A 64 -3.06 -4.43 8.81
N ASP A 65 -2.78 -4.25 10.08
CA ASP A 65 -1.48 -4.74 10.65
C ASP A 65 -1.71 -5.92 11.59
N GLU A 66 -2.23 -5.67 12.78
CA GLU A 66 -2.47 -6.76 13.77
C GLU A 66 -1.16 -7.51 14.09
N ASP A 67 -0.04 -6.88 13.90
CA ASP A 67 1.27 -7.55 14.19
C ASP A 67 1.97 -6.89 15.40
N GLY A 68 1.33 -5.94 16.04
CA GLY A 68 1.98 -5.25 17.20
C GLY A 68 3.22 -4.50 16.69
N SER A 69 3.12 -3.92 15.52
CA SER A 69 4.29 -3.19 14.94
C SER A 69 3.82 -1.88 14.27
N GLY A 70 2.87 -1.97 13.37
CA GLY A 70 2.40 -0.73 12.67
C GLY A 70 3.23 -0.53 11.40
N THR A 71 3.44 -1.59 10.66
CA THR A 71 4.26 -1.50 9.42
C THR A 71 3.63 -2.36 8.31
N VAL A 72 3.37 -1.80 7.17
CA VAL A 72 2.76 -2.59 6.06
C VAL A 72 3.84 -3.42 5.33
N ASP A 73 3.85 -4.71 5.56
CA ASP A 73 4.86 -5.58 4.87
C ASP A 73 4.33 -6.00 3.48
N PHE A 74 4.90 -7.01 2.88
CA PHE A 74 4.42 -7.45 1.53
C PHE A 74 2.98 -7.97 1.61
N ASP A 75 2.71 -8.87 2.53
CA ASP A 75 1.32 -9.40 2.69
C ASP A 75 0.35 -8.25 3.01
N GLU A 76 0.68 -7.45 4.00
CA GLU A 76 -0.20 -6.30 4.37
C GLU A 76 -0.38 -5.34 3.17
N PHE A 77 0.67 -5.12 2.41
CA PHE A 77 0.56 -4.20 1.23
C PHE A 77 -0.50 -4.73 0.25
N LEU A 78 -0.45 -6.00 -0.08
CA LEU A 78 -1.46 -6.56 -1.04
C LEU A 78 -2.85 -6.55 -0.39
N VAL A 79 -2.93 -6.83 0.90
CA VAL A 79 -4.25 -6.82 1.61
C VAL A 79 -4.89 -5.43 1.50
N MET A 80 -4.10 -4.38 1.55
CA MET A 80 -4.66 -3.01 1.44
C MET A 80 -5.15 -2.75 0.01
N MET A 81 -4.41 -3.22 -0.97
CA MET A 81 -4.84 -3.02 -2.39
C MET A 81 -6.17 -3.74 -2.64
N VAL A 82 -6.29 -4.97 -2.23
CA VAL A 82 -7.58 -5.71 -2.44
C VAL A 82 -8.68 -5.08 -1.56
N ARG A 83 -8.31 -4.50 -0.44
CA ARG A 83 -9.33 -3.84 0.44
C ARG A 83 -10.01 -2.70 -0.32
N CYS A 84 -9.26 -1.95 -1.10
CA CYS A 84 -9.87 -0.83 -1.89
C CYS A 84 -10.89 -1.40 -2.91
N MET A 85 -10.60 -2.56 -3.46
CA MET A 85 -11.56 -3.18 -4.43
C MET A 85 -12.77 -3.77 -3.71
N LYS A 86 -12.55 -4.32 -2.52
CA LYS A 86 -13.66 -4.93 -1.73
C LYS A 86 -14.28 -6.13 -2.48
N ASP A 87 -15.23 -5.88 -3.36
CA ASP A 87 -15.86 -7.00 -4.12
C ASP A 87 -15.85 -6.71 -5.63
N ASP A 88 -14.68 -6.59 -6.21
CA ASP A 88 -14.59 -6.30 -7.68
C ASP A 88 -14.09 -7.54 -8.42
N SER A 89 -14.95 -8.20 -9.15
CA SER A 89 -14.53 -9.42 -9.90
C SER A 89 -15.46 -9.65 -11.11
N ARG B 1 -13.74 4.17 1.99
CA ARG B 1 -14.57 4.62 3.15
C ARG B 1 -14.04 5.97 3.68
N ARG B 2 -12.92 5.97 4.36
CA ARG B 2 -12.36 7.26 4.89
C ARG B 2 -11.73 8.05 3.74
N VAL B 3 -10.80 7.46 3.04
CA VAL B 3 -10.14 8.17 1.89
C VAL B 3 -10.39 7.37 0.60
N ARG B 4 -9.84 7.79 -0.51
CA ARG B 4 -10.06 7.04 -1.79
C ARG B 4 -8.76 6.93 -2.59
N ILE B 5 -7.76 6.31 -2.04
CA ILE B 5 -6.47 6.14 -2.77
C ILE B 5 -6.49 4.82 -3.55
N SER B 6 -6.42 4.89 -4.86
CA SER B 6 -6.44 3.63 -5.68
C SER B 6 -5.04 3.03 -5.79
N ALA B 7 -4.97 1.78 -6.22
CA ALA B 7 -3.64 1.12 -6.36
C ALA B 7 -2.83 1.76 -7.52
N ASP B 8 -3.51 2.31 -8.50
CA ASP B 8 -2.79 2.97 -9.65
C ASP B 8 -2.24 4.34 -9.22
N ALA B 9 -2.98 5.08 -8.43
CA ALA B 9 -2.50 6.43 -7.98
C ALA B 9 -1.10 6.33 -7.35
N MET B 10 -0.82 5.27 -6.63
CA MET B 10 0.52 5.12 -6.00
C MET B 10 1.56 4.69 -7.04
N MET B 11 1.17 3.86 -7.99
CA MET B 11 2.15 3.41 -9.03
C MET B 11 2.63 4.62 -9.86
N GLN B 12 1.72 5.39 -10.41
CA GLN B 12 2.15 6.59 -11.20
C GLN B 12 2.91 7.58 -10.31
N ALA B 13 2.69 7.52 -9.01
CA ALA B 13 3.41 8.45 -8.08
C ALA B 13 4.82 7.92 -7.76
N LEU B 14 4.96 6.64 -7.56
CA LEU B 14 6.30 6.05 -7.25
C LEU B 14 7.00 5.61 -8.54
N LEU B 15 6.41 4.70 -9.28
CA LEU B 15 7.04 4.23 -10.55
C LEU B 15 7.10 5.37 -11.59
N GLY B 16 6.05 6.15 -11.69
CA GLY B 16 6.05 7.29 -12.67
C GLY B 16 7.19 8.27 -12.35
N ALA B 17 7.59 8.34 -11.10
CA ALA B 17 8.70 9.27 -10.72
C ALA B 17 10.08 8.58 -10.78
N ARG B 18 10.13 7.28 -10.55
CA ARG B 18 11.45 6.57 -10.58
C ARG B 18 11.55 5.61 -11.78
N ALA B 19 10.68 4.62 -11.85
CA ALA B 19 10.74 3.64 -12.98
C ALA B 19 10.12 4.24 -14.26
N LYS B 20 10.93 4.83 -15.10
CA LYS B 20 10.40 5.41 -16.37
C LYS B 20 11.53 5.52 -17.43
CA CA C . 3.03 -5.50 10.43
OAA SXK D . -11.11 4.04 2.82
OAB SXK D . -9.74 3.48 4.47
CAE SXK D . -1.11 2.59 -0.60
CAF SXK D . -6.57 4.10 1.27
CAG SXK D . -6.61 1.67 0.93
CAH SXK D . -5.16 4.10 1.14
CAI SXK D . -5.21 1.65 0.80
CAJ SXK D . -2.51 2.59 -0.48
CAK SXK D . -0.87 3.15 1.77
CAL SXK D . -9.40 2.40 2.39
OAM SXK D . -8.66 3.02 1.32
CAN SXK D . -10.14 3.39 3.30
CAO SXK D . -0.31 2.86 0.52
CAP SXK D . -7.30 2.88 1.16
CAQ SXK D . -2.27 3.16 1.90
CAR SXK D . -4.49 2.87 0.91
CAS SXK D . -3.09 2.88 0.77
FCC SXK D . 1.06 2.85 0.39
FDD SXK D . -2.80 3.46 3.13
HAE SXK D . -0.64 2.36 -1.56
HAF SXK D . -7.10 5.04 1.45
HAG SXK D . -7.16 0.72 0.85
HAH SXK D . -4.61 5.03 1.22
HAI SXK D . -4.68 0.71 0.62
HAJ SXK D . -3.15 2.38 -1.34
HAK SXK D . -0.23 3.37 2.63
HAL SXK D . -10.15 1.72 1.95
HALA SXK D . -8.70 1.87 3.02
N MET A 1 -7.59 -10.81 10.14
CA MET A 1 -7.23 -11.48 8.85
C MET A 1 -8.38 -11.33 7.84
N ASP A 2 -8.06 -11.15 6.58
CA ASP A 2 -9.13 -10.99 5.54
C ASP A 2 -9.48 -12.35 4.93
N ASP A 3 -10.61 -12.43 4.25
CA ASP A 3 -11.02 -13.73 3.62
C ASP A 3 -11.21 -13.57 2.10
N ILE A 4 -11.82 -12.51 1.65
CA ILE A 4 -12.03 -12.33 0.18
C ILE A 4 -10.92 -11.50 -0.47
N TYR A 5 -10.45 -10.47 0.19
CA TYR A 5 -9.35 -9.63 -0.41
C TYR A 5 -8.01 -10.35 -0.28
N LYS A 6 -7.77 -11.01 0.83
CA LYS A 6 -6.49 -11.76 1.00
C LYS A 6 -6.42 -12.91 0.00
N ALA A 7 -7.55 -13.57 -0.24
CA ALA A 7 -7.57 -14.70 -1.22
C ALA A 7 -7.05 -14.24 -2.59
N ALA A 8 -7.48 -13.07 -3.03
CA ALA A 8 -7.00 -12.55 -4.35
C ALA A 8 -5.48 -12.36 -4.32
N VAL A 9 -4.96 -11.88 -3.22
CA VAL A 9 -3.47 -11.67 -3.11
C VAL A 9 -2.76 -13.02 -2.91
N GLU A 10 -3.30 -13.87 -2.06
CA GLU A 10 -2.65 -15.21 -1.83
C GLU A 10 -2.55 -15.97 -3.17
N GLN A 11 -3.54 -15.82 -4.01
CA GLN A 11 -3.51 -16.51 -5.33
C GLN A 11 -3.27 -15.49 -6.45
N LEU A 12 -2.30 -14.62 -6.28
CA LEU A 12 -2.00 -13.59 -7.32
C LEU A 12 -1.15 -14.18 -8.45
N THR A 13 -1.28 -13.66 -9.64
CA THR A 13 -0.46 -14.19 -10.78
C THR A 13 0.91 -13.53 -10.78
N GLU A 14 1.90 -14.21 -11.30
CA GLU A 14 3.28 -13.62 -11.31
C GLU A 14 3.29 -12.27 -12.03
N GLU A 15 2.43 -12.09 -13.01
CA GLU A 15 2.39 -10.78 -13.74
C GLU A 15 2.02 -9.66 -12.75
N GLN A 16 1.01 -9.85 -11.95
CA GLN A 16 0.62 -8.79 -10.96
C GLN A 16 1.57 -8.80 -9.77
N LYS A 17 2.15 -9.94 -9.46
CA LYS A 17 3.11 -10.02 -8.31
C LYS A 17 4.29 -9.07 -8.57
N ASN A 18 4.85 -9.12 -9.75
CA ASN A 18 6.00 -8.22 -10.09
C ASN A 18 5.50 -6.77 -10.25
N GLU A 19 4.30 -6.60 -10.77
CA GLU A 19 3.74 -5.22 -10.95
C GLU A 19 3.64 -4.53 -9.58
N PHE A 20 3.07 -5.18 -8.60
CA PHE A 20 2.95 -4.56 -7.24
C PHE A 20 4.35 -4.44 -6.60
N LYS A 21 5.24 -5.35 -6.91
CA LYS A 21 6.62 -5.27 -6.34
C LYS A 21 7.28 -3.95 -6.74
N ALA A 22 7.15 -3.56 -7.98
CA ALA A 22 7.76 -2.26 -8.44
C ALA A 22 7.16 -1.09 -7.64
N ALA A 23 5.86 -1.08 -7.45
CA ALA A 23 5.22 0.03 -6.65
C ALA A 23 5.72 -0.02 -5.20
N PHE A 24 5.75 -1.19 -4.62
CA PHE A 24 6.23 -1.33 -3.21
C PHE A 24 7.72 -0.99 -3.11
N ASP A 25 8.50 -1.39 -4.09
CA ASP A 25 9.97 -1.11 -4.07
C ASP A 25 10.24 0.40 -3.90
N ILE A 26 9.64 1.22 -4.73
CA ILE A 26 9.87 2.70 -4.59
C ILE A 26 9.21 3.23 -3.31
N PHE A 27 8.16 2.59 -2.86
CA PHE A 27 7.47 3.07 -1.61
C PHE A 27 8.39 2.92 -0.38
N VAL A 28 9.24 1.93 -0.37
CA VAL A 28 10.17 1.75 0.81
C VAL A 28 11.51 2.48 0.56
N LEU A 29 11.48 3.60 -0.11
CA LEU A 29 12.75 4.36 -0.37
C LEU A 29 13.30 4.91 0.95
N GLY A 30 12.45 5.44 1.79
CA GLY A 30 12.92 5.98 3.10
C GLY A 30 12.52 5.03 4.23
N ALA A 31 12.64 3.75 4.01
CA ALA A 31 12.27 2.76 5.08
C ALA A 31 13.48 1.88 5.42
N GLU A 32 14.21 2.26 6.44
CA GLU A 32 15.42 1.45 6.85
C GLU A 32 15.00 0.05 7.29
N ASP A 33 13.83 -0.09 7.87
CA ASP A 33 13.35 -1.44 8.32
C ASP A 33 13.10 -2.35 7.10
N GLY A 34 12.72 -1.79 5.97
CA GLY A 34 12.47 -2.63 4.76
C GLY A 34 10.99 -2.61 4.38
N CYS A 35 10.11 -2.57 5.35
CA CYS A 35 8.64 -2.56 5.03
C CYS A 35 8.15 -1.12 4.82
N ILE A 36 6.86 -0.92 4.73
CA ILE A 36 6.33 0.47 4.52
C ILE A 36 5.79 1.04 5.84
N SER A 37 6.20 2.23 6.19
CA SER A 37 5.72 2.87 7.45
C SER A 37 4.74 4.01 7.11
N THR A 38 3.97 4.46 8.07
CA THR A 38 3.00 5.56 7.79
C THR A 38 3.77 6.85 7.41
N LYS A 39 4.96 7.03 7.91
CA LYS A 39 5.77 8.24 7.55
C LYS A 39 5.99 8.29 6.03
N GLU A 40 6.30 7.17 5.43
CA GLU A 40 6.52 7.15 3.95
C GLU A 40 5.18 7.25 3.22
N LEU A 41 4.15 6.63 3.75
CA LEU A 41 2.81 6.70 3.09
C LEU A 41 2.33 8.17 3.03
N GLY A 42 2.43 8.88 4.13
CA GLY A 42 2.00 10.32 4.13
C GLY A 42 2.72 11.08 3.01
N LYS A 43 3.99 10.80 2.79
CA LYS A 43 4.74 11.50 1.70
C LYS A 43 4.06 11.26 0.35
N VAL A 44 3.59 10.06 0.12
CA VAL A 44 2.89 9.76 -1.17
C VAL A 44 1.49 10.37 -1.15
N MET A 45 0.83 10.32 -0.01
CA MET A 45 -0.55 10.90 0.11
C MET A 45 -0.52 12.38 -0.26
N ARG A 46 0.47 13.11 0.19
CA ARG A 46 0.56 14.56 -0.15
C ARG A 46 0.75 14.73 -1.66
N MET A 47 1.55 13.87 -2.27
CA MET A 47 1.77 13.95 -3.75
C MET A 47 0.44 13.69 -4.49
N LEU A 48 -0.44 12.91 -3.91
CA LEU A 48 -1.75 12.62 -4.58
C LEU A 48 -2.66 13.85 -4.54
N GLY A 49 -2.67 14.58 -3.44
CA GLY A 49 -3.55 15.79 -3.34
C GLY A 49 -4.09 15.96 -1.91
N GLN A 50 -4.28 14.86 -1.20
CA GLN A 50 -4.83 14.96 0.20
C GLN A 50 -3.93 14.22 1.19
N ASN A 51 -3.56 14.87 2.27
CA ASN A 51 -2.69 14.21 3.30
C ASN A 51 -2.58 15.10 4.54
N PRO A 52 -3.27 14.71 5.59
CA PRO A 52 -3.24 15.48 6.85
C PRO A 52 -1.93 15.20 7.61
N THR A 53 -1.79 14.02 8.18
CA THR A 53 -0.53 13.69 8.93
C THR A 53 -0.12 12.23 8.64
N PRO A 54 1.16 11.98 8.71
CA PRO A 54 1.69 10.61 8.43
C PRO A 54 1.31 9.63 9.56
N GLU A 55 1.51 10.00 10.80
CA GLU A 55 1.16 9.09 11.94
C GLU A 55 -0.36 8.89 12.03
N GLU A 56 -1.13 9.78 11.45
CA GLU A 56 -2.63 9.62 11.49
C GLU A 56 -3.04 8.32 10.79
N LEU A 57 -2.23 7.84 9.88
CA LEU A 57 -2.56 6.57 9.15
C LEU A 57 -2.09 5.32 9.93
N GLN A 58 -1.32 5.50 10.98
CA GLN A 58 -0.82 4.32 11.78
C GLN A 58 -1.96 3.34 12.11
N GLU A 59 -3.03 3.81 12.70
CA GLU A 59 -4.17 2.90 13.04
C GLU A 59 -4.61 2.08 11.81
N MET A 60 -4.52 2.66 10.64
CA MET A 60 -4.92 1.91 9.40
C MET A 60 -3.85 0.88 9.03
N ILE A 61 -2.58 1.18 9.24
CA ILE A 61 -1.51 0.19 8.88
C ILE A 61 -1.63 -1.06 9.77
N ASP A 62 -2.09 -0.91 10.99
CA ASP A 62 -2.24 -2.09 11.90
C ASP A 62 -3.51 -2.89 11.51
N GLU A 63 -4.50 -2.22 10.96
CA GLU A 63 -5.75 -2.92 10.54
C GLU A 63 -5.44 -4.00 9.50
N VAL A 64 -4.70 -3.66 8.49
CA VAL A 64 -4.35 -4.65 7.42
C VAL A 64 -3.12 -5.50 7.83
N ASP A 65 -2.43 -5.12 8.89
CA ASP A 65 -1.23 -5.91 9.32
C ASP A 65 -1.68 -7.28 9.87
N GLU A 66 -1.03 -8.34 9.46
CA GLU A 66 -1.43 -9.69 9.95
C GLU A 66 -0.21 -10.46 10.49
N ASP A 67 0.81 -9.78 10.95
CA ASP A 67 2.00 -10.50 11.49
C ASP A 67 2.36 -10.07 12.94
N GLY A 68 1.91 -8.91 13.37
CA GLY A 68 2.23 -8.47 14.76
C GLY A 68 3.12 -7.23 14.74
N SER A 69 4.05 -7.14 13.81
CA SER A 69 4.96 -5.95 13.74
C SER A 69 4.15 -4.65 13.56
N GLY A 70 3.03 -4.71 12.89
CA GLY A 70 2.21 -3.47 12.68
C GLY A 70 2.58 -2.81 11.35
N THR A 71 3.85 -2.77 11.01
CA THR A 71 4.28 -2.14 9.72
C THR A 71 3.70 -2.90 8.52
N VAL A 72 3.35 -2.22 7.47
CA VAL A 72 2.79 -2.92 6.28
C VAL A 72 3.91 -3.58 5.47
N ASP A 73 3.86 -4.88 5.33
CA ASP A 73 4.92 -5.60 4.56
C ASP A 73 4.48 -5.75 3.10
N PHE A 74 5.24 -6.49 2.31
CA PHE A 74 4.86 -6.68 0.88
C PHE A 74 3.53 -7.45 0.77
N ASP A 75 3.42 -8.55 1.49
CA ASP A 75 2.17 -9.36 1.46
C ASP A 75 0.99 -8.51 1.95
N GLU A 76 1.13 -7.86 3.08
CA GLU A 76 0.04 -6.98 3.61
C GLU A 76 -0.27 -5.87 2.61
N PHE A 77 0.75 -5.28 2.03
CA PHE A 77 0.53 -4.20 1.02
C PHE A 77 -0.31 -4.73 -0.14
N LEU A 78 0.02 -5.90 -0.63
CA LEU A 78 -0.76 -6.50 -1.76
C LEU A 78 -2.25 -6.63 -1.37
N VAL A 79 -2.53 -7.12 -0.19
CA VAL A 79 -3.95 -7.26 0.26
C VAL A 79 -4.61 -5.87 0.34
N MET A 80 -3.86 -4.87 0.71
CA MET A 80 -4.42 -3.50 0.80
C MET A 80 -4.70 -2.94 -0.61
N MET A 81 -3.85 -3.23 -1.56
CA MET A 81 -4.06 -2.72 -2.96
C MET A 81 -5.37 -3.29 -3.53
N VAL A 82 -5.53 -4.60 -3.51
CA VAL A 82 -6.80 -5.20 -4.05
C VAL A 82 -8.01 -4.73 -3.22
N ARG A 83 -7.81 -4.45 -1.95
CA ARG A 83 -8.94 -3.97 -1.10
C ARG A 83 -9.49 -2.64 -1.63
N CYS A 84 -8.63 -1.67 -1.83
CA CYS A 84 -9.09 -0.34 -2.36
C CYS A 84 -9.37 -0.41 -3.87
N MET A 85 -8.77 -1.36 -4.55
CA MET A 85 -9.00 -1.49 -6.03
C MET A 85 -10.46 -1.89 -6.30
N LYS A 86 -11.00 -2.79 -5.51
CA LYS A 86 -12.40 -3.22 -5.72
C LYS A 86 -13.11 -3.41 -4.38
N ASP A 87 -13.73 -2.39 -3.86
CA ASP A 87 -14.44 -2.52 -2.55
C ASP A 87 -15.81 -3.19 -2.75
N ASP A 88 -15.80 -4.46 -3.09
CA ASP A 88 -17.09 -5.18 -3.30
C ASP A 88 -16.85 -6.71 -3.21
N SER A 89 -17.87 -7.47 -2.93
CA SER A 89 -17.71 -8.95 -2.82
C SER A 89 -17.49 -9.57 -4.22
N ARG B 1 -16.72 8.46 -2.06
CA ARG B 1 -15.42 8.19 -1.37
C ARG B 1 -14.79 9.52 -0.90
N ARG B 2 -14.65 9.68 0.40
CA ARG B 2 -14.04 10.94 0.93
C ARG B 2 -12.51 10.93 0.71
N VAL B 3 -11.87 9.83 1.01
CA VAL B 3 -10.38 9.76 0.80
C VAL B 3 -10.09 9.18 -0.59
N ARG B 4 -9.15 9.75 -1.30
CA ARG B 4 -8.85 9.24 -2.68
C ARG B 4 -7.55 8.43 -2.70
N ILE B 5 -7.65 7.14 -2.88
CA ILE B 5 -6.43 6.28 -2.93
C ILE B 5 -6.52 5.32 -4.14
N SER B 6 -7.43 4.37 -4.09
CA SER B 6 -7.60 3.39 -5.21
C SER B 6 -6.29 2.65 -5.51
N ALA B 7 -6.26 1.89 -6.58
CA ALA B 7 -5.02 1.13 -6.93
C ALA B 7 -4.36 1.76 -8.16
N ASP B 8 -5.06 1.80 -9.28
CA ASP B 8 -4.47 2.40 -10.52
C ASP B 8 -4.06 3.87 -10.28
N ALA B 9 -4.76 4.56 -9.41
CA ALA B 9 -4.41 6.00 -9.12
C ALA B 9 -3.11 6.07 -8.33
N MET B 10 -2.99 5.28 -7.28
CA MET B 10 -1.73 5.30 -6.46
C MET B 10 -0.55 4.73 -7.26
N MET B 11 -0.79 3.72 -8.06
CA MET B 11 0.32 3.12 -8.88
C MET B 11 0.94 4.19 -9.80
N GLN B 12 0.14 4.98 -10.46
CA GLN B 12 0.68 6.04 -11.37
C GLN B 12 1.56 7.03 -10.57
N ALA B 13 1.12 7.42 -9.41
CA ALA B 13 1.92 8.37 -8.58
C ALA B 13 3.23 7.71 -8.12
N LEU B 14 3.18 6.46 -7.76
CA LEU B 14 4.42 5.74 -7.30
C LEU B 14 5.41 5.56 -8.46
N LEU B 15 4.91 5.33 -9.66
CA LEU B 15 5.83 5.15 -10.83
C LEU B 15 6.52 6.47 -11.21
N GLY B 16 5.77 7.55 -11.26
CA GLY B 16 6.39 8.87 -11.62
C GLY B 16 6.89 9.58 -10.34
N ALA B 17 7.62 8.89 -9.51
CA ALA B 17 8.14 9.52 -8.26
C ALA B 17 9.68 9.64 -8.31
N ARG B 18 10.25 9.74 -9.50
CA ARG B 18 11.74 9.87 -9.64
C ARG B 18 12.47 8.71 -8.93
N ALA B 19 12.25 7.50 -9.37
CA ALA B 19 12.93 6.33 -8.73
C ALA B 19 14.43 6.36 -9.07
N LYS B 20 14.77 6.81 -10.26
CA LYS B 20 16.21 6.88 -10.67
C LYS B 20 16.59 8.32 -11.00
CA CA C . 3.97 -6.63 8.96
OAA SXK D . -11.47 0.76 3.81
OAB SXK D . -9.59 -0.14 3.03
CAE SXK D . -1.78 2.61 -0.28
CAF SXK D . -6.81 3.89 2.71
CAG SXK D . -6.96 1.52 2.05
CAH SXK D . -5.46 3.92 2.34
CAI SXK D . -5.59 1.54 1.68
CAJ SXK D . -3.15 2.59 0.10
CAK SXK D . -1.13 2.98 2.05
CAL SXK D . -9.43 2.01 4.06
OAM SXK D . -8.87 2.79 2.97
CAN SXK D . -10.23 0.78 3.60
CAO SXK D . -0.79 2.80 0.71
CAP SXK D . -7.56 2.69 2.57
CAQ SXK D . -2.49 2.97 2.43
CAR SXK D . -4.85 2.74 1.82
CAS SXK D . -3.49 2.78 1.44
FCC SXK D . 0.51 2.81 0.33
FDD SXK D . -2.79 3.15 3.75
HAE SXK D . -1.50 2.47 -1.32
HAF SXK D . -7.30 4.79 3.11
HAG SXK D . -7.52 0.59 1.94
HAH SXK D . -4.87 4.84 2.44
HAI SXK D . -5.13 0.64 1.28
HAJ SXK D . -3.92 2.44 -0.66
HAK SXK D . -0.34 3.14 2.80
HAL SXK D . -8.61 1.65 4.69
HALA SXK D . -10.12 2.64 4.61
N MET A 1 -9.44 -17.73 10.03
CA MET A 1 -10.81 -17.92 9.45
C MET A 1 -10.89 -17.29 8.05
N ASP A 2 -11.69 -17.86 7.18
CA ASP A 2 -11.85 -17.33 5.78
C ASP A 2 -10.55 -17.47 4.98
N ASP A 3 -10.66 -17.64 3.68
CA ASP A 3 -9.44 -17.78 2.84
C ASP A 3 -9.52 -16.88 1.58
N ILE A 4 -10.55 -16.08 1.44
CA ILE A 4 -10.66 -15.20 0.23
C ILE A 4 -9.54 -14.15 0.25
N TYR A 5 -9.36 -13.47 1.35
CA TYR A 5 -8.27 -12.43 1.42
C TYR A 5 -6.90 -13.07 1.17
N LYS A 6 -6.68 -14.27 1.65
CA LYS A 6 -5.37 -14.94 1.42
C LYS A 6 -5.29 -15.53 0.01
N ALA A 7 -6.32 -16.23 -0.41
CA ALA A 7 -6.31 -16.83 -1.78
C ALA A 7 -6.08 -15.75 -2.84
N ALA A 8 -6.78 -14.64 -2.75
CA ALA A 8 -6.57 -13.54 -3.75
C ALA A 8 -5.11 -13.09 -3.73
N VAL A 9 -4.55 -12.92 -2.55
CA VAL A 9 -3.12 -12.50 -2.43
C VAL A 9 -2.18 -13.62 -2.95
N GLU A 10 -2.48 -14.85 -2.64
CA GLU A 10 -1.61 -15.99 -3.09
C GLU A 10 -1.67 -16.17 -4.61
N GLN A 11 -2.84 -16.11 -5.19
CA GLN A 11 -2.96 -16.31 -6.67
C GLN A 11 -2.73 -15.00 -7.42
N LEU A 12 -3.73 -14.13 -7.50
CA LEU A 12 -3.57 -12.84 -8.25
C LEU A 12 -3.17 -13.11 -9.70
N THR A 13 -2.77 -12.10 -10.44
CA THR A 13 -2.35 -12.33 -11.86
C THR A 13 -0.91 -11.89 -12.05
N GLU A 14 -0.27 -12.39 -13.09
CA GLU A 14 1.16 -12.02 -13.34
C GLU A 14 1.31 -10.48 -13.39
N GLU A 15 0.39 -9.81 -14.03
CA GLU A 15 0.47 -8.32 -14.12
C GLU A 15 0.30 -7.69 -12.72
N GLN A 16 -0.81 -7.95 -12.07
CA GLN A 16 -1.04 -7.36 -10.71
C GLN A 16 0.14 -7.63 -9.78
N LYS A 17 0.53 -8.86 -9.67
CA LYS A 17 1.70 -9.21 -8.79
C LYS A 17 2.96 -8.44 -9.21
N ASN A 18 3.21 -8.31 -10.49
CA ASN A 18 4.42 -7.56 -10.96
C ASN A 18 4.23 -6.06 -10.71
N GLU A 19 3.11 -5.51 -11.09
CA GLU A 19 2.86 -4.04 -10.88
C GLU A 19 2.93 -3.70 -9.39
N PHE A 20 2.30 -4.49 -8.55
CA PHE A 20 2.36 -4.20 -7.07
C PHE A 20 3.79 -4.34 -6.56
N LYS A 21 4.53 -5.31 -7.07
CA LYS A 21 5.96 -5.48 -6.62
C LYS A 21 6.76 -4.23 -7.02
N ALA A 22 6.47 -3.66 -8.16
CA ALA A 22 7.19 -2.42 -8.60
C ALA A 22 6.77 -1.24 -7.70
N ALA A 23 5.49 -1.05 -7.52
CA ALA A 23 4.99 0.05 -6.65
C ALA A 23 5.50 -0.14 -5.21
N PHE A 24 5.47 -1.36 -4.73
CA PHE A 24 5.95 -1.66 -3.35
C PHE A 24 7.43 -1.30 -3.21
N ASP A 25 8.24 -1.70 -4.17
CA ASP A 25 9.71 -1.38 -4.12
C ASP A 25 9.93 0.13 -3.92
N ILE A 26 9.31 0.95 -4.74
CA ILE A 26 9.48 2.43 -4.58
C ILE A 26 8.80 2.91 -3.29
N PHE A 27 7.73 2.27 -2.89
CA PHE A 27 7.03 2.69 -1.63
C PHE A 27 7.92 2.42 -0.42
N VAL A 28 8.57 1.27 -0.36
CA VAL A 28 9.46 0.98 0.80
C VAL A 28 10.84 1.64 0.62
N LEU A 29 11.16 2.05 -0.58
CA LEU A 29 12.47 2.73 -0.82
C LEU A 29 12.52 4.01 0.03
N GLY A 30 13.45 4.09 0.93
CA GLY A 30 13.54 5.29 1.83
C GLY A 30 12.90 4.96 3.19
N ALA A 31 12.82 3.70 3.55
CA ALA A 31 12.22 3.32 4.86
C ALA A 31 13.33 2.79 5.79
N GLU A 32 13.35 3.25 7.03
CA GLU A 32 14.41 2.79 7.97
C GLU A 32 14.01 1.47 8.64
N ASP A 33 14.23 0.37 7.98
CA ASP A 33 13.89 -0.98 8.54
C ASP A 33 12.45 -1.00 9.09
N GLY A 34 11.51 -0.44 8.36
CA GLY A 34 10.09 -0.44 8.83
C GLY A 34 9.13 -0.76 7.68
N CYS A 35 9.59 -1.48 6.68
CA CYS A 35 8.71 -1.85 5.52
C CYS A 35 7.87 -0.64 5.05
N ILE A 36 6.62 -0.56 5.43
CA ILE A 36 5.78 0.60 5.00
C ILE A 36 5.09 1.21 6.23
N SER A 37 5.69 2.20 6.83
CA SER A 37 5.06 2.85 8.02
C SER A 37 4.28 4.09 7.57
N THR A 38 3.76 4.86 8.48
CA THR A 38 3.00 6.09 8.09
C THR A 38 3.93 7.02 7.28
N LYS A 39 5.19 7.05 7.61
CA LYS A 39 6.16 7.92 6.84
C LYS A 39 6.22 7.47 5.38
N GLU A 40 6.18 6.17 5.15
CA GLU A 40 6.22 5.64 3.75
C GLU A 40 4.94 6.05 3.00
N LEU A 41 3.83 6.12 3.69
CA LEU A 41 2.55 6.54 3.04
C LEU A 41 2.68 8.00 2.60
N GLY A 42 2.83 8.89 3.55
CA GLY A 42 2.96 10.35 3.24
C GLY A 42 3.97 10.59 2.11
N LYS A 43 4.95 9.72 1.96
CA LYS A 43 5.96 9.89 0.87
C LYS A 43 5.27 10.13 -0.48
N VAL A 44 4.32 9.30 -0.84
CA VAL A 44 3.59 9.51 -2.14
C VAL A 44 2.59 10.68 -1.99
N MET A 45 1.97 10.81 -0.83
CA MET A 45 0.99 11.93 -0.61
C MET A 45 1.68 13.29 -0.85
N ARG A 46 2.96 13.39 -0.61
CA ARG A 46 3.68 14.69 -0.84
C ARG A 46 3.52 15.10 -2.31
N MET A 47 3.75 14.18 -3.22
CA MET A 47 3.61 14.50 -4.68
C MET A 47 2.13 14.79 -5.00
N LEU A 48 1.23 14.16 -4.27
CA LEU A 48 -0.24 14.40 -4.50
C LEU A 48 -0.63 15.80 -4.01
N GLY A 49 -0.20 16.18 -2.83
CA GLY A 49 -0.54 17.53 -2.29
C GLY A 49 -1.40 17.43 -1.01
N GLN A 50 -2.00 16.29 -0.75
CA GLN A 50 -2.84 16.17 0.49
C GLN A 50 -2.17 15.25 1.52
N ASN A 51 -1.61 15.83 2.56
CA ASN A 51 -0.96 15.01 3.62
C ASN A 51 -0.94 15.79 4.96
N PRO A 52 -1.86 15.43 5.84
CA PRO A 52 -1.95 16.11 7.15
C PRO A 52 -0.85 15.63 8.11
N THR A 53 -1.11 14.62 8.91
CA THR A 53 -0.08 14.14 9.87
C THR A 53 0.07 12.61 9.78
N PRO A 54 1.16 12.11 10.32
CA PRO A 54 1.43 10.64 10.31
C PRO A 54 0.49 9.92 11.30
N GLU A 55 0.15 10.57 12.39
CA GLU A 55 -0.76 9.94 13.39
C GLU A 55 -2.14 9.65 12.77
N GLU A 56 -2.54 10.45 11.82
CA GLU A 56 -3.88 10.22 11.16
C GLU A 56 -3.91 8.84 10.46
N LEU A 57 -2.83 8.45 9.84
CA LEU A 57 -2.79 7.12 9.14
C LEU A 57 -2.30 6.01 10.08
N GLN A 58 -1.81 6.34 11.26
CA GLN A 58 -1.32 5.28 12.20
C GLN A 58 -2.48 4.33 12.55
N GLU A 59 -3.63 4.85 12.89
CA GLU A 59 -4.79 3.96 13.22
C GLU A 59 -5.20 3.15 11.98
N MET A 60 -5.05 3.72 10.80
CA MET A 60 -5.40 2.99 9.55
C MET A 60 -4.48 1.78 9.35
N ILE A 61 -3.22 1.91 9.71
CA ILE A 61 -2.26 0.76 9.56
C ILE A 61 -2.70 -0.43 10.43
N ASP A 62 -3.35 -0.18 11.54
CA ASP A 62 -3.80 -1.31 12.42
C ASP A 62 -4.79 -2.20 11.66
N GLU A 63 -5.74 -1.61 10.99
CA GLU A 63 -6.74 -2.42 10.22
C GLU A 63 -6.06 -3.10 9.01
N VAL A 64 -5.22 -2.37 8.31
CA VAL A 64 -4.53 -2.96 7.13
C VAL A 64 -3.45 -3.97 7.56
N ASP A 65 -2.95 -3.87 8.77
CA ASP A 65 -1.90 -4.83 9.23
C ASP A 65 -2.56 -6.08 9.84
N GLU A 66 -3.21 -5.93 10.98
CA GLU A 66 -3.90 -7.08 11.67
C GLU A 66 -3.03 -8.37 11.69
N ASP A 67 -1.72 -8.23 11.70
CA ASP A 67 -0.85 -9.45 11.73
C ASP A 67 -0.12 -9.57 13.09
N GLY A 68 0.06 -8.48 13.80
CA GLY A 68 0.76 -8.56 15.12
C GLY A 68 1.85 -7.48 15.20
N SER A 69 2.69 -7.38 14.21
CA SER A 69 3.78 -6.36 14.23
C SER A 69 3.21 -4.94 14.16
N GLY A 70 2.16 -4.73 13.39
CA GLY A 70 1.58 -3.36 13.29
C GLY A 70 2.05 -2.66 12.01
N THR A 71 3.33 -2.75 11.70
CA THR A 71 3.86 -2.09 10.46
C THR A 71 3.37 -2.82 9.20
N VAL A 72 3.00 -2.09 8.18
CA VAL A 72 2.52 -2.74 6.92
C VAL A 72 3.71 -3.31 6.13
N ASP A 73 3.62 -4.55 5.69
CA ASP A 73 4.74 -5.17 4.91
C ASP A 73 4.27 -5.53 3.50
N PHE A 74 5.02 -6.35 2.80
CA PHE A 74 4.63 -6.76 1.41
C PHE A 74 3.34 -7.59 1.43
N ASP A 75 3.26 -8.54 2.33
CA ASP A 75 2.02 -9.38 2.43
C ASP A 75 0.80 -8.50 2.70
N GLU A 76 0.91 -7.60 3.65
CA GLU A 76 -0.24 -6.69 3.95
C GLU A 76 -0.46 -5.73 2.78
N PHE A 77 0.60 -5.32 2.10
CA PHE A 77 0.44 -4.41 0.92
C PHE A 77 -0.50 -5.07 -0.10
N LEU A 78 -0.36 -6.36 -0.28
CA LEU A 78 -1.27 -7.10 -1.23
C LEU A 78 -2.69 -7.14 -0.63
N VAL A 79 -2.79 -7.42 0.65
CA VAL A 79 -4.13 -7.45 1.32
C VAL A 79 -4.78 -6.07 1.27
N MET A 80 -4.00 -5.02 1.38
CA MET A 80 -4.57 -3.64 1.32
C MET A 80 -5.08 -3.35 -0.10
N MET A 81 -4.32 -3.72 -1.11
CA MET A 81 -4.75 -3.47 -2.51
C MET A 81 -6.02 -4.29 -2.82
N VAL A 82 -6.02 -5.57 -2.52
CA VAL A 82 -7.24 -6.40 -2.76
C VAL A 82 -8.41 -5.86 -1.93
N ARG A 83 -8.13 -5.23 -0.80
CA ARG A 83 -9.22 -4.64 0.04
C ARG A 83 -9.79 -3.40 -0.66
N CYS A 84 -8.95 -2.60 -1.27
CA CYS A 84 -9.43 -1.37 -1.97
C CYS A 84 -10.23 -1.74 -3.23
N MET A 85 -9.69 -2.59 -4.07
CA MET A 85 -10.43 -3.00 -5.30
C MET A 85 -11.53 -4.02 -4.98
N LYS A 86 -11.64 -4.45 -3.73
CA LYS A 86 -12.69 -5.45 -3.34
C LYS A 86 -12.59 -6.73 -4.18
N ASP A 87 -11.40 -7.25 -4.36
CA ASP A 87 -11.24 -8.50 -5.15
C ASP A 87 -11.46 -9.71 -4.24
N ASP A 88 -12.69 -10.13 -4.09
CA ASP A 88 -12.99 -11.30 -3.20
C ASP A 88 -12.77 -12.61 -3.96
N SER A 89 -11.53 -12.99 -4.14
CA SER A 89 -11.22 -14.26 -4.87
C SER A 89 -10.81 -15.37 -3.89
N ARG B 1 -8.43 14.01 7.42
CA ARG B 1 -8.64 14.28 5.97
C ARG B 1 -9.14 13.01 5.26
N ARG B 2 -10.12 13.14 4.40
CA ARG B 2 -10.65 11.94 3.68
C ARG B 2 -9.89 11.77 2.35
N VAL B 3 -9.72 10.54 1.90
CA VAL B 3 -8.99 10.30 0.62
C VAL B 3 -9.52 9.02 -0.06
N ARG B 4 -9.55 9.02 -1.37
CA ARG B 4 -10.05 7.80 -2.11
C ARG B 4 -8.90 6.84 -2.46
N ILE B 5 -7.69 7.36 -2.62
CA ILE B 5 -6.51 6.49 -2.98
C ILE B 5 -6.74 5.80 -4.33
N SER B 6 -6.51 6.51 -5.41
CA SER B 6 -6.70 5.91 -6.76
C SER B 6 -5.48 5.04 -7.14
N ALA B 7 -5.66 3.75 -7.23
CA ALA B 7 -4.53 2.85 -7.57
C ALA B 7 -3.92 3.23 -8.94
N ASP B 8 -4.75 3.55 -9.89
CA ASP B 8 -4.25 3.95 -11.25
C ASP B 8 -3.42 5.24 -11.16
N ALA B 9 -3.84 6.17 -10.34
CA ALA B 9 -3.08 7.46 -10.21
C ALA B 9 -1.85 7.26 -9.33
N MET B 10 -2.01 6.61 -8.19
CA MET B 10 -0.84 6.37 -7.29
C MET B 10 0.28 5.63 -8.04
N MET B 11 -0.06 4.62 -8.81
CA MET B 11 0.98 3.86 -9.58
C MET B 11 1.76 4.80 -10.50
N GLN B 12 1.08 5.57 -11.32
CA GLN B 12 1.77 6.51 -12.25
C GLN B 12 2.58 7.56 -11.47
N ALA B 13 2.10 7.96 -10.31
CA ALA B 13 2.83 8.98 -9.49
C ALA B 13 4.28 8.55 -9.23
N LEU B 14 4.52 7.27 -9.04
CA LEU B 14 5.91 6.79 -8.77
C LEU B 14 6.47 5.94 -9.94
N LEU B 15 5.78 5.87 -11.05
CA LEU B 15 6.29 5.08 -12.21
C LEU B 15 6.56 5.98 -13.42
N GLY B 16 5.64 6.86 -13.75
CA GLY B 16 5.86 7.76 -14.93
C GLY B 16 5.47 9.19 -14.58
N ALA B 17 6.15 9.81 -13.64
CA ALA B 17 5.82 11.21 -13.26
C ALA B 17 7.11 12.02 -13.05
N ARG B 18 7.80 11.80 -11.95
CA ARG B 18 9.07 12.55 -11.67
C ARG B 18 9.92 11.80 -10.64
N ALA B 19 10.17 10.53 -10.88
CA ALA B 19 10.98 9.73 -9.92
C ALA B 19 11.95 8.81 -10.69
N LYS B 20 13.23 9.01 -10.53
CA LYS B 20 14.23 8.15 -11.25
C LYS B 20 15.49 7.97 -10.41
CA CA C . 3.01 -6.78 9.72
OAA SXK D . -10.57 4.04 4.13
OAB SXK D . -9.13 2.40 3.70
CAE SXK D . -1.04 2.70 -0.36
CAF SXK D . -5.30 5.52 2.70
CAG SXK D . -6.07 3.19 2.48
CAH SXK D . -4.02 5.16 2.24
CAI SXK D . -4.78 2.82 2.02
CAJ SXK D . -2.32 3.11 0.09
CAK SXK D . -0.13 2.94 1.90
CAL SXK D . -8.22 4.47 4.42
OAM SXK D . -7.53 5.03 3.27
CAN SXK D . -9.40 3.57 4.05
CAO SXK D . 0.03 2.62 0.55
CAP SXK D . -6.32 4.54 2.81
CAQ SXK D . -1.41 3.36 2.36
CAR SXK D . -3.76 3.80 1.91
CAS SXK D . -2.49 3.44 1.45
FCC SXK D . 1.25 2.22 0.09
FDD SXK D . -1.54 3.67 3.68
HAE SXK D . -0.89 2.44 -1.41
HAF SXK D . -5.52 6.57 2.96
HAG SXK D . -6.84 2.43 2.56
HAH SXK D . -3.23 5.91 2.15
HAI SXK D . -4.58 1.78 1.76
HAJ SXK D . -3.15 3.17 -0.61
HAK SXK D . 0.71 2.88 2.59
HAL SXK D . -7.51 3.88 5.01
HALA SXK D . -8.64 5.30 4.99
N MET A 1 -15.80 -18.29 6.17
CA MET A 1 -14.92 -17.15 5.74
C MET A 1 -13.45 -17.56 5.86
N ASP A 2 -12.92 -18.26 4.89
CA ASP A 2 -11.50 -18.69 4.95
C ASP A 2 -10.74 -18.30 3.68
N ASP A 3 -9.80 -17.39 3.81
CA ASP A 3 -8.99 -16.94 2.63
C ASP A 3 -9.89 -16.49 1.46
N ILE A 4 -10.71 -15.49 1.69
CA ILE A 4 -11.61 -15.00 0.59
C ILE A 4 -10.93 -13.84 -0.16
N TYR A 5 -10.48 -12.84 0.56
CA TYR A 5 -9.79 -11.69 -0.09
C TYR A 5 -8.27 -11.89 -0.03
N LYS A 6 -7.78 -12.45 1.06
CA LYS A 6 -6.31 -12.71 1.18
C LYS A 6 -5.87 -13.72 0.10
N ALA A 7 -6.77 -14.59 -0.32
CA ALA A 7 -6.42 -15.59 -1.38
C ALA A 7 -5.86 -14.85 -2.61
N ALA A 8 -6.49 -13.77 -3.01
CA ALA A 8 -5.98 -12.98 -4.16
C ALA A 8 -4.65 -12.33 -3.78
N VAL A 9 -4.57 -11.77 -2.60
CA VAL A 9 -3.31 -11.12 -2.12
C VAL A 9 -2.13 -12.12 -2.18
N GLU A 10 -2.37 -13.35 -1.81
CA GLU A 10 -1.28 -14.38 -1.82
C GLU A 10 -0.77 -14.63 -3.25
N GLN A 11 -1.66 -14.77 -4.21
CA GLN A 11 -1.21 -15.01 -5.61
C GLN A 11 -2.05 -14.23 -6.62
N LEU A 12 -1.73 -12.98 -6.83
CA LEU A 12 -2.50 -12.16 -7.83
C LEU A 12 -2.17 -12.66 -9.24
N THR A 13 -0.99 -12.34 -9.72
CA THR A 13 -0.55 -12.79 -11.07
C THR A 13 0.97 -12.78 -11.11
N GLU A 14 1.57 -13.56 -11.99
CA GLU A 14 3.05 -13.58 -12.06
C GLU A 14 3.63 -12.16 -12.25
N GLU A 15 2.90 -11.31 -12.95
CA GLU A 15 3.39 -9.92 -13.18
C GLU A 15 2.89 -8.98 -12.06
N GLN A 16 1.63 -9.09 -11.69
CA GLN A 16 1.07 -8.20 -10.62
C GLN A 16 1.99 -8.16 -9.40
N LYS A 17 2.21 -9.29 -8.80
CA LYS A 17 3.10 -9.35 -7.60
C LYS A 17 4.48 -8.78 -7.93
N ASN A 18 5.01 -9.06 -9.10
CA ASN A 18 6.35 -8.53 -9.48
C ASN A 18 6.29 -7.00 -9.62
N GLU A 19 5.22 -6.49 -10.19
CA GLU A 19 5.07 -5.00 -10.34
C GLU A 19 5.05 -4.34 -8.97
N PHE A 20 4.38 -4.94 -8.01
CA PHE A 20 4.34 -4.36 -6.62
C PHE A 20 5.75 -4.42 -6.02
N LYS A 21 6.53 -5.42 -6.36
CA LYS A 21 7.92 -5.52 -5.82
C LYS A 21 8.71 -4.27 -6.22
N ALA A 22 8.58 -3.84 -7.46
CA ALA A 22 9.30 -2.62 -7.92
C ALA A 22 8.64 -1.38 -7.30
N ALA A 23 7.33 -1.37 -7.22
CA ALA A 23 6.62 -0.20 -6.60
C ALA A 23 6.96 -0.12 -5.10
N PHE A 24 7.25 -1.24 -4.49
CA PHE A 24 7.61 -1.25 -3.04
C PHE A 24 8.98 -0.59 -2.83
N ASP A 25 9.89 -0.73 -3.77
CA ASP A 25 11.25 -0.11 -3.62
C ASP A 25 11.13 1.39 -3.30
N ILE A 26 10.40 2.13 -4.10
CA ILE A 26 10.25 3.60 -3.84
C ILE A 26 9.30 3.87 -2.65
N PHE A 27 8.46 2.92 -2.31
CA PHE A 27 7.54 3.12 -1.15
C PHE A 27 8.31 2.99 0.18
N VAL A 28 9.47 2.38 0.15
CA VAL A 28 10.27 2.21 1.40
C VAL A 28 11.72 2.70 1.21
N LEU A 29 11.94 3.62 0.29
CA LEU A 29 13.33 4.13 0.07
C LEU A 29 13.77 5.07 1.20
N GLY A 30 12.85 5.73 1.86
CA GLY A 30 13.22 6.65 2.97
C GLY A 30 12.87 6.01 4.32
N ALA A 31 13.13 4.74 4.48
CA ALA A 31 12.80 4.05 5.75
C ALA A 31 13.85 2.97 6.07
N GLU A 32 14.42 3.00 7.25
CA GLU A 32 15.45 1.98 7.62
C GLU A 32 14.76 0.64 7.98
N ASP A 33 13.47 0.66 8.21
CA ASP A 33 12.75 -0.60 8.57
C ASP A 33 12.68 -1.55 7.36
N GLY A 34 12.65 -1.02 6.16
CA GLY A 34 12.57 -1.88 4.94
C GLY A 34 11.10 -2.18 4.61
N CYS A 35 10.17 -1.49 5.23
CA CYS A 35 8.73 -1.74 4.96
C CYS A 35 7.97 -0.40 4.82
N ILE A 36 6.74 -0.43 4.37
CA ILE A 36 5.97 0.84 4.21
C ILE A 36 5.37 1.26 5.57
N SER A 37 5.94 2.26 6.18
CA SER A 37 5.41 2.74 7.50
C SER A 37 4.46 3.92 7.29
N THR A 38 3.96 4.49 8.36
CA THR A 38 3.02 5.66 8.24
C THR A 38 3.72 6.82 7.51
N LYS A 39 4.95 7.10 7.86
CA LYS A 39 5.69 8.21 7.19
C LYS A 39 5.86 7.90 5.69
N GLU A 40 6.26 6.69 5.35
CA GLU A 40 6.43 6.33 3.92
C GLU A 40 5.08 6.26 3.21
N LEU A 41 4.02 5.93 3.92
CA LEU A 41 2.67 5.89 3.30
C LEU A 41 2.18 7.32 3.04
N GLY A 42 2.04 8.09 4.09
CA GLY A 42 1.60 9.51 3.94
C GLY A 42 2.44 10.22 2.86
N LYS A 43 3.69 9.82 2.70
CA LYS A 43 4.58 10.45 1.66
C LYS A 43 3.86 10.49 0.30
N VAL A 44 3.29 9.40 -0.13
CA VAL A 44 2.56 9.38 -1.44
C VAL A 44 1.13 9.94 -1.28
N MET A 45 0.58 9.88 -0.09
CA MET A 45 -0.80 10.41 0.15
C MET A 45 -0.83 11.92 -0.05
N ARG A 46 0.21 12.60 0.37
CA ARG A 46 0.26 14.10 0.22
C ARG A 46 0.23 14.50 -1.27
N MET A 47 1.10 13.93 -2.07
CA MET A 47 1.11 14.29 -3.53
C MET A 47 -0.17 13.82 -4.23
N LEU A 48 -0.79 12.76 -3.76
CA LEU A 48 -2.04 12.27 -4.41
C LEU A 48 -3.26 13.12 -3.98
N GLY A 49 -3.38 13.39 -2.70
CA GLY A 49 -4.55 14.21 -2.23
C GLY A 49 -4.14 15.05 -1.01
N GLN A 50 -4.06 14.45 0.15
CA GLN A 50 -3.66 15.22 1.36
C GLN A 50 -2.88 14.34 2.36
N ASN A 51 -2.15 14.96 3.25
CA ASN A 51 -1.37 14.20 4.26
C ASN A 51 -0.72 15.17 5.26
N PRO A 52 -1.40 15.42 6.35
CA PRO A 52 -0.87 16.35 7.38
C PRO A 52 0.30 15.69 8.14
N THR A 53 0.01 14.65 8.89
CA THR A 53 1.09 13.94 9.64
C THR A 53 1.01 12.44 9.37
N PRO A 54 2.13 11.77 9.53
CA PRO A 54 2.18 10.29 9.30
C PRO A 54 1.32 9.55 10.33
N GLU A 55 1.15 10.10 11.51
CA GLU A 55 0.32 9.42 12.56
C GLU A 55 -1.13 9.23 12.07
N GLU A 56 -1.64 10.17 11.29
CA GLU A 56 -3.04 10.04 10.78
C GLU A 56 -3.21 8.81 9.88
N LEU A 57 -2.14 8.29 9.31
CA LEU A 57 -2.27 7.10 8.43
C LEU A 57 -2.39 5.80 9.26
N GLN A 58 -2.13 5.85 10.54
CA GLN A 58 -2.23 4.61 11.38
C GLN A 58 -3.61 3.94 11.18
N GLU A 59 -4.65 4.73 11.01
CA GLU A 59 -6.01 4.13 10.79
C GLU A 59 -5.97 3.17 9.58
N MET A 60 -5.18 3.49 8.59
CA MET A 60 -5.06 2.62 7.39
C MET A 60 -4.09 1.47 7.65
N ILE A 61 -3.07 1.69 8.43
CA ILE A 61 -2.07 0.61 8.71
C ILE A 61 -2.59 -0.35 9.81
N ASP A 62 -3.36 0.14 10.74
CA ASP A 62 -3.89 -0.74 11.83
C ASP A 62 -4.91 -1.74 11.28
N GLU A 63 -5.83 -1.27 10.46
CA GLU A 63 -6.88 -2.20 9.90
C GLU A 63 -6.25 -3.32 9.04
N VAL A 64 -5.08 -3.11 8.51
CA VAL A 64 -4.44 -4.17 7.65
C VAL A 64 -3.27 -4.85 8.37
N ASP A 65 -2.63 -4.18 9.31
CA ASP A 65 -1.47 -4.83 10.02
C ASP A 65 -1.97 -5.87 11.04
N GLU A 66 -2.19 -5.48 12.27
CA GLU A 66 -2.68 -6.45 13.32
C GLU A 66 -1.83 -7.74 13.33
N ASP A 67 -0.55 -7.65 13.05
CA ASP A 67 0.31 -8.87 13.05
C ASP A 67 1.38 -8.81 14.17
N GLY A 68 1.72 -7.63 14.62
CA GLY A 68 2.76 -7.51 15.70
C GLY A 68 3.86 -6.52 15.27
N SER A 69 4.12 -6.42 13.98
CA SER A 69 5.19 -5.48 13.50
C SER A 69 4.67 -4.03 13.48
N GLY A 70 3.41 -3.82 13.16
CA GLY A 70 2.86 -2.42 13.13
C GLY A 70 3.02 -1.82 11.73
N THR A 71 4.20 -1.90 11.16
CA THR A 71 4.41 -1.32 9.79
C THR A 71 3.88 -2.26 8.70
N VAL A 72 3.53 -1.72 7.56
CA VAL A 72 3.00 -2.56 6.45
C VAL A 72 4.16 -3.20 5.67
N ASP A 73 4.10 -4.49 5.48
CA ASP A 73 5.18 -5.21 4.72
C ASP A 73 4.70 -5.52 3.29
N PHE A 74 5.34 -6.44 2.62
CA PHE A 74 4.92 -6.78 1.22
C PHE A 74 3.54 -7.44 1.21
N ASP A 75 3.37 -8.49 1.98
CA ASP A 75 2.05 -9.19 2.02
C ASP A 75 0.94 -8.23 2.48
N GLU A 76 1.21 -7.43 3.48
CA GLU A 76 0.19 -6.46 3.97
C GLU A 76 -0.11 -5.42 2.88
N PHE A 77 0.91 -4.94 2.21
CA PHE A 77 0.69 -3.93 1.13
C PHE A 77 -0.23 -4.53 0.04
N LEU A 78 -0.07 -5.81 -0.24
CA LEU A 78 -0.93 -6.47 -1.27
C LEU A 78 -2.38 -6.52 -0.77
N VAL A 79 -2.59 -6.68 0.52
CA VAL A 79 -3.98 -6.71 1.07
C VAL A 79 -4.66 -5.36 0.85
N MET A 80 -3.95 -4.28 1.08
CA MET A 80 -4.55 -2.92 0.88
C MET A 80 -4.97 -2.75 -0.59
N MET A 81 -4.23 -3.33 -1.50
CA MET A 81 -4.58 -3.21 -2.96
C MET A 81 -5.94 -3.85 -3.23
N VAL A 82 -6.13 -5.10 -2.84
CA VAL A 82 -7.47 -5.76 -3.08
C VAL A 82 -8.55 -5.07 -2.23
N ARG A 83 -8.16 -4.45 -1.13
CA ARG A 83 -9.16 -3.74 -0.27
C ARG A 83 -9.53 -2.39 -0.90
N CYS A 84 -8.57 -1.75 -1.53
CA CYS A 84 -8.84 -0.43 -2.19
C CYS A 84 -9.74 -0.61 -3.43
N MET A 85 -9.67 -1.76 -4.07
CA MET A 85 -10.51 -2.01 -5.29
C MET A 85 -11.99 -1.70 -4.99
N LYS A 86 -12.52 -2.22 -3.91
CA LYS A 86 -13.95 -1.98 -3.52
C LYS A 86 -14.91 -2.64 -4.52
N ASP A 87 -14.98 -2.16 -5.74
CA ASP A 87 -15.90 -2.76 -6.75
C ASP A 87 -15.11 -3.41 -7.89
N ASP A 88 -14.39 -2.63 -8.66
CA ASP A 88 -13.59 -3.20 -9.79
C ASP A 88 -12.17 -3.55 -9.31
N SER A 89 -11.43 -4.28 -10.10
CA SER A 89 -10.04 -4.65 -9.71
C SER A 89 -9.02 -3.73 -10.39
N ARG B 1 -7.27 13.96 6.93
CA ARG B 1 -8.37 13.30 7.71
C ARG B 1 -8.61 11.89 7.16
N ARG B 2 -9.09 11.78 5.95
CA ARG B 2 -9.36 10.43 5.37
C ARG B 2 -9.31 10.50 3.83
N VAL B 3 -8.62 9.59 3.21
CA VAL B 3 -8.53 9.59 1.72
C VAL B 3 -9.08 8.27 1.15
N ARG B 4 -9.67 8.31 -0.01
CA ARG B 4 -10.23 7.04 -0.62
C ARG B 4 -9.10 6.19 -1.23
N ILE B 5 -8.22 6.80 -1.99
CA ILE B 5 -7.09 6.03 -2.64
C ILE B 5 -7.65 5.00 -3.64
N SER B 6 -6.84 4.54 -4.56
CA SER B 6 -7.33 3.54 -5.56
C SER B 6 -6.17 2.67 -6.07
N ALA B 7 -6.43 1.41 -6.32
CA ALA B 7 -5.35 0.51 -6.84
C ALA B 7 -4.75 1.07 -8.12
N ASP B 8 -5.56 1.56 -9.03
CA ASP B 8 -5.03 2.13 -10.31
C ASP B 8 -4.32 3.46 -10.04
N ALA B 9 -4.94 4.35 -9.29
CA ALA B 9 -4.31 5.67 -8.99
C ALA B 9 -2.99 5.47 -8.24
N MET B 10 -2.98 4.66 -7.20
CA MET B 10 -1.72 4.41 -6.43
C MET B 10 -0.66 3.76 -7.33
N MET B 11 -1.08 2.86 -8.20
CA MET B 11 -0.10 2.19 -9.11
C MET B 11 0.51 3.22 -10.08
N GLN B 12 -0.30 4.09 -10.62
CA GLN B 12 0.22 5.13 -11.57
C GLN B 12 1.21 6.05 -10.86
N ALA B 13 0.91 6.45 -9.64
CA ALA B 13 1.83 7.33 -8.88
C ALA B 13 3.11 6.57 -8.49
N LEU B 14 2.97 5.30 -8.16
CA LEU B 14 4.15 4.49 -7.75
C LEU B 14 5.04 4.21 -8.98
N LEU B 15 4.53 3.53 -9.97
CA LEU B 15 5.36 3.23 -11.19
C LEU B 15 4.87 4.09 -12.37
N GLY B 16 4.96 5.38 -12.25
CA GLY B 16 4.50 6.27 -13.36
C GLY B 16 4.93 7.72 -13.10
N ALA B 17 4.78 8.19 -11.88
CA ALA B 17 5.18 9.60 -11.55
C ALA B 17 6.67 9.81 -11.83
N ARG B 18 6.99 10.36 -12.99
CA ARG B 18 8.42 10.62 -13.38
C ARG B 18 9.16 9.30 -13.66
N ALA B 19 9.27 8.43 -12.70
CA ALA B 19 9.98 7.13 -12.92
C ALA B 19 8.97 6.03 -13.32
N LYS B 20 9.47 4.94 -13.86
CA LYS B 20 8.55 3.83 -14.27
C LYS B 20 8.99 2.51 -13.61
CA CA C . 3.14 -6.11 9.60
OAA SXK D . -9.77 3.72 4.40
OAB SXK D . -11.73 2.72 4.72
CAE SXK D . -2.32 1.82 -0.74
CAF SXK D . -7.60 3.29 1.71
CAG SXK D . -7.63 0.85 1.30
CAH SXK D . -6.21 3.31 1.43
CAI SXK D . -6.26 0.87 1.02
CAJ SXK D . -3.70 1.76 -0.47
CAK SXK D . -1.87 2.63 1.53
CAL SXK D . -10.22 1.68 3.20
OAM SXK D . -9.65 2.15 1.95
CAN SXK D . -10.60 2.80 4.18
CAO SXK D . -1.42 2.25 0.26
CAP SXK D . -8.31 2.05 1.65
CAQ SXK D . -3.26 2.57 1.81
CAR SXK D . -5.55 2.11 1.09
CAS SXK D . -4.16 2.14 0.81
FCC SXK D . -0.09 2.29 -0.02
FDD SXK D . -3.66 2.96 3.06
HAE SXK D . -1.93 1.53 -1.71
HAF SXK D . -8.13 4.21 1.99
HAG SXK D . -8.17 -0.10 1.25
HAH SXK D . -5.67 4.26 1.48
HAI SXK D . -5.73 -0.05 0.75
HAJ SXK D . -4.40 1.43 -1.23
HAK SXK D . -1.17 2.96 2.29
HAL SXK D . -11.13 1.11 2.97
HALA SXK D . -9.47 1.08 3.70
N MET A 1 -15.08 -13.80 8.47
CA MET A 1 -13.84 -14.63 8.37
C MET A 1 -12.67 -13.80 7.82
N ASP A 2 -11.46 -14.31 7.93
CA ASP A 2 -10.27 -13.55 7.41
C ASP A 2 -9.84 -14.09 6.04
N ASP A 3 -10.11 -15.35 5.75
CA ASP A 3 -9.71 -15.94 4.44
C ASP A 3 -10.35 -15.20 3.25
N ILE A 4 -11.44 -14.50 3.47
CA ILE A 4 -12.11 -13.75 2.35
C ILE A 4 -11.09 -12.89 1.60
N TYR A 5 -10.35 -12.06 2.30
CA TYR A 5 -9.32 -11.21 1.62
C TYR A 5 -8.12 -12.07 1.22
N LYS A 6 -7.78 -13.07 2.01
CA LYS A 6 -6.63 -13.96 1.67
C LYS A 6 -6.87 -14.65 0.31
N ALA A 7 -8.10 -14.93 -0.02
CA ALA A 7 -8.40 -15.58 -1.33
C ALA A 7 -7.83 -14.72 -2.48
N ALA A 8 -7.84 -13.41 -2.30
CA ALA A 8 -7.29 -12.51 -3.36
C ALA A 8 -5.76 -12.60 -3.41
N VAL A 9 -5.11 -12.58 -2.26
CA VAL A 9 -3.61 -12.69 -2.25
C VAL A 9 -3.17 -14.06 -2.81
N GLU A 10 -4.00 -15.06 -2.64
CA GLU A 10 -3.66 -16.42 -3.17
C GLU A 10 -3.80 -16.45 -4.69
N GLN A 11 -4.71 -15.68 -5.24
CA GLN A 11 -4.88 -15.66 -6.73
C GLN A 11 -3.90 -14.69 -7.43
N LEU A 12 -3.03 -14.05 -6.68
CA LEU A 12 -2.06 -13.09 -7.30
C LEU A 12 -0.98 -13.87 -8.08
N THR A 13 -0.64 -13.42 -9.26
CA THR A 13 0.40 -14.13 -10.08
C THR A 13 1.79 -13.56 -9.83
N GLU A 14 2.82 -14.33 -10.09
CA GLU A 14 4.22 -13.85 -9.88
C GLU A 14 4.44 -12.49 -10.56
N GLU A 15 3.93 -12.33 -11.76
CA GLU A 15 4.10 -11.03 -12.49
C GLU A 15 3.50 -9.88 -11.67
N GLN A 16 2.33 -10.08 -11.11
CA GLN A 16 1.69 -9.00 -10.30
C GLN A 16 2.45 -8.80 -8.99
N LYS A 17 2.93 -9.86 -8.41
CA LYS A 17 3.71 -9.75 -7.14
C LYS A 17 4.98 -8.94 -7.40
N ASN A 18 5.67 -9.24 -8.48
CA ASN A 18 6.91 -8.46 -8.82
C ASN A 18 6.54 -7.04 -9.25
N GLU A 19 5.36 -6.86 -9.80
CA GLU A 19 4.91 -5.50 -10.23
C GLU A 19 4.71 -4.62 -8.98
N PHE A 20 3.96 -5.09 -8.01
CA PHE A 20 3.75 -4.29 -6.77
C PHE A 20 5.07 -4.17 -6.00
N LYS A 21 5.95 -5.14 -6.15
CA LYS A 21 7.28 -5.08 -5.44
C LYS A 21 8.01 -3.80 -5.84
N ALA A 22 8.07 -3.50 -7.12
CA ALA A 22 8.76 -2.26 -7.58
C ALA A 22 8.04 -1.02 -7.02
N ALA A 23 6.73 -0.98 -7.11
CA ALA A 23 5.96 0.17 -6.56
C ALA A 23 6.20 0.28 -5.05
N PHE A 24 6.19 -0.83 -4.36
CA PHE A 24 6.44 -0.82 -2.88
C PHE A 24 7.83 -0.22 -2.60
N ASP A 25 8.83 -0.67 -3.30
CA ASP A 25 10.22 -0.13 -3.09
C ASP A 25 10.23 1.40 -3.28
N ILE A 26 9.54 1.89 -4.28
CA ILE A 26 9.49 3.37 -4.51
C ILE A 26 8.80 4.08 -3.32
N PHE A 27 7.87 3.40 -2.69
CA PHE A 27 7.16 4.02 -1.52
C PHE A 27 8.05 4.04 -0.27
N VAL A 28 8.97 3.11 -0.14
CA VAL A 28 9.85 3.12 1.06
C VAL A 28 11.31 3.39 0.66
N LEU A 29 12.03 2.40 0.16
CA LEU A 29 13.46 2.60 -0.25
C LEU A 29 14.33 2.87 0.98
N GLY A 30 14.18 4.00 1.62
CA GLY A 30 14.99 4.31 2.84
C GLY A 30 14.16 3.99 4.09
N ALA A 31 13.43 2.91 4.09
CA ALA A 31 12.60 2.54 5.28
C ALA A 31 13.48 1.93 6.39
N GLU A 32 12.88 1.60 7.51
CA GLU A 32 13.68 1.01 8.64
C GLU A 32 13.75 -0.51 8.50
N ASP A 33 12.63 -1.17 8.44
CA ASP A 33 12.63 -2.66 8.30
C ASP A 33 12.00 -3.08 6.97
N GLY A 34 12.17 -2.29 5.93
CA GLY A 34 11.58 -2.63 4.60
C GLY A 34 10.05 -2.66 4.70
N CYS A 35 9.47 -1.68 5.34
CA CYS A 35 7.98 -1.64 5.48
C CYS A 35 7.47 -0.21 5.33
N ILE A 36 6.33 -0.03 4.71
CA ILE A 36 5.77 1.33 4.53
C ILE A 36 5.11 1.81 5.83
N SER A 37 5.84 2.57 6.63
CA SER A 37 5.26 3.07 7.91
C SER A 37 4.53 4.40 7.67
N THR A 38 4.02 5.01 8.70
CA THR A 38 3.31 6.32 8.53
C THR A 38 4.21 7.34 7.82
N LYS A 39 5.49 7.32 8.11
CA LYS A 39 6.43 8.29 7.46
C LYS A 39 6.64 7.93 5.98
N GLU A 40 6.84 6.66 5.69
CA GLU A 40 7.06 6.24 4.27
C GLU A 40 5.80 6.51 3.42
N LEU A 41 4.63 6.31 3.98
CA LEU A 41 3.38 6.58 3.20
C LEU A 41 3.26 8.08 2.94
N GLY A 42 3.08 8.87 3.99
CA GLY A 42 2.96 10.35 3.85
C GLY A 42 4.07 10.91 2.94
N LYS A 43 5.25 10.32 2.98
CA LYS A 43 6.38 10.81 2.12
C LYS A 43 5.94 10.91 0.66
N VAL A 44 5.28 9.89 0.15
CA VAL A 44 4.82 9.92 -1.28
C VAL A 44 3.43 10.58 -1.39
N MET A 45 2.67 10.61 -0.30
CA MET A 45 1.31 11.24 -0.35
C MET A 45 1.38 12.70 -0.80
N ARG A 46 2.50 13.36 -0.62
CA ARG A 46 2.63 14.80 -1.05
C ARG A 46 2.17 14.99 -2.50
N MET A 47 2.42 14.02 -3.35
CA MET A 47 2.00 14.15 -4.77
C MET A 47 0.50 13.81 -4.94
N LEU A 48 -0.01 12.93 -4.12
CA LEU A 48 -1.45 12.55 -4.24
C LEU A 48 -2.12 12.53 -2.86
N GLY A 49 -2.57 13.67 -2.38
CA GLY A 49 -3.25 13.72 -1.06
C GLY A 49 -2.20 13.76 0.05
N GLN A 50 -1.78 14.94 0.44
CA GLN A 50 -0.75 15.06 1.53
C GLN A 50 -1.31 14.56 2.87
N ASN A 51 -0.45 14.07 3.73
CA ASN A 51 -0.91 13.57 5.06
C ASN A 51 -0.73 14.66 6.13
N PRO A 52 -1.84 15.18 6.60
CA PRO A 52 -1.81 16.25 7.64
C PRO A 52 -1.32 15.68 8.98
N THR A 53 -1.79 14.53 9.36
CA THR A 53 -1.34 13.92 10.66
C THR A 53 -0.84 12.50 10.44
N PRO A 54 0.14 12.10 11.23
CA PRO A 54 0.73 10.74 11.12
C PRO A 54 -0.30 9.67 11.54
N GLU A 55 -1.09 9.96 12.54
CA GLU A 55 -2.13 8.97 12.99
C GLU A 55 -3.16 8.71 11.89
N GLU A 56 -3.35 9.65 10.98
CA GLU A 56 -4.34 9.45 9.88
C GLU A 56 -3.89 8.31 8.96
N LEU A 57 -2.61 8.03 8.90
CA LEU A 57 -2.12 6.92 8.02
C LEU A 57 -2.00 5.63 8.84
N GLN A 58 -1.93 5.72 10.16
CA GLN A 58 -1.82 4.48 10.99
C GLN A 58 -3.02 3.57 10.74
N GLU A 59 -4.20 4.13 10.61
CA GLU A 59 -5.41 3.28 10.33
C GLU A 59 -5.20 2.53 9.01
N MET A 60 -4.45 3.09 8.10
CA MET A 60 -4.17 2.40 6.81
C MET A 60 -3.19 1.24 7.04
N ILE A 61 -2.46 1.28 8.14
CA ILE A 61 -1.48 0.19 8.44
C ILE A 61 -2.17 -0.97 9.16
N ASP A 62 -2.77 -0.70 10.30
CA ASP A 62 -3.45 -1.78 11.09
C ASP A 62 -4.59 -2.45 10.29
N GLU A 63 -5.28 -1.72 9.45
CA GLU A 63 -6.40 -2.33 8.66
C GLU A 63 -5.92 -3.53 7.85
N VAL A 64 -4.77 -3.42 7.24
CA VAL A 64 -4.23 -4.57 6.43
C VAL A 64 -3.18 -5.37 7.21
N ASP A 65 -2.63 -4.78 8.26
CA ASP A 65 -1.59 -5.51 9.06
C ASP A 65 -2.22 -6.70 9.82
N GLU A 66 -2.74 -6.47 11.01
CA GLU A 66 -3.36 -7.58 11.79
C GLU A 66 -2.44 -8.82 11.84
N ASP A 67 -1.15 -8.62 11.85
CA ASP A 67 -0.21 -9.80 11.90
C ASP A 67 0.63 -9.80 13.19
N GLY A 68 0.73 -8.70 13.89
CA GLY A 68 1.53 -8.67 15.15
C GLY A 68 2.62 -7.58 15.07
N SER A 69 3.11 -7.30 13.89
CA SER A 69 4.19 -6.27 13.74
C SER A 69 3.59 -4.85 13.78
N GLY A 70 2.41 -4.66 13.25
CA GLY A 70 1.77 -3.30 13.26
C GLY A 70 2.44 -2.40 12.21
N THR A 71 2.95 -2.96 11.14
CA THR A 71 3.60 -2.15 10.06
C THR A 71 3.31 -2.77 8.70
N VAL A 72 3.06 -1.97 7.70
CA VAL A 72 2.76 -2.52 6.34
C VAL A 72 4.05 -3.01 5.66
N ASP A 73 4.07 -4.26 5.26
CA ASP A 73 5.29 -4.81 4.57
C ASP A 73 4.97 -5.09 3.08
N PHE A 74 5.77 -5.90 2.43
CA PHE A 74 5.52 -6.19 0.98
C PHE A 74 4.22 -6.98 0.78
N ASP A 75 4.01 -8.02 1.54
CA ASP A 75 2.75 -8.82 1.37
C ASP A 75 1.54 -8.01 1.82
N GLU A 76 1.63 -7.31 2.92
CA GLU A 76 0.46 -6.48 3.38
C GLU A 76 0.20 -5.36 2.36
N PHE A 77 1.21 -4.90 1.68
CA PHE A 77 1.03 -3.82 0.64
C PHE A 77 0.07 -4.31 -0.45
N LEU A 78 0.01 -5.60 -0.67
CA LEU A 78 -0.92 -6.17 -1.70
C LEU A 78 -2.36 -6.20 -1.16
N VAL A 79 -2.53 -6.46 0.12
CA VAL A 79 -3.91 -6.49 0.72
C VAL A 79 -4.64 -5.17 0.47
N MET A 80 -4.06 -4.06 0.90
CA MET A 80 -4.72 -2.73 0.68
C MET A 80 -4.96 -2.50 -0.83
N MET A 81 -4.06 -2.96 -1.67
CA MET A 81 -4.25 -2.79 -3.14
C MET A 81 -5.47 -3.57 -3.62
N VAL A 82 -5.63 -4.80 -3.15
CA VAL A 82 -6.80 -5.63 -3.57
C VAL A 82 -8.11 -4.98 -3.06
N ARG A 83 -8.07 -4.36 -1.91
CA ARG A 83 -9.29 -3.71 -1.36
C ARG A 83 -9.71 -2.52 -2.23
N CYS A 84 -8.76 -1.70 -2.64
CA CYS A 84 -9.09 -0.53 -3.52
C CYS A 84 -9.45 -1.01 -4.92
N MET A 85 -8.74 -2.00 -5.42
CA MET A 85 -9.04 -2.52 -6.79
C MET A 85 -10.30 -3.41 -6.77
N LYS A 86 -10.76 -3.81 -5.60
CA LYS A 86 -11.98 -4.68 -5.49
C LYS A 86 -11.67 -6.10 -5.96
N ASP A 87 -11.70 -7.06 -5.07
CA ASP A 87 -11.41 -8.47 -5.45
C ASP A 87 -12.45 -9.00 -6.45
N ASP A 88 -13.68 -8.57 -6.33
CA ASP A 88 -14.74 -9.04 -7.29
C ASP A 88 -14.51 -8.39 -8.67
N SER A 89 -14.38 -9.20 -9.69
CA SER A 89 -14.16 -8.65 -11.07
C SER A 89 -14.49 -9.71 -12.13
N ARG B 1 -8.94 14.09 7.59
CA ARG B 1 -9.10 14.53 6.16
C ARG B 1 -9.44 13.31 5.28
N ARG B 2 -9.84 13.55 4.05
CA ARG B 2 -10.20 12.42 3.14
C ARG B 2 -8.92 11.67 2.72
N VAL B 3 -8.62 10.58 3.39
CA VAL B 3 -7.39 9.80 3.04
C VAL B 3 -7.76 8.45 2.39
N ARG B 4 -8.74 8.44 1.52
CA ARG B 4 -9.15 7.17 0.85
C ARG B 4 -8.49 7.08 -0.54
N ILE B 5 -7.25 6.68 -0.57
CA ILE B 5 -6.51 6.57 -1.87
C ILE B 5 -6.82 5.22 -2.54
N SER B 6 -6.75 5.17 -3.84
CA SER B 6 -7.04 3.90 -4.57
C SER B 6 -5.72 3.25 -5.04
N ALA B 7 -5.81 2.14 -5.75
CA ALA B 7 -4.57 1.47 -6.25
C ALA B 7 -4.16 2.02 -7.62
N ASP B 8 -5.10 2.17 -8.52
CA ASP B 8 -4.79 2.72 -9.89
C ASP B 8 -4.10 4.09 -9.80
N ALA B 9 -4.57 4.95 -8.92
CA ALA B 9 -3.95 6.30 -8.78
C ALA B 9 -2.52 6.18 -8.23
N MET B 10 -2.33 5.34 -7.25
CA MET B 10 -0.96 5.16 -6.67
C MET B 10 -0.01 4.60 -7.75
N MET B 11 -0.42 3.56 -8.44
CA MET B 11 0.45 2.97 -9.51
C MET B 11 0.74 4.02 -10.58
N GLN B 12 -0.23 4.85 -10.90
CA GLN B 12 -0.01 5.91 -11.94
C GLN B 12 0.97 6.99 -11.43
N ALA B 13 0.87 7.37 -10.18
CA ALA B 13 1.78 8.41 -9.62
C ALA B 13 3.18 7.84 -9.38
N LEU B 14 3.28 6.68 -8.79
CA LEU B 14 4.62 6.07 -8.52
C LEU B 14 5.40 5.84 -9.82
N LEU B 15 4.73 5.47 -10.88
CA LEU B 15 5.45 5.23 -12.17
C LEU B 15 4.72 5.95 -13.33
N GLY B 16 4.52 7.24 -13.19
CA GLY B 16 3.82 7.99 -14.28
C GLY B 16 3.81 9.49 -13.98
N ALA B 17 3.25 9.89 -12.86
CA ALA B 17 3.20 11.35 -12.51
C ALA B 17 4.58 11.81 -12.01
N ARG B 18 5.28 12.60 -12.82
CA ARG B 18 6.63 13.12 -12.43
C ARG B 18 7.72 12.02 -12.42
N ALA B 19 7.42 10.83 -11.93
CA ALA B 19 8.44 9.73 -11.92
C ALA B 19 9.08 9.57 -13.31
N LYS B 20 8.32 9.80 -14.35
CA LYS B 20 8.88 9.69 -15.74
C LYS B 20 8.75 11.02 -16.50
CA CA C . 3.09 -6.69 9.32
OAA SXK D . -10.66 2.80 1.59
OAB SXK D . -9.09 1.33 1.01
CAE SXK D . -0.16 2.78 -0.74
CAF SXK D . -5.34 4.76 1.56
CAG SXK D . -5.72 2.47 0.74
CAH SXK D . -3.95 4.60 1.38
CAI SXK D . -4.32 2.30 0.56
CAJ SXK D . -1.55 2.95 -0.57
CAK SXK D . 0.22 3.14 1.65
CAL SXK D . -8.40 3.19 2.32
OAM SXK D . -7.55 3.97 1.45
CAN SXK D . -9.47 2.37 1.58
CAO SXK D . 0.71 2.87 0.36
CAP SXK D . -6.23 3.69 1.23
CAQ SXK D . -1.18 3.32 1.83
CAR SXK D . -3.44 3.37 0.88
CAS SXK D . -2.06 3.22 0.71
FCC SXK D . 2.04 2.70 0.19
FDD SXK D . -1.64 3.57 3.09
HAE SXK D . 0.25 2.56 -1.74
HAF SXK D . -5.74 5.70 1.94
HAG SXK D . -6.38 1.64 0.50
HAH SXK D . -3.27 5.42 1.62
HAI SXK D . -3.93 1.36 0.18
HAJ SXK D . -2.21 2.87 -1.43
HAK SXK D . 0.88 3.21 2.51
HAL SXK D . -7.79 2.49 2.89
HALA SXK D . -8.94 3.88 2.97
N MET A 1 -8.93 -15.75 10.39
CA MET A 1 -8.18 -16.16 9.17
C MET A 1 -9.07 -16.00 7.93
N ASP A 2 -8.48 -15.70 6.79
CA ASP A 2 -9.29 -15.53 5.54
C ASP A 2 -8.73 -16.42 4.42
N ASP A 3 -9.59 -16.89 3.56
CA ASP A 3 -9.15 -17.77 2.44
C ASP A 3 -9.68 -17.23 1.08
N ILE A 4 -10.72 -16.43 1.09
CA ILE A 4 -11.25 -15.88 -0.21
C ILE A 4 -10.45 -14.64 -0.63
N TYR A 5 -10.39 -13.64 0.20
CA TYR A 5 -9.60 -12.40 -0.16
C TYR A 5 -8.16 -12.78 -0.51
N LYS A 6 -7.64 -13.80 0.12
CA LYS A 6 -6.24 -14.25 -0.18
C LYS A 6 -6.07 -14.59 -1.66
N ALA A 7 -7.06 -15.20 -2.27
CA ALA A 7 -6.97 -15.54 -3.72
C ALA A 7 -6.80 -14.28 -4.58
N ALA A 8 -7.56 -13.25 -4.29
CA ALA A 8 -7.45 -11.99 -5.09
C ALA A 8 -6.17 -11.20 -4.71
N VAL A 9 -5.51 -11.57 -3.64
CA VAL A 9 -4.27 -10.83 -3.24
C VAL A 9 -3.01 -11.63 -3.64
N GLU A 10 -2.94 -12.87 -3.26
CA GLU A 10 -1.74 -13.70 -3.62
C GLU A 10 -1.90 -14.34 -5.00
N GLN A 11 -3.11 -14.44 -5.51
CA GLN A 11 -3.30 -15.07 -6.85
C GLN A 11 -3.95 -14.08 -7.84
N LEU A 12 -3.31 -12.95 -8.09
CA LEU A 12 -3.88 -11.98 -9.07
C LEU A 12 -3.29 -12.27 -10.45
N THR A 13 -2.03 -11.92 -10.65
CA THR A 13 -1.36 -12.17 -11.95
C THR A 13 0.15 -12.35 -11.73
N GLU A 14 0.79 -13.17 -12.52
CA GLU A 14 2.25 -13.39 -12.34
C GLU A 14 3.02 -12.06 -12.35
N GLU A 15 2.73 -11.19 -13.29
CA GLU A 15 3.44 -9.89 -13.35
C GLU A 15 2.91 -8.91 -12.29
N GLN A 16 1.67 -9.06 -11.87
CA GLN A 16 1.11 -8.13 -10.84
C GLN A 16 1.96 -8.13 -9.58
N LYS A 17 2.40 -9.29 -9.16
CA LYS A 17 3.28 -9.39 -7.95
C LYS A 17 4.62 -8.70 -8.24
N ASN A 18 5.19 -8.98 -9.38
CA ASN A 18 6.49 -8.33 -9.76
C ASN A 18 6.29 -6.81 -9.90
N GLU A 19 5.16 -6.40 -10.43
CA GLU A 19 4.88 -4.94 -10.59
C GLU A 19 4.73 -4.30 -9.20
N PHE A 20 3.88 -4.85 -8.35
CA PHE A 20 3.71 -4.27 -6.98
C PHE A 20 5.05 -4.28 -6.24
N LYS A 21 5.88 -5.29 -6.49
CA LYS A 21 7.23 -5.34 -5.83
C LYS A 21 8.05 -4.11 -6.23
N ALA A 22 8.07 -3.79 -7.50
CA ALA A 22 8.84 -2.58 -7.96
C ALA A 22 8.29 -1.33 -7.26
N ALA A 23 6.98 -1.15 -7.27
CA ALA A 23 6.37 0.02 -6.59
C ALA A 23 6.71 -0.02 -5.09
N PHE A 24 6.66 -1.19 -4.49
CA PHE A 24 6.99 -1.34 -3.05
C PHE A 24 8.48 -1.05 -2.81
N ASP A 25 9.34 -1.61 -3.63
CA ASP A 25 10.82 -1.38 -3.48
C ASP A 25 11.12 0.12 -3.45
N ILE A 26 10.54 0.88 -4.35
CA ILE A 26 10.78 2.36 -4.37
C ILE A 26 10.03 3.01 -3.19
N PHE A 27 8.93 2.43 -2.77
CA PHE A 27 8.16 3.00 -1.61
C PHE A 27 9.01 2.95 -0.33
N VAL A 28 9.76 1.89 -0.14
CA VAL A 28 10.60 1.77 1.09
C VAL A 28 12.03 2.29 0.82
N LEU A 29 12.18 3.32 0.02
CA LEU A 29 13.54 3.86 -0.27
C LEU A 29 14.11 4.55 0.98
N GLY A 30 15.05 3.92 1.63
CA GLY A 30 15.64 4.51 2.87
C GLY A 30 15.21 3.69 4.09
N ALA A 31 14.03 3.10 4.03
CA ALA A 31 13.55 2.27 5.18
C ALA A 31 14.15 0.85 5.09
N GLU A 32 15.25 0.63 5.76
CA GLU A 32 15.91 -0.73 5.72
C GLU A 32 14.99 -1.82 6.28
N ASP A 33 13.99 -1.45 7.06
CA ASP A 33 13.06 -2.46 7.64
C ASP A 33 12.44 -3.34 6.53
N GLY A 34 12.15 -2.77 5.39
CA GLY A 34 11.54 -3.56 4.27
C GLY A 34 10.02 -3.57 4.38
N CYS A 35 9.45 -2.57 5.03
CA CYS A 35 7.96 -2.53 5.17
C CYS A 35 7.43 -1.10 4.95
N ILE A 36 6.15 -0.96 4.80
CA ILE A 36 5.54 0.38 4.59
C ILE A 36 4.92 0.88 5.90
N SER A 37 5.47 1.91 6.48
CA SER A 37 4.93 2.43 7.77
C SER A 37 4.25 3.79 7.55
N THR A 38 3.84 4.44 8.61
CA THR A 38 3.15 5.76 8.48
C THR A 38 4.11 6.83 7.93
N LYS A 39 5.34 6.84 8.40
CA LYS A 39 6.34 7.86 7.90
C LYS A 39 6.52 7.75 6.39
N GLU A 40 6.67 6.54 5.88
CA GLU A 40 6.85 6.36 4.40
C GLU A 40 5.54 6.64 3.66
N LEU A 41 4.41 6.43 4.29
CA LEU A 41 3.10 6.69 3.62
C LEU A 41 2.85 8.19 3.47
N GLY A 42 2.94 8.93 4.55
CA GLY A 42 2.71 10.41 4.49
C GLY A 42 3.66 11.06 3.47
N LYS A 43 4.87 10.57 3.38
CA LYS A 43 5.84 11.16 2.39
C LYS A 43 5.24 11.10 0.98
N VAL A 44 4.53 10.05 0.66
CA VAL A 44 3.89 9.93 -0.69
C VAL A 44 2.53 10.65 -0.69
N MET A 45 1.85 10.68 0.43
CA MET A 45 0.52 11.37 0.51
C MET A 45 0.69 12.84 0.15
N ARG A 46 1.58 13.54 0.81
CA ARG A 46 1.81 14.99 0.48
C ARG A 46 2.33 15.13 -0.96
N MET A 47 3.04 14.13 -1.45
CA MET A 47 3.56 14.19 -2.85
C MET A 47 2.38 14.15 -3.85
N LEU A 48 1.34 13.40 -3.52
CA LEU A 48 0.15 13.32 -4.42
C LEU A 48 -0.68 14.61 -4.31
N GLY A 49 -0.83 15.12 -3.11
CA GLY A 49 -1.63 16.36 -2.90
C GLY A 49 -2.49 16.23 -1.64
N GLN A 50 -3.23 15.15 -1.52
CA GLN A 50 -4.10 14.98 -0.31
C GLN A 50 -3.30 14.35 0.85
N ASN A 51 -2.87 15.16 1.77
CA ASN A 51 -2.09 14.65 2.94
C ASN A 51 -2.69 15.18 4.25
N PRO A 52 -3.45 14.34 4.91
CA PRO A 52 -4.09 14.74 6.19
C PRO A 52 -3.07 14.81 7.34
N THR A 53 -2.88 13.75 8.08
CA THR A 53 -1.90 13.77 9.21
C THR A 53 -1.12 12.45 9.28
N PRO A 54 0.11 12.54 9.78
CA PRO A 54 0.96 11.33 9.89
C PRO A 54 0.43 10.38 10.96
N GLU A 55 -0.04 10.91 12.07
CA GLU A 55 -0.60 10.05 13.16
C GLU A 55 -1.88 9.37 12.66
N GLU A 56 -2.62 10.02 11.80
CA GLU A 56 -3.88 9.42 11.26
C GLU A 56 -3.56 8.14 10.46
N LEU A 57 -2.44 8.12 9.77
CA LEU A 57 -2.09 6.89 8.98
C LEU A 57 -1.78 5.72 9.92
N GLN A 58 -1.37 5.99 11.15
CA GLN A 58 -1.10 4.87 12.11
C GLN A 58 -2.42 4.12 12.39
N GLU A 59 -3.53 4.82 12.34
CA GLU A 59 -4.85 4.15 12.54
C GLU A 59 -5.24 3.48 11.22
N MET A 60 -4.85 4.07 10.12
CA MET A 60 -5.17 3.48 8.77
C MET A 60 -4.37 2.19 8.56
N ILE A 61 -3.10 2.20 8.91
CA ILE A 61 -2.27 0.97 8.75
C ILE A 61 -2.81 -0.17 9.63
N ASP A 62 -3.40 0.16 10.76
CA ASP A 62 -3.96 -0.89 11.67
C ASP A 62 -5.12 -1.64 10.98
N GLU A 63 -5.91 -0.94 10.19
CA GLU A 63 -7.06 -1.62 9.49
C GLU A 63 -6.57 -2.87 8.74
N VAL A 64 -5.39 -2.80 8.15
CA VAL A 64 -4.83 -3.99 7.43
C VAL A 64 -3.79 -4.70 8.31
N ASP A 65 -3.20 -4.00 9.24
CA ASP A 65 -2.18 -4.61 10.13
C ASP A 65 -2.85 -5.42 11.26
N GLU A 66 -3.08 -4.81 12.40
CA GLU A 66 -3.74 -5.54 13.55
C GLU A 66 -3.08 -6.91 13.77
N ASP A 67 -1.80 -7.03 13.51
CA ASP A 67 -1.10 -8.35 13.70
C ASP A 67 0.01 -8.25 14.75
N GLY A 68 0.21 -7.11 15.37
CA GLY A 68 1.29 -6.98 16.40
C GLY A 68 2.47 -6.17 15.82
N SER A 69 2.82 -6.42 14.59
CA SER A 69 3.97 -5.68 13.97
C SER A 69 3.68 -4.17 13.92
N GLY A 70 2.54 -3.76 13.41
CA GLY A 70 2.22 -2.30 13.36
C GLY A 70 2.48 -1.72 11.96
N THR A 71 3.41 -2.30 11.21
CA THR A 71 3.70 -1.76 9.84
C THR A 71 3.13 -2.66 8.75
N VAL A 72 2.96 -2.12 7.57
CA VAL A 72 2.39 -2.93 6.44
C VAL A 72 3.53 -3.52 5.60
N ASP A 73 3.61 -4.82 5.51
CA ASP A 73 4.69 -5.46 4.70
C ASP A 73 4.19 -5.71 3.27
N PHE A 74 4.91 -6.50 2.50
CA PHE A 74 4.47 -6.78 1.09
C PHE A 74 3.10 -7.48 1.07
N ASP A 75 2.92 -8.47 1.92
CA ASP A 75 1.60 -9.19 1.96
C ASP A 75 0.47 -8.23 2.37
N GLU A 76 0.69 -7.44 3.40
CA GLU A 76 -0.37 -6.47 3.84
C GLU A 76 -0.63 -5.44 2.73
N PHE A 77 0.41 -5.04 2.05
CA PHE A 77 0.25 -4.04 0.94
C PHE A 77 -0.78 -4.56 -0.08
N LEU A 78 -0.70 -5.83 -0.42
CA LEU A 78 -1.67 -6.41 -1.40
C LEU A 78 -3.07 -6.51 -0.78
N VAL A 79 -3.16 -6.98 0.44
CA VAL A 79 -4.51 -7.09 1.11
C VAL A 79 -5.14 -5.69 1.18
N MET A 80 -4.33 -4.68 1.35
CA MET A 80 -4.86 -3.29 1.40
C MET A 80 -5.27 -2.84 -0.02
N MET A 81 -4.44 -3.16 -1.00
CA MET A 81 -4.74 -2.79 -2.42
C MET A 81 -6.13 -3.32 -2.83
N VAL A 82 -6.39 -4.59 -2.61
CA VAL A 82 -7.72 -5.18 -2.98
C VAL A 82 -8.84 -4.57 -2.14
N ARG A 83 -8.53 -4.16 -0.93
CA ARG A 83 -9.59 -3.54 -0.06
C ARG A 83 -10.05 -2.22 -0.68
N CYS A 84 -9.13 -1.43 -1.17
CA CYS A 84 -9.50 -0.14 -1.82
C CYS A 84 -10.17 -0.39 -3.18
N MET A 85 -9.62 -1.31 -3.95
CA MET A 85 -10.22 -1.61 -5.29
C MET A 85 -11.53 -2.42 -5.15
N LYS A 86 -11.88 -2.84 -3.95
CA LYS A 86 -13.13 -3.63 -3.74
C LYS A 86 -13.11 -4.92 -4.57
N ASP A 87 -12.21 -5.82 -4.27
CA ASP A 87 -12.15 -7.11 -5.03
C ASP A 87 -12.97 -8.18 -4.31
N ASP A 88 -12.78 -9.45 -4.69
CA ASP A 88 -13.54 -10.57 -4.05
C ASP A 88 -15.02 -10.57 -4.49
N SER A 89 -15.74 -9.51 -4.20
CA SER A 89 -17.18 -9.45 -4.60
C SER A 89 -17.53 -8.06 -5.13
N ARG B 1 -11.21 13.80 -1.41
CA ARG B 1 -11.90 14.33 -0.19
C ARG B 1 -10.99 14.16 1.05
N ARG B 2 -10.79 12.94 1.47
CA ARG B 2 -9.92 12.68 2.66
C ARG B 2 -8.63 11.96 2.21
N VAL B 3 -8.77 10.77 1.69
CA VAL B 3 -7.58 9.99 1.22
C VAL B 3 -8.04 8.96 0.15
N ARG B 4 -8.56 7.83 0.58
CA ARG B 4 -9.05 6.77 -0.38
C ARG B 4 -8.08 6.58 -1.57
N ILE B 5 -6.82 6.38 -1.30
CA ILE B 5 -5.84 6.16 -2.42
C ILE B 5 -5.90 4.69 -2.86
N SER B 6 -6.14 4.46 -4.13
CA SER B 6 -6.21 3.06 -4.64
C SER B 6 -4.83 2.54 -5.06
N ALA B 7 -4.74 1.27 -5.36
CA ALA B 7 -3.43 0.67 -5.80
C ALA B 7 -2.94 1.32 -7.09
N ASP B 8 -3.79 1.38 -8.10
CA ASP B 8 -3.39 2.01 -9.39
C ASP B 8 -3.04 3.50 -9.19
N ALA B 9 -3.68 4.15 -8.26
CA ALA B 9 -3.39 5.61 -8.02
C ALA B 9 -2.00 5.78 -7.38
N MET B 10 -1.68 4.99 -6.39
CA MET B 10 -0.34 5.11 -5.74
C MET B 10 0.76 4.50 -6.61
N MET B 11 0.46 3.41 -7.28
CA MET B 11 1.50 2.76 -8.15
C MET B 11 1.77 3.61 -9.40
N GLN B 12 0.74 4.01 -10.11
CA GLN B 12 0.95 4.84 -11.35
C GLN B 12 1.58 6.20 -10.99
N ALA B 13 1.20 6.77 -9.86
CA ALA B 13 1.79 8.09 -9.46
C ALA B 13 3.32 7.99 -9.35
N LEU B 14 3.79 6.95 -8.68
CA LEU B 14 5.26 6.77 -8.53
C LEU B 14 5.93 6.60 -9.89
N LEU B 15 5.47 5.67 -10.69
CA LEU B 15 6.07 5.47 -12.04
C LEU B 15 5.14 6.04 -13.12
N GLY B 16 5.38 7.26 -13.51
CA GLY B 16 4.50 7.90 -14.55
C GLY B 16 4.22 9.35 -14.15
N ALA B 17 3.63 9.55 -13.00
CA ALA B 17 3.32 10.95 -12.55
C ALA B 17 4.52 11.56 -11.79
N ARG B 18 5.45 10.75 -11.34
CA ARG B 18 6.62 11.29 -10.59
C ARG B 18 7.94 10.85 -11.25
N ALA B 19 8.23 9.57 -11.25
CA ALA B 19 9.49 9.07 -11.87
C ALA B 19 9.18 8.18 -13.07
N LYS B 20 10.16 7.91 -13.90
CA LYS B 20 9.93 7.04 -15.09
C LYS B 20 11.16 6.17 -15.35
CA CA C . 2.15 -6.11 10.12
OAA SXK D . -11.56 5.22 4.62
OAB SXK D . -10.22 6.97 4.34
CAE SXK D . -1.69 3.27 -0.23
CAF SXK D . -6.47 5.71 2.33
CAG SXK D . -6.98 3.30 2.17
CAH SXK D . -5.11 5.44 2.00
CAI SXK D . -5.64 3.02 1.85
CAJ SXK D . -3.04 3.57 0.09
CAK SXK D . -1.05 3.47 2.13
CAL SXK D . -9.25 4.82 4.05
OAM SXK D . -8.67 5.03 2.74
CAN SXK D . -10.43 5.74 4.36
CAO SXK D . -0.72 3.22 0.79
CAP SXK D . -7.40 4.63 2.41
CAQ SXK D . -2.39 3.79 2.45
CAR SXK D . -4.71 4.10 1.76
CAS SXK D . -3.38 3.82 1.43
FCC SXK D . 0.58 2.93 0.47
FDD SXK D . -2.70 4.04 3.76
HAE SXK D . -1.41 3.07 -1.26
HAF SXK D . -6.79 6.73 2.52
HAG SXK D . -7.70 2.47 2.24
HAH SXK D . -4.40 6.25 1.93
HAI SXK D . -5.33 1.99 1.66
HAJ SXK D . -3.79 3.61 -0.69
HAK SXK D . -0.29 3.45 2.91
HAL SXK D . -9.60 3.79 4.13
HALA SXK D . -8.49 5.05 4.79
N MET A 1 -12.44 -16.00 10.87
CA MET A 1 -11.77 -15.70 9.56
C MET A 1 -10.73 -14.58 9.72
N ASP A 2 -9.75 -14.55 8.86
CA ASP A 2 -8.70 -13.49 8.96
C ASP A 2 -8.86 -12.44 7.84
N ASP A 3 -8.71 -12.86 6.60
CA ASP A 3 -8.84 -11.89 5.47
C ASP A 3 -9.30 -12.58 4.19
N ILE A 4 -10.15 -11.94 3.44
CA ILE A 4 -10.63 -12.53 2.15
C ILE A 4 -9.76 -11.99 1.00
N TYR A 5 -9.37 -10.73 1.09
CA TYR A 5 -8.51 -10.13 0.03
C TYR A 5 -7.07 -10.67 0.15
N LYS A 6 -6.65 -11.00 1.35
CA LYS A 6 -5.27 -11.54 1.56
C LYS A 6 -5.08 -12.81 0.69
N ALA A 7 -6.13 -13.58 0.52
CA ALA A 7 -6.03 -14.81 -0.33
C ALA A 7 -5.67 -14.43 -1.77
N ALA A 8 -6.28 -13.39 -2.30
CA ALA A 8 -5.96 -12.95 -3.70
C ALA A 8 -4.47 -12.57 -3.83
N VAL A 9 -3.90 -12.01 -2.80
CA VAL A 9 -2.47 -11.59 -2.84
C VAL A 9 -1.56 -12.79 -3.15
N GLU A 10 -1.79 -13.91 -2.52
CA GLU A 10 -0.94 -15.11 -2.78
C GLU A 10 -1.51 -15.96 -3.93
N GLN A 11 -2.63 -15.58 -4.50
CA GLN A 11 -3.21 -16.36 -5.62
C GLN A 11 -2.88 -15.71 -6.98
N LEU A 12 -2.58 -14.43 -7.00
CA LEU A 12 -2.25 -13.75 -8.30
C LEU A 12 -0.93 -14.29 -8.88
N THR A 13 -0.60 -13.90 -10.10
CA THR A 13 0.67 -14.38 -10.72
C THR A 13 1.81 -13.40 -10.47
N GLU A 14 3.03 -13.86 -10.60
CA GLU A 14 4.20 -12.96 -10.37
C GLU A 14 4.12 -11.73 -11.29
N GLU A 15 3.51 -11.86 -12.44
CA GLU A 15 3.39 -10.71 -13.38
C GLU A 15 2.60 -9.57 -12.72
N GLN A 16 1.55 -9.89 -12.01
CA GLN A 16 0.74 -8.84 -11.32
C GLN A 16 1.42 -8.42 -10.01
N LYS A 17 2.09 -9.34 -9.36
CA LYS A 17 2.79 -9.00 -8.08
C LYS A 17 4.02 -8.13 -8.37
N ASN A 18 4.74 -8.42 -9.44
CA ASN A 18 5.94 -7.61 -9.78
C ASN A 18 5.53 -6.15 -10.07
N GLU A 19 4.37 -5.96 -10.64
CA GLU A 19 3.89 -4.56 -10.93
C GLU A 19 3.72 -3.79 -9.61
N PHE A 20 3.05 -4.36 -8.65
CA PHE A 20 2.86 -3.68 -7.33
C PHE A 20 4.22 -3.50 -6.64
N LYS A 21 5.12 -4.45 -6.80
CA LYS A 21 6.47 -4.34 -6.16
C LYS A 21 7.14 -3.03 -6.57
N ALA A 22 7.13 -2.70 -7.84
CA ALA A 22 7.77 -1.42 -8.31
C ALA A 22 7.16 -0.22 -7.57
N ALA A 23 5.86 -0.20 -7.43
CA ALA A 23 5.20 0.93 -6.70
C ALA A 23 5.58 0.86 -5.20
N PHE A 24 5.70 -0.34 -4.68
CA PHE A 24 6.09 -0.52 -3.23
C PHE A 24 7.52 0.00 -3.00
N ASP A 25 8.40 -0.22 -3.94
CA ASP A 25 9.82 0.25 -3.79
C ASP A 25 9.87 1.77 -3.53
N ILE A 26 9.04 2.52 -4.20
CA ILE A 26 9.02 4.01 -3.99
C ILE A 26 8.44 4.32 -2.60
N PHE A 27 7.51 3.52 -2.13
CA PHE A 27 6.91 3.76 -0.78
C PHE A 27 7.92 3.46 0.32
N VAL A 28 8.70 2.41 0.17
CA VAL A 28 9.71 2.07 1.21
C VAL A 28 11.05 2.80 0.96
N LEU A 29 11.08 3.73 0.03
CA LEU A 29 12.37 4.46 -0.24
C LEU A 29 12.82 5.21 1.02
N GLY A 30 13.84 4.71 1.67
CA GLY A 30 14.34 5.38 2.91
C GLY A 30 13.73 4.72 4.16
N ALA A 31 13.17 3.54 4.03
CA ALA A 31 12.57 2.86 5.22
C ALA A 31 13.18 1.47 5.39
N GLU A 32 14.28 1.38 6.11
CA GLU A 32 14.98 0.07 6.34
C GLU A 32 15.26 -0.65 5.02
N ASP A 33 14.36 -1.49 4.55
CA ASP A 33 14.60 -2.23 3.26
C ASP A 33 13.28 -2.40 2.47
N GLY A 34 12.19 -2.69 3.13
CA GLY A 34 10.90 -2.87 2.40
C GLY A 34 9.72 -2.82 3.38
N CYS A 35 9.61 -1.76 4.13
CA CYS A 35 8.48 -1.64 5.11
C CYS A 35 7.81 -0.26 5.00
N ILE A 36 6.54 -0.18 5.26
CA ILE A 36 5.82 1.13 5.16
C ILE A 36 5.14 1.48 6.50
N SER A 37 5.36 2.68 6.99
CA SER A 37 4.73 3.10 8.27
C SER A 37 3.88 4.38 8.04
N THR A 38 3.32 4.92 9.09
CA THR A 38 2.48 6.17 8.93
C THR A 38 3.35 7.35 8.48
N LYS A 39 4.57 7.43 8.95
CA LYS A 39 5.47 8.55 8.54
C LYS A 39 5.82 8.44 7.05
N GLU A 40 6.15 7.25 6.59
CA GLU A 40 6.50 7.07 5.15
C GLU A 40 5.26 7.19 4.26
N LEU A 41 4.08 6.97 4.79
CA LEU A 41 2.85 7.09 3.95
C LEU A 41 2.68 8.53 3.46
N GLY A 42 2.81 9.49 4.34
CA GLY A 42 2.66 10.93 3.94
C GLY A 42 3.62 11.27 2.79
N LYS A 43 4.76 10.59 2.72
CA LYS A 43 5.73 10.86 1.61
C LYS A 43 5.02 10.81 0.25
N VAL A 44 4.23 9.78 0.02
CA VAL A 44 3.48 9.69 -1.27
C VAL A 44 2.21 10.58 -1.22
N MET A 45 1.65 10.78 -0.04
CA MET A 45 0.43 11.63 0.07
C MET A 45 0.70 13.04 -0.50
N ARG A 46 1.86 13.58 -0.23
CA ARG A 46 2.20 14.94 -0.77
C ARG A 46 2.14 14.94 -2.30
N MET A 47 2.62 13.90 -2.93
CA MET A 47 2.59 13.82 -4.43
C MET A 47 1.14 13.89 -4.93
N LEU A 48 0.24 13.20 -4.28
CA LEU A 48 -1.21 13.24 -4.71
C LEU A 48 -1.86 14.53 -4.19
N GLY A 49 -1.50 14.97 -3.01
CA GLY A 49 -2.09 16.23 -2.44
C GLY A 49 -2.89 15.89 -1.19
N GLN A 50 -2.31 15.16 -0.26
CA GLN A 50 -3.05 14.79 0.98
C GLN A 50 -2.16 15.04 2.21
N ASN A 51 -2.74 15.45 3.32
CA ASN A 51 -1.92 15.72 4.54
C ASN A 51 -2.55 15.05 5.78
N PRO A 52 -2.62 13.74 5.74
CA PRO A 52 -3.20 12.98 6.88
C PRO A 52 -2.18 12.87 8.02
N THR A 53 -2.65 12.64 9.23
CA THR A 53 -1.71 12.52 10.40
C THR A 53 -1.19 11.07 10.51
N PRO A 54 -0.03 10.92 11.08
CA PRO A 54 0.58 9.58 11.25
C PRO A 54 -0.25 8.72 12.21
N GLU A 55 -0.62 9.25 13.35
CA GLU A 55 -1.45 8.47 14.31
C GLU A 55 -2.80 8.10 13.66
N GLU A 56 -3.28 8.92 12.76
CA GLU A 56 -4.57 8.63 12.07
C GLU A 56 -4.37 7.50 11.05
N LEU A 57 -3.33 7.58 10.25
CA LEU A 57 -3.09 6.50 9.24
C LEU A 57 -2.66 5.19 9.92
N GLN A 58 -2.23 5.23 11.17
CA GLN A 58 -1.82 3.98 11.88
C GLN A 58 -2.94 2.94 11.81
N GLU A 59 -4.15 3.30 12.16
CA GLU A 59 -5.28 2.33 12.10
C GLU A 59 -5.43 1.77 10.67
N MET A 60 -5.11 2.56 9.68
CA MET A 60 -5.20 2.07 8.27
C MET A 60 -4.29 0.85 8.08
N ILE A 61 -3.12 0.86 8.70
CA ILE A 61 -2.20 -0.32 8.58
C ILE A 61 -2.79 -1.50 9.37
N ASP A 62 -3.33 -1.25 10.53
CA ASP A 62 -3.93 -2.35 11.36
C ASP A 62 -4.99 -3.12 10.54
N GLU A 63 -5.68 -2.44 9.66
CA GLU A 63 -6.73 -3.12 8.82
C GLU A 63 -6.18 -4.39 8.17
N VAL A 64 -4.98 -4.33 7.64
CA VAL A 64 -4.38 -5.55 6.99
C VAL A 64 -3.17 -6.06 7.78
N ASP A 65 -2.82 -5.42 8.88
CA ASP A 65 -1.64 -5.87 9.70
C ASP A 65 -2.08 -6.95 10.71
N GLU A 66 -2.38 -6.56 11.93
CA GLU A 66 -2.81 -7.57 12.98
C GLU A 66 -1.82 -8.75 13.06
N ASP A 67 -0.54 -8.50 12.87
CA ASP A 67 0.46 -9.61 12.94
C ASP A 67 1.47 -9.40 14.09
N GLY A 68 1.42 -8.28 14.77
CA GLY A 68 2.37 -8.04 15.90
C GLY A 68 3.39 -6.96 15.53
N SER A 69 3.65 -6.78 14.25
CA SER A 69 4.63 -5.74 13.82
C SER A 69 3.98 -4.34 13.82
N GLY A 70 2.75 -4.24 13.35
CA GLY A 70 2.09 -2.90 13.31
C GLY A 70 2.68 -2.05 12.19
N THR A 71 3.20 -2.68 11.17
CA THR A 71 3.80 -1.93 10.02
C THR A 71 3.42 -2.63 8.71
N VAL A 72 3.26 -1.88 7.64
CA VAL A 72 2.89 -2.52 6.34
C VAL A 72 4.09 -3.25 5.72
N ASP A 73 4.02 -4.54 5.61
CA ASP A 73 5.16 -5.31 5.00
C ASP A 73 4.99 -5.34 3.47
N PHE A 74 5.72 -6.18 2.78
CA PHE A 74 5.56 -6.25 1.29
C PHE A 74 4.26 -6.96 0.94
N ASP A 75 4.09 -8.19 1.38
CA ASP A 75 2.83 -8.94 1.07
C ASP A 75 1.63 -8.24 1.73
N GLU A 76 1.83 -7.64 2.89
CA GLU A 76 0.69 -6.92 3.54
C GLU A 76 0.24 -5.76 2.64
N PHE A 77 1.18 -5.11 2.00
CA PHE A 77 0.82 -3.99 1.06
C PHE A 77 0.00 -4.55 -0.10
N LEU A 78 0.33 -5.73 -0.57
CA LEU A 78 -0.46 -6.36 -1.69
C LEU A 78 -1.92 -6.56 -1.26
N VAL A 79 -2.14 -6.92 -0.01
CA VAL A 79 -3.55 -7.12 0.47
C VAL A 79 -4.31 -5.80 0.37
N MET A 80 -3.68 -4.72 0.76
CA MET A 80 -4.35 -3.38 0.67
C MET A 80 -4.57 -3.03 -0.82
N MET A 81 -3.64 -3.40 -1.68
CA MET A 81 -3.78 -3.11 -3.13
C MET A 81 -5.07 -3.74 -3.68
N VAL A 82 -5.25 -5.03 -3.46
CA VAL A 82 -6.51 -5.69 -3.96
C VAL A 82 -7.73 -5.20 -3.15
N ARG A 83 -7.52 -4.78 -1.92
CA ARG A 83 -8.66 -4.29 -1.09
C ARG A 83 -9.18 -2.95 -1.64
N CYS A 84 -8.28 -2.04 -1.97
CA CYS A 84 -8.71 -0.72 -2.52
C CYS A 84 -8.60 -0.71 -4.06
N MET A 85 -8.71 -1.87 -4.68
CA MET A 85 -8.61 -1.92 -6.18
C MET A 85 -9.92 -1.44 -6.83
N LYS A 86 -11.02 -1.55 -6.12
CA LYS A 86 -12.35 -1.10 -6.66
C LYS A 86 -12.70 -1.85 -7.96
N ASP A 87 -12.38 -3.13 -8.03
CA ASP A 87 -12.69 -3.93 -9.25
C ASP A 87 -14.09 -4.57 -9.11
N ASP A 88 -14.85 -4.58 -10.18
CA ASP A 88 -16.22 -5.17 -10.13
C ASP A 88 -16.28 -6.48 -10.93
N SER A 89 -15.71 -7.54 -10.41
CA SER A 89 -15.73 -8.85 -11.14
C SER A 89 -16.27 -9.95 -10.22
N ARG B 1 -13.12 16.48 4.37
CA ARG B 1 -12.30 15.28 4.75
C ARG B 1 -12.58 14.12 3.79
N ARG B 2 -11.61 13.28 3.54
CA ARG B 2 -11.82 12.12 2.61
C ARG B 2 -11.09 10.87 3.11
N VAL B 3 -9.78 10.94 3.23
CA VAL B 3 -8.98 9.76 3.71
C VAL B 3 -9.32 8.50 2.90
N ARG B 4 -9.40 8.61 1.60
CA ARG B 4 -9.72 7.43 0.75
C ARG B 4 -8.72 7.31 -0.40
N ILE B 5 -8.01 6.22 -0.49
CA ILE B 5 -7.00 6.05 -1.58
C ILE B 5 -7.13 4.68 -2.24
N SER B 6 -7.02 4.64 -3.55
CA SER B 6 -7.13 3.34 -4.29
C SER B 6 -5.73 2.89 -4.76
N ALA B 7 -5.62 1.67 -5.23
CA ALA B 7 -4.30 1.18 -5.71
C ALA B 7 -3.94 1.80 -7.08
N ASP B 8 -4.89 1.89 -7.98
CA ASP B 8 -4.61 2.47 -9.33
C ASP B 8 -4.16 3.93 -9.20
N ALA B 9 -4.91 4.76 -8.52
CA ALA B 9 -4.52 6.21 -8.38
C ALA B 9 -3.08 6.34 -7.84
N MET B 10 -2.72 5.57 -6.84
CA MET B 10 -1.33 5.66 -6.29
C MET B 10 -0.33 5.02 -7.26
N MET B 11 -0.65 3.87 -7.81
CA MET B 11 0.29 3.19 -8.76
C MET B 11 0.57 4.09 -9.97
N GLN B 12 -0.43 4.80 -10.43
CA GLN B 12 -0.23 5.72 -11.61
C GLN B 12 0.71 6.88 -11.25
N ALA B 13 0.59 7.41 -10.06
CA ALA B 13 1.47 8.55 -9.66
C ALA B 13 2.87 8.05 -9.26
N LEU B 14 2.97 6.89 -8.66
CA LEU B 14 4.30 6.35 -8.24
C LEU B 14 5.10 5.84 -9.46
N LEU B 15 4.46 5.14 -10.37
CA LEU B 15 5.19 4.60 -11.55
C LEU B 15 5.11 5.58 -12.73
N GLY B 16 5.93 5.37 -13.73
CA GLY B 16 5.91 6.28 -14.92
C GLY B 16 7.07 7.28 -14.83
N ALA B 17 7.11 8.06 -13.78
CA ALA B 17 8.20 9.07 -13.62
C ALA B 17 9.15 8.68 -12.48
N ARG B 18 8.61 8.35 -11.32
CA ARG B 18 9.49 7.97 -10.18
C ARG B 18 10.14 6.60 -10.43
N ALA B 19 9.38 5.65 -10.93
CA ALA B 19 9.95 4.28 -11.21
C ALA B 19 9.33 3.69 -12.48
N LYS B 20 9.64 2.46 -12.80
CA LYS B 20 9.05 1.82 -14.02
C LYS B 20 7.70 1.17 -13.68
CA CA C . 2.94 -6.40 9.58
OAA SXK D . -10.70 3.29 1.63
OAB SXK D . -11.61 3.75 3.60
CAE SXK D . -0.98 3.30 0.63
CAF SXK D . -6.14 5.44 2.85
CAG SXK D . -6.50 3.11 2.12
CAH SXK D . -4.74 5.28 2.68
CAI SXK D . -5.11 2.95 1.96
CAJ SXK D . -2.36 3.57 0.79
CAK SXK D . -0.61 3.60 3.03
CAL SXK D . -9.24 3.75 3.49
OAM SXK D . -8.35 4.62 2.75
CAN SXK D . -10.62 3.59 2.86
CAO SXK D . -0.12 3.32 1.75
CAP SXK D . -7.02 4.35 2.56
CAQ SXK D . -1.99 3.87 3.20
CAR SXK D . -4.24 4.02 2.24
CAS SXK D . -2.86 3.85 2.08
FCC SXK D . 1.20 3.06 1.58
FDD SXK D . -2.45 4.14 4.46
HAE SXK D . -0.57 3.08 -0.36
HAF SXK D . -6.55 6.40 3.18
HAG SXK D . -7.17 2.27 1.90
HAH SXK D . -4.07 6.11 2.90
HAI SXK D . -4.73 1.99 1.62
HAJ SXK D . -3.02 3.55 -0.08
HAK SXK D . 0.06 3.60 3.90
HAL SXK D . -8.77 2.75 3.55
HALA SXK D . -9.39 4.19 4.48
N MET A 1 -11.84 -21.42 8.48
CA MET A 1 -12.45 -20.64 7.34
C MET A 1 -11.93 -19.19 7.36
N ASP A 2 -10.69 -19.00 7.02
CA ASP A 2 -10.12 -17.61 7.02
C ASP A 2 -9.32 -17.38 5.73
N ASP A 3 -8.33 -16.52 5.77
CA ASP A 3 -7.48 -16.24 4.56
C ASP A 3 -8.34 -15.81 3.36
N ILE A 4 -9.45 -15.14 3.61
CA ILE A 4 -10.33 -14.69 2.49
C ILE A 4 -9.64 -13.60 1.65
N TYR A 5 -9.19 -12.53 2.28
CA TYR A 5 -8.50 -11.45 1.51
C TYR A 5 -7.20 -11.96 0.89
N LYS A 6 -6.56 -12.93 1.50
CA LYS A 6 -5.29 -13.49 0.92
C LYS A 6 -5.59 -14.18 -0.41
N ALA A 7 -6.71 -14.85 -0.51
CA ALA A 7 -7.07 -15.54 -1.79
C ALA A 7 -7.11 -14.53 -2.95
N ALA A 8 -7.60 -13.34 -2.71
CA ALA A 8 -7.64 -12.31 -3.79
C ALA A 8 -6.22 -11.90 -4.19
N VAL A 9 -5.36 -11.67 -3.23
CA VAL A 9 -3.95 -11.28 -3.56
C VAL A 9 -3.24 -12.42 -4.30
N GLU A 10 -3.41 -13.63 -3.84
CA GLU A 10 -2.74 -14.79 -4.53
C GLU A 10 -3.47 -15.11 -5.84
N GLN A 11 -4.70 -14.67 -5.99
CA GLN A 11 -5.45 -14.93 -7.25
C GLN A 11 -4.69 -14.34 -8.45
N LEU A 12 -4.28 -13.10 -8.37
CA LEU A 12 -3.52 -12.49 -9.49
C LEU A 12 -2.10 -13.09 -9.53
N THR A 13 -1.64 -13.47 -10.70
CA THR A 13 -0.29 -14.12 -10.81
C THR A 13 0.83 -13.19 -10.31
N GLU A 14 1.99 -13.75 -10.11
CA GLU A 14 3.15 -12.94 -9.62
C GLU A 14 3.51 -11.84 -10.62
N GLU A 15 3.21 -12.03 -11.89
CA GLU A 15 3.53 -10.97 -12.90
C GLU A 15 2.84 -9.66 -12.49
N GLN A 16 1.59 -9.74 -12.08
CA GLN A 16 0.86 -8.52 -11.63
C GLN A 16 1.47 -8.03 -10.31
N LYS A 17 1.82 -8.96 -9.47
CA LYS A 17 2.46 -8.61 -8.15
C LYS A 17 3.78 -7.88 -8.41
N ASN A 18 4.45 -8.17 -9.50
CA ASN A 18 5.73 -7.48 -9.83
C ASN A 18 5.52 -5.97 -9.93
N GLU A 19 4.46 -5.54 -10.58
CA GLU A 19 4.19 -4.07 -10.69
C GLU A 19 4.11 -3.46 -9.29
N PHE A 20 3.47 -4.14 -8.37
CA PHE A 20 3.38 -3.61 -6.97
C PHE A 20 4.76 -3.70 -6.30
N LYS A 21 5.50 -4.75 -6.59
CA LYS A 21 6.87 -4.88 -6.00
C LYS A 21 7.76 -3.74 -6.52
N ALA A 22 7.52 -3.29 -7.73
CA ALA A 22 8.32 -2.15 -8.28
C ALA A 22 7.95 -0.87 -7.53
N ALA A 23 6.68 -0.65 -7.29
CA ALA A 23 6.25 0.56 -6.52
C ALA A 23 6.70 0.43 -5.06
N PHE A 24 6.53 -0.73 -4.48
CA PHE A 24 6.97 -0.95 -3.06
C PHE A 24 8.48 -0.72 -2.95
N ASP A 25 9.24 -1.12 -3.94
CA ASP A 25 10.73 -0.92 -3.91
C ASP A 25 11.08 0.56 -3.66
N ILE A 26 10.43 1.46 -4.34
CA ILE A 26 10.72 2.92 -4.14
C ILE A 26 9.87 3.48 -2.98
N PHE A 27 8.91 2.72 -2.49
CA PHE A 27 8.07 3.21 -1.37
C PHE A 27 8.87 3.18 -0.05
N VAL A 28 9.78 2.24 0.08
CA VAL A 28 10.61 2.16 1.33
C VAL A 28 11.99 2.78 1.08
N LEU A 29 12.04 3.95 0.51
CA LEU A 29 13.36 4.62 0.25
C LEU A 29 14.03 4.99 1.58
N GLY A 30 13.30 5.62 2.46
CA GLY A 30 13.87 6.00 3.79
C GLY A 30 13.25 5.12 4.88
N ALA A 31 12.85 3.93 4.55
CA ALA A 31 12.23 3.02 5.57
C ALA A 31 13.24 1.95 6.00
N GLU A 32 14.00 2.23 7.03
CA GLU A 32 15.02 1.23 7.50
C GLU A 32 14.35 0.17 8.40
N ASP A 33 13.06 0.22 8.58
CA ASP A 33 12.36 -0.79 9.44
C ASP A 33 12.16 -2.12 8.67
N GLY A 34 12.11 -2.08 7.36
CA GLY A 34 11.92 -3.34 6.58
C GLY A 34 10.71 -3.25 5.65
N CYS A 35 9.77 -2.38 5.96
CA CYS A 35 8.56 -2.25 5.08
C CYS A 35 8.14 -0.78 4.95
N ILE A 36 6.98 -0.52 4.40
CA ILE A 36 6.53 0.90 4.25
C ILE A 36 6.08 1.49 5.59
N SER A 37 6.69 2.57 6.00
CA SER A 37 6.30 3.20 7.29
C SER A 37 5.24 4.29 7.06
N THR A 38 4.51 4.66 8.08
CA THR A 38 3.45 5.72 7.91
C THR A 38 4.09 7.06 7.51
N LYS A 39 5.25 7.37 8.05
CA LYS A 39 5.93 8.66 7.69
C LYS A 39 6.20 8.70 6.18
N GLU A 40 6.66 7.60 5.61
CA GLU A 40 6.93 7.57 4.14
C GLU A 40 5.61 7.63 3.36
N LEU A 41 4.61 6.89 3.81
CA LEU A 41 3.28 6.90 3.12
C LEU A 41 2.69 8.32 3.12
N GLY A 42 2.39 8.85 4.28
CA GLY A 42 1.82 10.23 4.37
C GLY A 42 2.65 11.21 3.51
N LYS A 43 3.95 11.10 3.54
CA LYS A 43 4.81 12.00 2.71
C LYS A 43 4.54 11.77 1.21
N VAL A 44 4.32 10.54 0.82
CA VAL A 44 4.04 10.25 -0.63
C VAL A 44 2.67 10.84 -1.06
N MET A 45 1.75 11.02 -0.14
CA MET A 45 0.42 11.59 -0.48
C MET A 45 0.55 12.99 -1.12
N ARG A 46 1.57 13.73 -0.76
CA ARG A 46 1.75 15.11 -1.34
C ARG A 46 1.80 15.05 -2.89
N MET A 47 2.42 14.04 -3.44
CA MET A 47 2.49 13.92 -4.94
C MET A 47 1.28 13.15 -5.49
N LEU A 48 0.34 12.78 -4.65
CA LEU A 48 -0.86 12.01 -5.14
C LEU A 48 -2.14 12.83 -4.92
N GLY A 49 -2.37 13.28 -3.71
CA GLY A 49 -3.60 14.08 -3.43
C GLY A 49 -3.75 14.29 -1.92
N GLN A 50 -3.75 15.52 -1.48
CA GLN A 50 -3.90 15.83 -0.01
C GLN A 50 -2.76 15.19 0.81
N ASN A 51 -2.79 15.34 2.11
CA ASN A 51 -1.72 14.76 2.97
C ASN A 51 -2.21 14.60 4.42
N PRO A 52 -2.50 13.38 4.80
CA PRO A 52 -2.99 13.11 6.18
C PRO A 52 -1.81 13.11 7.17
N THR A 53 -2.10 13.16 8.45
CA THR A 53 -0.98 13.16 9.46
C THR A 53 -0.36 11.76 9.57
N PRO A 54 0.79 11.69 10.22
CA PRO A 54 1.50 10.40 10.40
C PRO A 54 0.69 9.44 11.28
N GLU A 55 0.09 9.94 12.34
CA GLU A 55 -0.73 9.05 13.22
C GLU A 55 -2.00 8.60 12.49
N GLU A 56 -2.51 9.41 11.60
CA GLU A 56 -3.74 9.03 10.85
C GLU A 56 -3.55 7.69 10.15
N LEU A 57 -2.48 7.52 9.42
CA LEU A 57 -2.22 6.23 8.72
C LEU A 57 -1.70 5.18 9.71
N GLN A 58 -1.13 5.58 10.82
CA GLN A 58 -0.62 4.56 11.81
C GLN A 58 -1.80 3.70 12.30
N GLU A 59 -2.97 4.29 12.42
CA GLU A 59 -4.15 3.50 12.85
C GLU A 59 -4.70 2.73 11.64
N MET A 60 -4.59 3.31 10.46
CA MET A 60 -5.06 2.63 9.21
C MET A 60 -4.17 1.42 8.91
N ILE A 61 -2.87 1.57 9.08
CA ILE A 61 -1.93 0.44 8.83
C ILE A 61 -2.15 -0.67 9.87
N ASP A 62 -2.42 -0.31 11.10
CA ASP A 62 -2.67 -1.34 12.16
C ASP A 62 -3.99 -2.07 11.89
N GLU A 63 -4.96 -1.40 11.31
CA GLU A 63 -6.27 -2.07 11.01
C GLU A 63 -6.06 -3.26 10.06
N VAL A 64 -5.25 -3.08 9.05
CA VAL A 64 -4.99 -4.19 8.08
C VAL A 64 -3.60 -4.81 8.33
N ASP A 65 -3.08 -4.70 9.52
CA ASP A 65 -1.73 -5.29 9.81
C ASP A 65 -1.88 -6.77 10.18
N GLU A 66 -0.85 -7.55 9.95
CA GLU A 66 -0.93 -9.01 10.26
C GLU A 66 0.15 -9.43 11.27
N ASP A 67 0.85 -8.50 11.89
CA ASP A 67 1.91 -8.91 12.87
C ASP A 67 2.07 -7.94 14.05
N GLY A 68 1.30 -6.88 14.10
CA GLY A 68 1.43 -5.92 15.25
C GLY A 68 2.47 -4.83 14.95
N SER A 69 3.42 -5.09 14.07
CA SER A 69 4.45 -4.04 13.75
C SER A 69 3.77 -2.75 13.32
N GLY A 70 2.60 -2.82 12.73
CA GLY A 70 1.91 -1.58 12.28
C GLY A 70 2.65 -0.99 11.08
N THR A 71 3.07 -1.81 10.16
CA THR A 71 3.80 -1.33 8.95
C THR A 71 3.38 -2.16 7.74
N VAL A 72 3.17 -1.55 6.60
CA VAL A 72 2.73 -2.33 5.40
C VAL A 72 3.90 -3.13 4.80
N ASP A 73 3.84 -4.43 4.91
CA ASP A 73 4.91 -5.29 4.34
C ASP A 73 4.58 -5.61 2.87
N PHE A 74 5.35 -6.47 2.24
CA PHE A 74 5.06 -6.81 0.80
C PHE A 74 3.67 -7.46 0.67
N ASP A 75 3.37 -8.42 1.50
CA ASP A 75 2.03 -9.09 1.43
C ASP A 75 0.93 -8.13 1.90
N GLU A 76 1.15 -7.43 3.00
CA GLU A 76 0.13 -6.45 3.49
C GLU A 76 -0.15 -5.38 2.43
N PHE A 77 0.85 -5.00 1.68
CA PHE A 77 0.65 -3.98 0.61
C PHE A 77 -0.34 -4.52 -0.44
N LEU A 78 -0.18 -5.76 -0.84
CA LEU A 78 -1.12 -6.36 -1.84
C LEU A 78 -2.52 -6.47 -1.24
N VAL A 79 -2.62 -6.86 0.02
CA VAL A 79 -3.95 -6.99 0.68
C VAL A 79 -4.64 -5.61 0.76
N MET A 80 -3.86 -4.57 0.95
CA MET A 80 -4.47 -3.20 1.03
C MET A 80 -4.90 -2.73 -0.37
N MET A 81 -4.21 -3.15 -1.40
CA MET A 81 -4.58 -2.73 -2.79
C MET A 81 -5.96 -3.26 -3.16
N VAL A 82 -6.20 -4.54 -2.96
CA VAL A 82 -7.54 -5.12 -3.29
C VAL A 82 -8.62 -4.54 -2.35
N ARG A 83 -8.25 -4.18 -1.14
CA ARG A 83 -9.25 -3.60 -0.18
C ARG A 83 -9.90 -2.35 -0.81
N CYS A 84 -9.12 -1.54 -1.47
CA CYS A 84 -9.69 -0.32 -2.13
C CYS A 84 -10.21 -0.68 -3.52
N MET A 85 -9.58 -1.62 -4.20
CA MET A 85 -10.04 -2.04 -5.55
C MET A 85 -11.05 -3.18 -5.42
N LYS A 86 -12.31 -2.85 -5.20
CA LYS A 86 -13.35 -3.91 -5.06
C LYS A 86 -14.31 -3.91 -6.27
N ASP A 87 -14.65 -5.07 -6.77
CA ASP A 87 -15.59 -5.15 -7.93
C ASP A 87 -16.93 -5.73 -7.48
N ASP A 88 -17.55 -5.13 -6.49
CA ASP A 88 -18.86 -5.65 -5.98
C ASP A 88 -20.01 -5.22 -6.89
N SER A 89 -20.77 -6.16 -7.36
CA SER A 89 -21.92 -5.83 -8.26
C SER A 89 -22.95 -6.97 -8.26
N ARG B 1 -8.70 10.25 6.45
CA ARG B 1 -9.80 11.25 6.65
C ARG B 1 -10.69 11.35 5.40
N ARG B 2 -11.47 10.32 5.14
CA ARG B 2 -12.38 10.31 3.94
C ARG B 2 -11.60 10.69 2.66
N VAL B 3 -10.48 10.02 2.42
CA VAL B 3 -9.66 10.32 1.21
C VAL B 3 -9.65 9.12 0.25
N ARG B 4 -9.53 9.37 -1.03
CA ARG B 4 -9.52 8.24 -2.02
C ARG B 4 -8.14 8.11 -2.68
N ILE B 5 -7.50 6.97 -2.52
CA ILE B 5 -6.15 6.76 -3.13
C ILE B 5 -6.22 5.61 -4.16
N SER B 6 -6.89 4.53 -3.82
CA SER B 6 -6.99 3.37 -4.77
C SER B 6 -5.61 2.82 -5.12
N ALA B 7 -5.49 2.08 -6.21
CA ALA B 7 -4.17 1.52 -6.61
C ALA B 7 -3.66 2.20 -7.89
N ASP B 8 -4.53 2.39 -8.85
CA ASP B 8 -4.10 3.04 -10.14
C ASP B 8 -3.51 4.44 -9.88
N ALA B 9 -4.13 5.22 -9.03
CA ALA B 9 -3.60 6.60 -8.75
C ALA B 9 -2.16 6.51 -8.22
N MET B 10 -1.92 5.68 -7.23
CA MET B 10 -0.53 5.53 -6.70
C MET B 10 0.38 4.86 -7.73
N MET B 11 -0.15 3.92 -8.48
CA MET B 11 0.66 3.24 -9.54
C MET B 11 1.15 4.26 -10.57
N GLN B 12 0.26 5.09 -11.07
CA GLN B 12 0.65 6.11 -12.08
C GLN B 12 1.67 7.11 -11.50
N ALA B 13 1.64 7.34 -10.20
CA ALA B 13 2.59 8.31 -9.58
C ALA B 13 3.90 7.62 -9.13
N LEU B 14 3.87 6.32 -8.91
CA LEU B 14 5.12 5.61 -8.46
C LEU B 14 5.82 4.92 -9.64
N LEU B 15 5.07 4.26 -10.50
CA LEU B 15 5.71 3.57 -11.66
C LEU B 15 6.10 4.57 -12.75
N GLY B 16 7.38 4.83 -12.88
CA GLY B 16 7.84 5.81 -13.93
C GLY B 16 7.90 7.21 -13.33
N ALA B 17 6.78 7.72 -12.87
CA ALA B 17 6.74 9.09 -12.27
C ALA B 17 7.76 9.23 -11.13
N ARG B 18 7.71 8.35 -10.16
CA ARG B 18 8.69 8.42 -9.02
C ARG B 18 9.69 7.27 -9.11
N ALA B 19 10.30 7.09 -10.26
CA ALA B 19 11.29 5.98 -10.42
C ALA B 19 12.57 6.49 -11.09
N LYS B 20 13.26 7.40 -10.45
CA LYS B 20 14.52 7.96 -11.04
C LYS B 20 15.56 8.22 -9.95
CA CA C . 2.86 -5.36 9.50
OAA SXK D . -8.16 7.77 5.07
OAB SXK D . -10.35 7.43 5.19
CAE SXK D . -2.35 2.75 -0.54
CAF SXK D . -6.50 5.91 2.45
CAG SXK D . -7.32 3.59 2.26
CAH SXK D . -5.24 5.51 1.98
CAI SXK D . -6.05 3.18 1.79
CAJ SXK D . -3.63 3.14 -0.08
CAK SXK D . -1.32 3.57 1.53
CAL SXK D . -9.01 5.60 4.48
OAM SXK D . -8.73 5.46 3.07
CAN SXK D . -9.19 7.05 4.95
CAO SXK D . -1.21 2.97 0.28
CAP SXK D . -7.54 4.95 2.59
CAQ SXK D . -2.59 3.97 1.99
CAR SXK D . -5.01 4.15 1.65
CAS SXK D . -3.74 3.76 1.19
FCC SXK D . 0.00 2.58 -0.18
FDD SXK D . -2.67 4.56 3.23
HAE SXK D . -2.23 2.28 -1.51
HAF SXK D . -6.69 6.96 2.71
HAG SXK D . -8.10 2.84 2.38
HAH SXK D . -4.44 6.25 1.86
HAI SXK D . -5.87 2.13 1.54
HAJ SXK D . -4.51 2.97 -0.70
HAK SXK D . -0.44 3.73 2.14
HAL SXK D . -9.93 5.05 4.71
HALA SXK D . -8.15 5.20 5.03
N MET A 1 -13.19 -21.24 7.84
CA MET A 1 -11.99 -20.35 7.96
C MET A 1 -12.24 -19.02 7.23
N ASP A 2 -11.65 -17.94 7.69
CA ASP A 2 -11.85 -16.63 7.02
C ASP A 2 -10.65 -16.29 6.12
N ASP A 3 -10.42 -17.08 5.11
CA ASP A 3 -9.27 -16.80 4.19
C ASP A 3 -9.77 -16.06 2.93
N ILE A 4 -10.51 -15.00 3.12
CA ILE A 4 -11.03 -14.23 1.95
C ILE A 4 -10.03 -13.15 1.51
N TYR A 5 -9.53 -12.37 2.43
CA TYR A 5 -8.53 -11.31 2.06
C TYR A 5 -7.26 -11.95 1.47
N LYS A 6 -6.82 -13.04 2.04
CA LYS A 6 -5.59 -13.72 1.51
C LYS A 6 -5.91 -14.36 0.14
N ALA A 7 -7.09 -14.91 -0.02
CA ALA A 7 -7.46 -15.55 -1.33
C ALA A 7 -7.19 -14.58 -2.48
N ALA A 8 -7.67 -13.35 -2.37
CA ALA A 8 -7.43 -12.36 -3.45
C ALA A 8 -5.92 -12.12 -3.64
N VAL A 9 -5.20 -12.00 -2.54
CA VAL A 9 -3.72 -11.79 -2.64
C VAL A 9 -3.06 -12.96 -3.37
N GLU A 10 -3.52 -14.16 -3.15
CA GLU A 10 -2.94 -15.35 -3.83
C GLU A 10 -3.52 -15.50 -5.24
N GLN A 11 -4.76 -15.09 -5.42
CA GLN A 11 -5.40 -15.19 -6.78
C GLN A 11 -4.67 -14.32 -7.81
N LEU A 12 -4.11 -13.21 -7.39
CA LEU A 12 -3.38 -12.32 -8.34
C LEU A 12 -2.30 -13.11 -9.10
N THR A 13 -2.15 -12.87 -10.38
CA THR A 13 -1.10 -13.61 -11.15
C THR A 13 0.28 -13.03 -10.87
N GLU A 14 1.32 -13.74 -11.22
CA GLU A 14 2.70 -13.23 -10.97
C GLU A 14 2.89 -11.83 -11.59
N GLU A 15 2.17 -11.52 -12.64
CA GLU A 15 2.28 -10.17 -13.26
C GLU A 15 1.88 -9.10 -12.24
N GLN A 16 0.76 -9.29 -11.58
CA GLN A 16 0.32 -8.29 -10.55
C GLN A 16 1.30 -8.31 -9.37
N LYS A 17 1.71 -9.48 -8.98
CA LYS A 17 2.68 -9.61 -7.85
C LYS A 17 3.97 -8.85 -8.18
N ASN A 18 4.47 -9.02 -9.38
CA ASN A 18 5.72 -8.31 -9.79
C ASN A 18 5.45 -6.80 -9.93
N GLU A 19 4.32 -6.44 -10.49
CA GLU A 19 3.98 -4.98 -10.63
C GLU A 19 3.91 -4.33 -9.25
N PHE A 20 3.26 -4.97 -8.31
CA PHE A 20 3.18 -4.40 -6.93
C PHE A 20 4.57 -4.35 -6.30
N LYS A 21 5.41 -5.32 -6.59
CA LYS A 21 6.80 -5.32 -6.03
C LYS A 21 7.54 -4.06 -6.50
N ALA A 22 7.37 -3.67 -7.74
CA ALA A 22 8.06 -2.43 -8.25
C ALA A 22 7.56 -1.20 -7.46
N ALA A 23 6.27 -1.08 -7.29
CA ALA A 23 5.72 0.09 -6.52
C ALA A 23 6.13 -0.01 -5.04
N PHE A 24 6.13 -1.21 -4.49
CA PHE A 24 6.52 -1.38 -3.06
C PHE A 24 8.03 -1.11 -2.88
N ASP A 25 8.85 -1.54 -3.82
CA ASP A 25 10.32 -1.31 -3.72
C ASP A 25 10.60 0.20 -3.53
N ILE A 26 9.92 1.04 -4.27
CA ILE A 26 10.11 2.52 -4.11
C ILE A 26 9.43 2.99 -2.82
N PHE A 27 8.40 2.30 -2.40
CA PHE A 27 7.69 2.70 -1.14
C PHE A 27 8.52 2.34 0.11
N VAL A 28 9.58 1.58 -0.05
CA VAL A 28 10.42 1.20 1.14
C VAL A 28 11.89 1.59 0.92
N LEU A 29 12.22 2.23 -0.18
CA LEU A 29 13.66 2.62 -0.41
C LEU A 29 14.09 3.67 0.62
N GLY A 30 13.18 4.52 1.05
CA GLY A 30 13.53 5.56 2.07
C GLY A 30 12.76 5.26 3.36
N ALA A 31 12.43 4.02 3.61
CA ALA A 31 11.67 3.65 4.85
C ALA A 31 12.45 2.59 5.64
N GLU A 32 11.83 1.50 6.00
CA GLU A 32 12.55 0.43 6.76
C GLU A 32 13.04 -0.66 5.79
N ASP A 33 13.64 -1.71 6.30
CA ASP A 33 14.14 -2.81 5.42
C ASP A 33 12.97 -3.56 4.76
N GLY A 34 12.45 -3.04 3.68
CA GLY A 34 11.30 -3.69 2.99
C GLY A 34 10.02 -3.49 3.81
N CYS A 35 9.88 -2.34 4.45
CA CYS A 35 8.66 -2.09 5.27
C CYS A 35 8.28 -0.60 5.23
N ILE A 36 7.05 -0.28 5.56
CA ILE A 36 6.62 1.16 5.54
C ILE A 36 5.93 1.51 6.88
N SER A 37 6.40 2.56 7.53
CA SER A 37 5.78 2.97 8.82
C SER A 37 5.34 4.44 8.76
N THR A 38 4.36 4.74 7.93
CA THR A 38 3.82 6.16 7.76
C THR A 38 4.85 7.12 7.14
N LYS A 39 6.10 7.09 7.57
CA LYS A 39 7.14 8.03 7.01
C LYS A 39 7.08 8.08 5.48
N GLU A 40 7.38 7.00 4.81
CA GLU A 40 7.35 7.02 3.30
C GLU A 40 5.89 7.10 2.81
N LEU A 41 4.97 6.52 3.54
CA LEU A 41 3.53 6.55 3.13
C LEU A 41 3.04 8.00 3.01
N GLY A 42 3.27 8.80 4.03
CA GLY A 42 2.82 10.22 3.99
C GLY A 42 3.48 10.95 2.81
N LYS A 43 4.73 10.66 2.54
CA LYS A 43 5.43 11.33 1.40
C LYS A 43 4.62 11.14 0.11
N VAL A 44 4.12 9.94 -0.13
CA VAL A 44 3.30 9.70 -1.36
C VAL A 44 1.89 10.28 -1.16
N MET A 45 1.33 10.14 0.03
CA MET A 45 -0.04 10.70 0.28
C MET A 45 -0.03 12.23 0.10
N ARG A 46 1.05 12.88 0.47
CA ARG A 46 1.14 14.37 0.30
C ARG A 46 1.11 14.72 -1.20
N MET A 47 1.69 13.88 -2.02
CA MET A 47 1.69 14.16 -3.50
C MET A 47 0.33 13.81 -4.10
N LEU A 48 -0.32 12.78 -3.58
CA LEU A 48 -1.66 12.39 -4.10
C LEU A 48 -2.60 12.08 -2.92
N GLY A 49 -3.29 13.07 -2.43
CA GLY A 49 -4.22 12.85 -1.27
C GLY A 49 -4.27 14.12 -0.40
N GLN A 50 -3.79 14.04 0.81
CA GLN A 50 -3.80 15.23 1.72
C GLN A 50 -2.60 15.17 2.69
N ASN A 51 -2.45 14.06 3.38
CA ASN A 51 -1.31 13.88 4.34
C ASN A 51 -1.23 15.02 5.38
N PRO A 52 -2.09 14.93 6.38
CA PRO A 52 -2.09 15.95 7.46
C PRO A 52 -0.94 15.68 8.44
N THR A 53 -0.95 14.54 9.10
CA THR A 53 0.14 14.20 10.06
C THR A 53 0.60 12.75 9.83
N PRO A 54 1.77 12.42 10.34
CA PRO A 54 2.31 11.04 10.17
C PRO A 54 1.46 10.04 10.97
N GLU A 55 0.90 10.47 12.08
CA GLU A 55 0.06 9.56 12.92
C GLU A 55 -1.23 9.20 12.16
N GLU A 56 -1.71 10.07 11.30
CA GLU A 56 -2.96 9.80 10.53
C GLU A 56 -2.81 8.54 9.65
N LEU A 57 -1.63 8.28 9.14
CA LEU A 57 -1.45 7.07 8.28
C LEU A 57 -1.07 5.84 9.10
N GLN A 58 -0.72 5.99 10.35
CA GLN A 58 -0.38 4.81 11.18
C GLN A 58 -1.64 3.95 11.37
N GLU A 59 -2.75 4.57 11.73
CA GLU A 59 -4.02 3.81 11.91
C GLU A 59 -4.41 3.16 10.57
N MET A 60 -4.08 3.78 9.46
CA MET A 60 -4.41 3.20 8.13
C MET A 60 -3.71 1.85 7.97
N ILE A 61 -2.47 1.76 8.38
CA ILE A 61 -1.73 0.45 8.28
C ILE A 61 -2.27 -0.53 9.33
N ASP A 62 -2.45 -0.07 10.55
CA ASP A 62 -2.97 -0.97 11.63
C ASP A 62 -4.29 -1.64 11.21
N GLU A 63 -5.12 -0.95 10.46
CA GLU A 63 -6.42 -1.56 10.01
C GLU A 63 -6.14 -2.84 9.20
N VAL A 64 -5.13 -2.83 8.38
CA VAL A 64 -4.80 -4.04 7.57
C VAL A 64 -3.52 -4.73 8.10
N ASP A 65 -3.18 -4.52 9.35
CA ASP A 65 -1.96 -5.16 9.92
C ASP A 65 -2.33 -6.42 10.69
N GLU A 66 -2.23 -7.56 10.06
CA GLU A 66 -2.56 -8.84 10.77
C GLU A 66 -1.27 -9.41 11.41
N ASP A 67 -0.35 -8.55 11.75
CA ASP A 67 0.94 -9.00 12.37
C ASP A 67 0.96 -8.64 13.86
N GLY A 68 0.29 -7.60 14.25
CA GLY A 68 0.31 -7.16 15.67
C GLY A 68 1.62 -6.39 15.92
N SER A 69 2.24 -5.91 14.86
CA SER A 69 3.52 -5.15 15.01
C SER A 69 3.29 -3.66 14.68
N GLY A 70 2.58 -3.35 13.63
CA GLY A 70 2.34 -1.91 13.29
C GLY A 70 2.94 -1.56 11.92
N THR A 71 4.11 -2.05 11.62
CA THR A 71 4.73 -1.72 10.28
C THR A 71 4.06 -2.54 9.17
N VAL A 72 3.92 -1.95 8.00
CA VAL A 72 3.28 -2.68 6.87
C VAL A 72 4.35 -3.26 5.92
N ASP A 73 4.17 -4.49 5.49
CA ASP A 73 5.18 -5.11 4.57
C ASP A 73 4.53 -5.36 3.19
N PHE A 74 5.16 -6.16 2.35
CA PHE A 74 4.58 -6.44 1.00
C PHE A 74 3.25 -7.17 1.12
N ASP A 75 3.17 -8.17 1.97
CA ASP A 75 1.89 -8.93 2.16
C ASP A 75 0.77 -7.96 2.57
N GLU A 76 1.01 -7.19 3.60
CA GLU A 76 -0.03 -6.19 4.06
C GLU A 76 -0.33 -5.21 2.93
N PHE A 77 0.67 -4.83 2.17
CA PHE A 77 0.46 -3.88 1.03
C PHE A 77 -0.58 -4.44 0.06
N LEU A 78 -0.58 -5.74 -0.15
CA LEU A 78 -1.55 -6.36 -1.09
C LEU A 78 -2.95 -6.43 -0.46
N VAL A 79 -3.04 -6.70 0.82
CA VAL A 79 -4.38 -6.79 1.49
C VAL A 79 -5.14 -5.46 1.42
N MET A 80 -4.51 -4.36 1.77
CA MET A 80 -5.22 -3.04 1.70
C MET A 80 -5.48 -2.63 0.24
N MET A 81 -4.68 -3.13 -0.69
CA MET A 81 -4.91 -2.76 -2.12
C MET A 81 -6.14 -3.50 -2.65
N VAL A 82 -6.22 -4.80 -2.46
CA VAL A 82 -7.42 -5.56 -2.96
C VAL A 82 -8.69 -5.05 -2.25
N ARG A 83 -8.54 -4.51 -1.05
CA ARG A 83 -9.73 -3.97 -0.32
C ARG A 83 -10.27 -2.75 -1.09
N CYS A 84 -9.42 -1.80 -1.40
CA CYS A 84 -9.87 -0.59 -2.17
C CYS A 84 -10.32 -1.00 -3.58
N MET A 85 -9.85 -2.12 -4.08
CA MET A 85 -10.26 -2.58 -5.44
C MET A 85 -11.76 -2.94 -5.47
N LYS A 86 -12.36 -3.14 -4.31
CA LYS A 86 -13.82 -3.50 -4.22
C LYS A 86 -14.07 -4.90 -4.79
N ASP A 87 -14.01 -5.06 -6.09
CA ASP A 87 -14.25 -6.40 -6.69
C ASP A 87 -13.05 -6.84 -7.54
N ASP A 88 -12.52 -8.01 -7.28
CA ASP A 88 -11.35 -8.50 -8.07
C ASP A 88 -11.27 -10.04 -8.00
N SER A 89 -10.70 -10.65 -9.01
CA SER A 89 -10.58 -12.16 -9.03
C SER A 89 -11.95 -12.83 -8.85
N ARG B 1 -12.04 15.40 6.17
CA ARG B 1 -11.80 15.09 4.73
C ARG B 1 -11.76 13.57 4.51
N ARG B 2 -11.85 13.14 3.28
CA ARG B 2 -11.81 11.67 2.99
C ARG B 2 -10.93 11.40 1.76
N VAL B 3 -9.88 10.63 1.93
CA VAL B 3 -8.98 10.33 0.78
C VAL B 3 -9.41 9.03 0.07
N ARG B 4 -8.92 8.79 -1.12
CA ARG B 4 -9.30 7.56 -1.88
C ARG B 4 -8.05 6.72 -2.18
N ILE B 5 -7.05 7.30 -2.79
CA ILE B 5 -5.79 6.56 -3.13
C ILE B 5 -6.10 5.37 -4.06
N SER B 6 -6.23 5.63 -5.33
CA SER B 6 -6.52 4.53 -6.31
C SER B 6 -5.24 3.75 -6.63
N ALA B 7 -5.33 2.44 -6.68
CA ALA B 7 -4.13 1.61 -6.99
C ALA B 7 -3.54 2.00 -8.36
N ASP B 8 -4.37 2.23 -9.34
CA ASP B 8 -3.87 2.62 -10.70
C ASP B 8 -3.22 4.02 -10.63
N ALA B 9 -3.89 4.97 -10.02
CA ALA B 9 -3.32 6.35 -9.92
C ALA B 9 -1.97 6.33 -9.18
N MET B 10 -1.90 5.67 -8.06
CA MET B 10 -0.61 5.62 -7.30
C MET B 10 0.45 4.88 -8.11
N MET B 11 0.09 3.82 -8.78
CA MET B 11 1.09 3.06 -9.61
C MET B 11 1.62 3.95 -10.75
N GLN B 12 0.75 4.62 -11.45
CA GLN B 12 1.21 5.51 -12.57
C GLN B 12 1.94 6.73 -12.01
N ALA B 13 1.51 7.25 -10.89
CA ALA B 13 2.18 8.45 -10.28
C ALA B 13 3.57 8.07 -9.74
N LEU B 14 3.75 6.85 -9.31
CA LEU B 14 5.08 6.42 -8.77
C LEU B 14 6.01 5.98 -9.91
N LEU B 15 5.47 5.39 -10.94
CA LEU B 15 6.31 4.93 -12.09
C LEU B 15 6.34 5.99 -13.20
N GLY B 16 6.54 7.24 -12.84
CA GLY B 16 6.58 8.33 -13.86
C GLY B 16 6.24 9.66 -13.20
N ALA B 17 5.63 10.57 -13.95
CA ALA B 17 5.25 11.91 -13.39
C ALA B 17 6.46 12.56 -12.69
N ARG B 18 6.56 12.47 -11.38
CA ARG B 18 7.71 13.08 -10.66
C ARG B 18 7.96 12.34 -9.33
N ALA B 19 8.11 11.04 -9.38
CA ALA B 19 8.37 10.27 -8.13
C ALA B 19 9.86 9.96 -8.02
N LYS B 20 10.41 9.28 -8.99
CA LYS B 20 11.87 8.96 -8.95
C LYS B 20 12.46 8.97 -10.37
CA CA C . 2.64 -5.88 10.28
OAA SXK D . -10.71 0.05 0.77
OAB SXK D . -8.88 -0.60 1.87
CAE SXK D . -0.81 2.66 -0.48
CAF SXK D . -6.37 1.42 0.36
CAG SXK D . -6.54 3.81 0.91
CAH SXK D . -4.96 1.50 0.38
CAI SXK D . -5.13 3.91 0.94
CAJ SXK D . -2.22 2.62 -0.51
CAK SXK D . -0.84 3.15 1.91
CAL SXK D . -9.25 1.73 1.67
OAM SXK D . -8.51 2.35 0.59
CAN SXK D . -9.65 0.27 1.41
CAO SXK D . -0.14 2.93 0.73
CAP SXK D . -7.16 2.57 0.63
CAQ SXK D . -2.25 3.11 1.90
CAR SXK D . -4.34 2.76 0.66
CAS SXK D . -2.94 2.83 0.68
FCC SXK D . 1.22 2.98 0.74
FDD SXK D . -2.92 3.32 3.07
HAE SXK D . -0.24 2.50 -1.39
HAF SXK D . -6.86 0.46 0.15
HAG SXK D . -7.13 4.70 1.12
HAH SXK D . -4.36 0.62 0.18
HAI SXK D . -4.65 4.87 1.15
HAJ SXK D . -2.74 2.41 -1.45
HAK SXK D . -0.31 3.35 2.85
HAL SXK D . -8.63 1.76 2.58
HALA SXK D . -10.18 2.29 1.80
N MET A 1 -8.71 -17.97 10.69
CA MET A 1 -9.33 -18.97 9.75
C MET A 1 -10.34 -18.28 8.84
N ASP A 2 -9.95 -17.18 8.22
CA ASP A 2 -10.89 -16.44 7.32
C ASP A 2 -10.09 -15.74 6.21
N ASP A 3 -9.32 -14.73 6.56
CA ASP A 3 -8.47 -14.01 5.56
C ASP A 3 -9.27 -13.66 4.29
N ILE A 4 -10.34 -12.92 4.43
CA ILE A 4 -11.16 -12.53 3.23
C ILE A 4 -10.41 -11.50 2.40
N TYR A 5 -9.92 -10.45 3.01
CA TYR A 5 -9.15 -9.41 2.25
C TYR A 5 -7.85 -10.02 1.73
N LYS A 6 -7.20 -10.83 2.51
CA LYS A 6 -5.93 -11.48 2.06
C LYS A 6 -6.22 -12.48 0.93
N ALA A 7 -7.37 -13.13 0.97
CA ALA A 7 -7.73 -14.09 -0.12
C ALA A 7 -7.84 -13.34 -1.46
N ALA A 8 -8.31 -12.12 -1.43
CA ALA A 8 -8.42 -11.32 -2.69
C ALA A 8 -7.02 -11.02 -3.26
N VAL A 9 -6.02 -10.95 -2.41
CA VAL A 9 -4.63 -10.68 -2.90
C VAL A 9 -4.14 -11.83 -3.79
N GLU A 10 -4.57 -13.04 -3.51
CA GLU A 10 -4.13 -14.21 -4.35
C GLU A 10 -4.67 -14.08 -5.78
N GLN A 11 -5.77 -13.38 -5.96
CA GLN A 11 -6.36 -13.21 -7.33
C GLN A 11 -5.41 -12.40 -8.24
N LEU A 12 -4.55 -11.58 -7.66
CA LEU A 12 -3.61 -10.76 -8.50
C LEU A 12 -2.69 -11.69 -9.32
N THR A 13 -2.50 -11.39 -10.58
CA THR A 13 -1.60 -12.24 -11.42
C THR A 13 -0.14 -11.93 -11.12
N GLU A 14 0.75 -12.78 -11.56
CA GLU A 14 2.21 -12.55 -11.30
C GLU A 14 2.64 -11.19 -11.86
N GLU A 15 2.02 -10.76 -12.93
CA GLU A 15 2.37 -9.43 -13.54
C GLU A 15 2.09 -8.31 -12.52
N GLN A 16 0.89 -8.27 -12.00
CA GLN A 16 0.55 -7.21 -10.99
C GLN A 16 1.39 -7.39 -9.72
N LYS A 17 1.70 -8.61 -9.40
CA LYS A 17 2.54 -8.88 -8.19
C LYS A 17 3.93 -8.27 -8.38
N ASN A 18 4.55 -8.53 -9.51
CA ASN A 18 5.90 -7.94 -9.79
C ASN A 18 5.75 -6.43 -10.05
N GLU A 19 4.64 -6.04 -10.62
CA GLU A 19 4.39 -4.58 -10.89
C GLU A 19 4.24 -3.83 -9.56
N PHE A 20 3.55 -4.41 -8.62
CA PHE A 20 3.37 -3.75 -7.29
C PHE A 20 4.69 -3.76 -6.51
N LYS A 21 5.48 -4.79 -6.65
CA LYS A 21 6.78 -4.84 -5.91
C LYS A 21 7.71 -3.72 -6.41
N ALA A 22 7.57 -3.29 -7.65
CA ALA A 22 8.42 -2.17 -8.17
C ALA A 22 8.09 -0.89 -7.40
N ALA A 23 6.82 -0.63 -7.20
CA ALA A 23 6.41 0.57 -6.43
C ALA A 23 6.72 0.36 -4.94
N PHE A 24 6.49 -0.84 -4.45
CA PHE A 24 6.79 -1.15 -3.01
C PHE A 24 8.27 -0.94 -2.71
N ASP A 25 9.15 -1.38 -3.59
CA ASP A 25 10.62 -1.20 -3.35
C ASP A 25 10.98 0.30 -3.26
N ILE A 26 10.46 1.10 -4.17
CA ILE A 26 10.77 2.57 -4.14
C ILE A 26 10.02 3.26 -2.98
N PHE A 27 8.97 2.67 -2.49
CA PHE A 27 8.20 3.32 -1.36
C PHE A 27 8.99 3.30 -0.04
N VAL A 28 10.07 2.56 0.03
CA VAL A 28 10.85 2.52 1.30
C VAL A 28 12.34 2.84 1.04
N LEU A 29 12.94 2.22 0.05
CA LEU A 29 14.39 2.48 -0.26
C LEU A 29 15.23 2.40 1.03
N GLY A 30 14.93 1.47 1.90
CA GLY A 30 15.70 1.34 3.17
C GLY A 30 15.11 2.29 4.22
N ALA A 31 13.80 2.40 4.27
CA ALA A 31 13.14 3.31 5.27
C ALA A 31 13.58 2.95 6.70
N GLU A 32 13.23 1.77 7.15
CA GLU A 32 13.62 1.34 8.53
C GLU A 32 14.27 -0.06 8.46
N ASP A 33 13.60 -0.99 7.83
CA ASP A 33 14.15 -2.38 7.70
C ASP A 33 13.72 -2.98 6.36
N GLY A 34 12.44 -3.01 6.10
CA GLY A 34 11.94 -3.57 4.80
C GLY A 34 10.42 -3.47 4.76
N CYS A 35 9.85 -2.38 5.25
CA CYS A 35 8.37 -2.24 5.23
C CYS A 35 7.97 -0.75 5.11
N ILE A 36 6.75 -0.48 4.77
CA ILE A 36 6.30 0.94 4.64
C ILE A 36 5.59 1.38 5.93
N SER A 37 5.90 2.56 6.42
CA SER A 37 5.24 3.05 7.67
C SER A 37 4.39 4.29 7.38
N THR A 38 3.78 4.86 8.39
CA THR A 38 2.93 6.08 8.18
C THR A 38 3.80 7.26 7.72
N LYS A 39 5.00 7.38 8.25
CA LYS A 39 5.90 8.51 7.84
C LYS A 39 6.24 8.39 6.35
N GLU A 40 6.41 7.19 5.85
CA GLU A 40 6.74 6.99 4.41
C GLU A 40 5.49 7.19 3.53
N LEU A 41 4.32 6.95 4.07
CA LEU A 41 3.06 7.13 3.27
C LEU A 41 2.83 8.62 2.99
N GLY A 42 2.88 9.44 4.01
CA GLY A 42 2.64 10.91 3.83
C GLY A 42 3.60 11.48 2.76
N LYS A 43 4.79 10.95 2.65
CA LYS A 43 5.75 11.47 1.63
C LYS A 43 5.12 11.45 0.23
N VAL A 44 4.51 10.35 -0.15
CA VAL A 44 3.85 10.27 -1.50
C VAL A 44 2.45 10.92 -1.44
N MET A 45 1.81 10.90 -0.30
CA MET A 45 0.45 11.52 -0.17
C MET A 45 0.48 13.01 -0.58
N ARG A 46 1.59 13.69 -0.37
CA ARG A 46 1.69 15.14 -0.74
C ARG A 46 1.29 15.37 -2.21
N MET A 47 1.48 14.41 -3.07
CA MET A 47 1.11 14.60 -4.50
C MET A 47 -0.40 14.39 -4.72
N LEU A 48 -0.99 13.42 -4.06
CA LEU A 48 -2.44 13.16 -4.24
C LEU A 48 -3.02 12.50 -2.98
N GLY A 49 -3.74 13.25 -2.18
CA GLY A 49 -4.34 12.68 -0.93
C GLY A 49 -3.89 13.50 0.27
N GLN A 50 -2.61 13.45 0.59
CA GLN A 50 -2.06 14.23 1.76
C GLN A 50 -2.60 13.69 3.08
N ASN A 51 -1.72 13.45 4.02
CA ASN A 51 -2.18 12.94 5.36
C ASN A 51 -2.29 14.11 6.35
N PRO A 52 -3.50 14.38 6.78
CA PRO A 52 -3.74 15.49 7.73
C PRO A 52 -3.16 15.18 9.12
N THR A 53 -3.28 13.95 9.55
CA THR A 53 -2.73 13.57 10.90
C THR A 53 -1.79 12.37 10.76
N PRO A 54 -0.85 12.27 11.67
CA PRO A 54 0.11 11.13 11.65
C PRO A 54 -0.58 9.82 12.03
N GLU A 55 -1.38 9.85 13.07
CA GLU A 55 -2.12 8.61 13.50
C GLU A 55 -3.17 8.23 12.45
N GLU A 56 -3.58 9.17 11.62
CA GLU A 56 -4.60 8.86 10.57
C GLU A 56 -4.12 7.71 9.68
N LEU A 57 -2.86 7.70 9.31
CA LEU A 57 -2.34 6.61 8.45
C LEU A 57 -2.08 5.35 9.31
N GLN A 58 -1.87 5.50 10.59
CA GLN A 58 -1.63 4.31 11.47
C GLN A 58 -2.85 3.37 11.38
N GLU A 59 -4.02 3.92 11.19
CA GLU A 59 -5.24 3.05 11.05
C GLU A 59 -5.19 2.38 9.68
N MET A 60 -4.80 3.10 8.65
CA MET A 60 -4.69 2.52 7.29
C MET A 60 -3.67 1.36 7.30
N ILE A 61 -2.59 1.51 8.03
CA ILE A 61 -1.56 0.44 8.09
C ILE A 61 -2.07 -0.75 8.94
N ASP A 62 -2.85 -0.48 9.96
CA ASP A 62 -3.39 -1.59 10.80
C ASP A 62 -4.51 -2.35 10.07
N GLU A 63 -5.23 -1.68 9.20
CA GLU A 63 -6.33 -2.36 8.44
C GLU A 63 -5.78 -3.50 7.57
N VAL A 64 -4.53 -3.42 7.18
CA VAL A 64 -3.93 -4.49 6.32
C VAL A 64 -2.85 -5.27 7.09
N ASP A 65 -2.41 -4.77 8.22
CA ASP A 65 -1.35 -5.48 9.01
C ASP A 65 -1.82 -6.89 9.41
N GLU A 66 -0.91 -7.81 9.55
CA GLU A 66 -1.30 -9.21 9.93
C GLU A 66 -0.31 -9.82 10.94
N ASP A 67 0.48 -9.01 11.61
CA ASP A 67 1.45 -9.59 12.59
C ASP A 67 1.58 -8.74 13.87
N GLY A 68 0.83 -7.66 13.99
CA GLY A 68 0.93 -6.83 15.22
C GLY A 68 2.07 -5.81 15.10
N SER A 69 2.97 -5.98 14.15
CA SER A 69 4.09 -5.01 14.00
C SER A 69 3.55 -3.64 13.53
N GLY A 70 2.43 -3.64 12.83
CA GLY A 70 1.84 -2.35 12.35
C GLY A 70 2.45 -1.96 11.00
N THR A 71 3.75 -1.83 10.91
CA THR A 71 4.41 -1.44 9.63
C THR A 71 3.88 -2.31 8.47
N VAL A 72 3.62 -1.71 7.33
CA VAL A 72 3.07 -2.48 6.17
C VAL A 72 4.16 -3.33 5.49
N ASP A 73 3.91 -4.61 5.38
CA ASP A 73 4.89 -5.53 4.71
C ASP A 73 4.47 -5.74 3.24
N PHE A 74 5.07 -6.65 2.53
CA PHE A 74 4.68 -6.88 1.10
C PHE A 74 3.26 -7.46 1.03
N ASP A 75 2.97 -8.46 1.82
CA ASP A 75 1.59 -9.06 1.80
C ASP A 75 0.56 -8.02 2.27
N GLU A 76 0.86 -7.30 3.32
CA GLU A 76 -0.10 -6.27 3.83
C GLU A 76 -0.26 -5.14 2.81
N PHE A 77 0.80 -4.80 2.10
CA PHE A 77 0.69 -3.72 1.07
C PHE A 77 -0.21 -4.20 -0.08
N LEU A 78 -0.10 -5.45 -0.45
CA LEU A 78 -0.96 -5.99 -1.56
C LEU A 78 -2.44 -6.00 -1.14
N VAL A 79 -2.73 -6.42 0.07
CA VAL A 79 -4.16 -6.43 0.53
C VAL A 79 -4.67 -4.99 0.73
N MET A 80 -3.78 -4.03 0.79
CA MET A 80 -4.21 -2.61 0.96
C MET A 80 -4.73 -2.07 -0.39
N MET A 81 -4.11 -2.47 -1.48
CA MET A 81 -4.57 -2.00 -2.82
C MET A 81 -5.94 -2.62 -3.17
N VAL A 82 -6.10 -3.90 -2.95
CA VAL A 82 -7.42 -4.56 -3.27
C VAL A 82 -8.57 -3.91 -2.47
N ARG A 83 -8.28 -3.37 -1.30
CA ARG A 83 -9.36 -2.70 -0.51
C ARG A 83 -9.99 -1.57 -1.33
N CYS A 84 -9.19 -0.88 -2.10
CA CYS A 84 -9.72 0.23 -2.96
C CYS A 84 -10.28 -0.35 -4.26
N MET A 85 -9.75 -1.46 -4.71
CA MET A 85 -10.24 -2.10 -5.97
C MET A 85 -11.49 -2.96 -5.71
N LYS A 86 -12.50 -2.39 -5.09
CA LYS A 86 -13.76 -3.14 -4.81
C LYS A 86 -13.49 -4.44 -4.02
N ASP A 87 -12.75 -4.36 -2.93
CA ASP A 87 -12.45 -5.56 -2.09
C ASP A 87 -11.67 -6.63 -2.89
N ASP A 88 -12.33 -7.42 -3.70
CA ASP A 88 -11.62 -8.46 -4.49
C ASP A 88 -11.36 -7.98 -5.92
N SER A 89 -10.36 -8.52 -6.56
CA SER A 89 -10.04 -8.11 -7.96
C SER A 89 -9.13 -9.15 -8.63
N ARG B 1 -16.60 8.62 6.21
CA ARG B 1 -16.19 8.31 4.81
C ARG B 1 -14.70 7.89 4.78
N ARG B 2 -14.38 6.85 4.04
CA ARG B 2 -12.96 6.40 3.97
C ARG B 2 -12.18 7.23 2.93
N VAL B 3 -10.94 6.91 2.70
CA VAL B 3 -10.13 7.68 1.70
C VAL B 3 -9.83 6.82 0.46
N ARG B 4 -9.71 7.45 -0.67
CA ARG B 4 -9.42 6.69 -1.94
C ARG B 4 -8.23 7.34 -2.66
N ILE B 5 -7.11 6.66 -2.70
CA ILE B 5 -5.90 7.22 -3.38
C ILE B 5 -5.66 6.58 -4.76
N SER B 6 -6.44 5.59 -5.13
CA SER B 6 -6.28 4.91 -6.47
C SER B 6 -4.87 4.30 -6.60
N ALA B 7 -4.73 3.04 -6.26
CA ALA B 7 -3.40 2.36 -6.36
C ALA B 7 -2.85 2.44 -7.79
N ASP B 8 -3.68 2.21 -8.78
CA ASP B 8 -3.21 2.27 -10.20
C ASP B 8 -2.71 3.67 -10.55
N ALA B 9 -3.50 4.69 -10.26
CA ALA B 9 -3.06 6.09 -10.57
C ALA B 9 -1.80 6.44 -9.76
N MET B 10 -1.79 6.11 -8.49
CA MET B 10 -0.59 6.42 -7.64
C MET B 10 0.63 5.63 -8.16
N MET B 11 0.46 4.37 -8.47
CA MET B 11 1.59 3.55 -8.99
C MET B 11 2.12 4.15 -10.29
N GLN B 12 1.24 4.55 -11.18
CA GLN B 12 1.68 5.17 -12.48
C GLN B 12 2.44 6.47 -12.20
N ALA B 13 2.06 7.19 -11.18
CA ALA B 13 2.76 8.47 -10.84
C ALA B 13 4.16 8.20 -10.28
N LEU B 14 4.36 7.05 -9.68
CA LEU B 14 5.70 6.73 -9.09
C LEU B 14 6.58 5.97 -10.10
N LEU B 15 6.02 5.02 -10.81
CA LEU B 15 6.83 4.23 -11.80
C LEU B 15 6.69 4.79 -13.23
N GLY B 16 5.94 5.85 -13.41
CA GLY B 16 5.77 6.43 -14.78
C GLY B 16 5.80 7.95 -14.73
N ALA B 17 6.71 8.51 -13.96
CA ALA B 17 6.81 10.00 -13.86
C ALA B 17 8.14 10.40 -13.20
N ARG B 18 8.36 9.98 -11.99
CA ARG B 18 9.64 10.32 -11.29
C ARG B 18 10.58 9.10 -11.21
N ALA B 19 10.05 7.90 -11.28
CA ALA B 19 10.91 6.68 -11.22
C ALA B 19 10.39 5.62 -12.19
N LYS B 20 10.94 4.43 -12.15
CA LYS B 20 10.48 3.35 -13.08
C LYS B 20 10.50 1.98 -12.37
CA CA C . 3.44 -5.84 9.52
OAA SXK D . -7.96 1.87 2.77
OAB SXK D . -9.96 1.31 1.99
CAE SXK D . 0.24 3.32 -0.94
CAF SXK D . -5.57 3.94 0.58
CAG SXK D . -5.23 1.75 -0.51
CAH SXK D . -4.17 4.12 0.65
CAI SXK D . -3.84 1.92 -0.44
CAJ SXK D . -1.16 3.17 -0.99
CAK SXK D . 0.14 3.70 1.47
CAL SXK D . -8.21 1.50 0.40
OAM SXK D . -7.47 2.68 -0.01
CAN SXK D . -8.75 1.56 1.84
CAO SXK D . 0.88 3.58 0.29
CAP SXK D . -6.10 2.74 0.00
CAQ SXK D . -1.26 3.55 1.44
CAR SXK D . -3.30 3.11 0.13
CAS SXK D . -1.91 3.29 0.19
FCC SXK D . 2.23 3.71 0.33
FDD SXK D . -1.96 3.68 2.60
HAE SXK D . 0.84 3.23 -1.84
HAF SXK D . -6.24 4.70 0.97
HAG SXK D . -5.63 0.83 -0.96
HAH SXK D . -3.75 5.03 1.09
HAI SXK D . -3.17 1.15 -0.84
HAJ SXK D . -1.65 2.97 -1.95
HAK SXK D . 0.64 3.90 2.43
HAL SXK D . -9.05 1.35 -0.26
HALA SXK D . -7.52 0.66 0.39
N MET A 1 -16.12 -15.44 7.57
CA MET A 1 -14.87 -14.79 8.07
C MET A 1 -13.73 -15.81 8.12
N ASP A 2 -12.91 -15.85 7.11
CA ASP A 2 -11.78 -16.83 7.08
C ASP A 2 -10.72 -16.42 6.03
N ASP A 3 -10.55 -17.19 4.98
CA ASP A 3 -9.53 -16.82 3.94
C ASP A 3 -10.19 -16.04 2.78
N ILE A 4 -11.26 -15.34 3.04
CA ILE A 4 -11.94 -14.57 1.95
C ILE A 4 -11.01 -13.49 1.39
N TYR A 5 -10.46 -12.66 2.24
CA TYR A 5 -9.53 -11.59 1.74
C TYR A 5 -8.21 -12.19 1.26
N LYS A 6 -7.74 -13.24 1.91
CA LYS A 6 -6.45 -13.87 1.46
C LYS A 6 -6.62 -14.55 0.10
N ALA A 7 -7.80 -15.04 -0.21
CA ALA A 7 -8.02 -15.68 -1.54
C ALA A 7 -7.62 -14.72 -2.67
N ALA A 8 -7.87 -13.44 -2.49
CA ALA A 8 -7.49 -12.43 -3.52
C ALA A 8 -5.96 -12.38 -3.65
N VAL A 9 -5.25 -12.55 -2.55
CA VAL A 9 -3.75 -12.53 -2.59
C VAL A 9 -3.25 -13.69 -3.48
N GLU A 10 -3.96 -14.80 -3.48
CA GLU A 10 -3.54 -15.96 -4.32
C GLU A 10 -4.15 -15.86 -5.73
N GLN A 11 -5.01 -14.90 -5.96
CA GLN A 11 -5.64 -14.75 -7.31
C GLN A 11 -4.77 -13.89 -8.24
N LEU A 12 -4.02 -12.95 -7.70
CA LEU A 12 -3.16 -12.09 -8.58
C LEU A 12 -2.04 -12.92 -9.23
N THR A 13 -1.57 -12.49 -10.38
CA THR A 13 -0.49 -13.25 -11.09
C THR A 13 0.88 -12.64 -10.85
N GLU A 14 1.89 -13.19 -11.47
CA GLU A 14 3.28 -12.67 -11.29
C GLU A 14 3.34 -11.16 -11.61
N GLU A 15 2.63 -10.73 -12.62
CA GLU A 15 2.63 -9.27 -12.98
C GLU A 15 2.25 -8.41 -11.77
N GLN A 16 1.33 -8.87 -10.96
CA GLN A 16 0.91 -8.07 -9.76
C GLN A 16 2.01 -8.06 -8.69
N LYS A 17 2.32 -9.20 -8.15
CA LYS A 17 3.37 -9.29 -7.08
C LYS A 17 4.69 -8.68 -7.56
N ASN A 18 5.00 -8.77 -8.83
CA ASN A 18 6.28 -8.18 -9.34
C ASN A 18 6.21 -6.65 -9.31
N GLU A 19 5.16 -6.07 -9.83
CA GLU A 19 5.04 -4.58 -9.80
C GLU A 19 4.99 -4.09 -8.35
N PHE A 20 4.23 -4.75 -7.51
CA PHE A 20 4.14 -4.35 -6.08
C PHE A 20 5.54 -4.42 -5.44
N LYS A 21 6.36 -5.36 -5.86
CA LYS A 21 7.75 -5.46 -5.31
C LYS A 21 8.55 -4.21 -5.70
N ALA A 22 8.40 -3.77 -6.93
CA ALA A 22 9.14 -2.54 -7.38
C ALA A 22 8.56 -1.30 -6.68
N ALA A 23 7.26 -1.20 -6.64
CA ALA A 23 6.61 -0.03 -5.96
C ALA A 23 6.95 -0.02 -4.45
N PHE A 24 6.77 -1.14 -3.79
CA PHE A 24 7.08 -1.21 -2.32
C PHE A 24 8.53 -0.80 -2.06
N ASP A 25 9.44 -1.27 -2.87
CA ASP A 25 10.89 -0.91 -2.70
C ASP A 25 11.09 0.60 -2.87
N ILE A 26 10.62 1.16 -3.96
CA ILE A 26 10.78 2.62 -4.19
C ILE A 26 9.99 3.43 -3.13
N PHE A 27 8.93 2.87 -2.60
CA PHE A 27 8.13 3.60 -1.56
C PHE A 27 8.98 3.83 -0.30
N VAL A 28 9.73 2.83 0.13
CA VAL A 28 10.57 3.00 1.34
C VAL A 28 11.98 3.50 0.97
N LEU A 29 12.51 3.05 -0.15
CA LEU A 29 13.88 3.48 -0.59
C LEU A 29 14.93 3.14 0.49
N GLY A 30 15.15 4.02 1.45
CA GLY A 30 16.15 3.72 2.52
C GLY A 30 15.46 3.01 3.70
N ALA A 31 14.15 3.06 3.78
CA ALA A 31 13.43 2.39 4.91
C ALA A 31 13.03 0.96 4.49
N GLU A 32 13.94 0.22 3.91
CA GLU A 32 13.62 -1.18 3.49
C GLU A 32 13.28 -2.06 4.70
N ASP A 33 14.05 -1.95 5.75
CA ASP A 33 13.79 -2.77 6.98
C ASP A 33 12.50 -2.28 7.68
N GLY A 34 12.32 -0.98 7.78
CA GLY A 34 11.09 -0.45 8.45
C GLY A 34 9.86 -0.65 7.56
N CYS A 35 10.05 -0.96 6.29
CA CYS A 35 8.89 -1.17 5.35
C CYS A 35 8.02 0.10 5.25
N ILE A 36 6.88 0.01 4.61
CA ILE A 36 6.00 1.21 4.46
C ILE A 36 5.21 1.49 5.74
N SER A 37 5.35 2.67 6.28
CA SER A 37 4.59 3.03 7.52
C SER A 37 3.79 4.32 7.27
N THR A 38 3.09 4.80 8.27
CA THR A 38 2.29 6.05 8.10
C THR A 38 3.20 7.24 7.76
N LYS A 39 4.38 7.28 8.34
CA LYS A 39 5.34 8.40 8.05
C LYS A 39 5.84 8.33 6.60
N GLU A 40 6.02 7.14 6.07
CA GLU A 40 6.52 7.01 4.66
C GLU A 40 5.37 7.15 3.65
N LEU A 41 4.15 6.86 4.06
CA LEU A 41 2.99 6.98 3.11
C LEU A 41 2.73 8.47 2.81
N GLY A 42 2.33 9.22 3.82
CA GLY A 42 2.05 10.68 3.63
C GLY A 42 3.19 11.36 2.85
N LYS A 43 4.41 10.88 3.00
CA LYS A 43 5.57 11.49 2.26
C LYS A 43 5.25 11.64 0.76
N VAL A 44 4.77 10.58 0.14
CA VAL A 44 4.44 10.66 -1.33
C VAL A 44 3.06 11.31 -1.56
N MET A 45 2.20 11.30 -0.57
CA MET A 45 0.84 11.93 -0.74
C MET A 45 0.98 13.41 -1.09
N ARG A 46 1.93 14.09 -0.48
CA ARG A 46 2.14 15.54 -0.77
C ARG A 46 2.41 15.76 -2.27
N MET A 47 3.21 14.90 -2.87
CA MET A 47 3.51 15.06 -4.33
C MET A 47 2.26 14.76 -5.17
N LEU A 48 1.44 13.82 -4.75
CA LEU A 48 0.21 13.49 -5.52
C LEU A 48 -0.85 14.57 -5.32
N GLY A 49 -1.06 15.01 -4.09
CA GLY A 49 -2.08 16.07 -3.83
C GLY A 49 -1.74 16.82 -2.55
N GLN A 50 -1.99 16.24 -1.41
CA GLN A 50 -1.68 16.92 -0.11
C GLN A 50 -1.05 15.94 0.88
N ASN A 51 -0.56 16.43 2.00
CA ASN A 51 0.08 15.51 3.01
C ASN A 51 -0.83 15.32 4.24
N PRO A 52 -1.43 14.15 4.32
CA PRO A 52 -2.32 13.84 5.47
C PRO A 52 -1.47 13.49 6.71
N THR A 53 -2.08 13.46 7.87
CA THR A 53 -1.30 13.14 9.12
C THR A 53 -1.08 11.62 9.24
N PRO A 54 -0.09 11.26 10.02
CA PRO A 54 0.25 9.82 10.23
C PRO A 54 -0.88 9.12 11.01
N GLU A 55 -1.47 9.78 11.98
CA GLU A 55 -2.58 9.15 12.76
C GLU A 55 -3.73 8.75 11.81
N GLU A 56 -4.03 9.58 10.84
CA GLU A 56 -5.13 9.26 9.88
C GLU A 56 -4.74 8.04 9.03
N LEU A 57 -3.48 7.94 8.64
CA LEU A 57 -3.04 6.78 7.81
C LEU A 57 -2.77 5.54 8.68
N GLN A 58 -2.76 5.67 9.99
CA GLN A 58 -2.50 4.48 10.87
C GLN A 58 -3.53 3.39 10.58
N GLU A 59 -4.79 3.71 10.62
CA GLU A 59 -5.85 2.69 10.34
C GLU A 59 -5.57 1.99 8.99
N MET A 60 -5.14 2.72 7.99
CA MET A 60 -4.84 2.10 6.67
C MET A 60 -3.87 0.92 6.84
N ILE A 61 -2.94 1.03 7.77
CA ILE A 61 -1.98 -0.10 8.00
C ILE A 61 -2.53 -1.06 9.07
N ASP A 62 -3.06 -0.54 10.15
CA ASP A 62 -3.61 -1.41 11.24
C ASP A 62 -4.69 -2.36 10.69
N GLU A 63 -5.45 -1.93 9.71
CA GLU A 63 -6.51 -2.81 9.13
C GLU A 63 -5.90 -4.03 8.40
N VAL A 64 -4.69 -3.89 7.90
CA VAL A 64 -4.04 -5.04 7.17
C VAL A 64 -2.77 -5.51 7.89
N ASP A 65 -2.51 -5.03 9.09
CA ASP A 65 -1.27 -5.47 9.81
C ASP A 65 -1.50 -6.84 10.47
N GLU A 66 -0.52 -7.71 10.39
CA GLU A 66 -0.69 -9.08 10.98
C GLU A 66 0.48 -9.43 11.91
N ASP A 67 1.17 -8.46 12.46
CA ASP A 67 2.32 -8.79 13.37
C ASP A 67 2.42 -7.84 14.58
N GLY A 68 1.54 -6.88 14.71
CA GLY A 68 1.61 -5.95 15.87
C GLY A 68 2.54 -4.77 15.58
N SER A 69 3.46 -4.91 14.64
CA SER A 69 4.39 -3.79 14.30
C SER A 69 3.61 -2.54 13.87
N GLY A 70 2.43 -2.73 13.30
CA GLY A 70 1.63 -1.55 12.85
C GLY A 70 2.26 -0.91 11.61
N THR A 71 2.94 -1.69 10.80
CA THR A 71 3.59 -1.15 9.56
C THR A 71 3.28 -2.09 8.39
N VAL A 72 3.06 -1.55 7.22
CA VAL A 72 2.73 -2.43 6.05
C VAL A 72 4.00 -3.14 5.52
N ASP A 73 4.04 -4.44 5.66
CA ASP A 73 5.21 -5.22 5.15
C ASP A 73 4.94 -5.60 3.69
N PHE A 74 5.84 -6.31 3.06
CA PHE A 74 5.59 -6.71 1.63
C PHE A 74 4.37 -7.64 1.55
N ASP A 75 4.27 -8.57 2.47
CA ASP A 75 3.10 -9.50 2.47
C ASP A 75 1.80 -8.73 2.78
N GLU A 76 1.81 -7.89 3.78
CA GLU A 76 0.59 -7.09 4.12
C GLU A 76 0.25 -6.15 2.96
N PHE A 77 1.26 -5.58 2.34
CA PHE A 77 1.02 -4.66 1.19
C PHE A 77 0.21 -5.39 0.10
N LEU A 78 0.52 -6.64 -0.15
CA LEU A 78 -0.24 -7.41 -1.18
C LEU A 78 -1.70 -7.55 -0.74
N VAL A 79 -1.93 -7.85 0.53
CA VAL A 79 -3.34 -7.97 1.03
C VAL A 79 -4.06 -6.62 0.87
N MET A 80 -3.38 -5.54 1.12
CA MET A 80 -4.01 -4.20 0.98
C MET A 80 -4.31 -3.92 -0.51
N MET A 81 -3.47 -4.38 -1.40
CA MET A 81 -3.69 -4.15 -2.86
C MET A 81 -4.89 -4.97 -3.36
N VAL A 82 -4.90 -6.26 -3.10
CA VAL A 82 -6.05 -7.11 -3.56
C VAL A 82 -7.37 -6.65 -2.91
N ARG A 83 -7.30 -6.02 -1.76
CA ARG A 83 -8.55 -5.54 -1.09
C ARG A 83 -9.25 -4.49 -1.97
N CYS A 84 -8.51 -3.74 -2.73
CA CYS A 84 -9.12 -2.72 -3.64
C CYS A 84 -9.49 -3.39 -4.98
N MET A 85 -8.73 -4.38 -5.37
CA MET A 85 -9.02 -5.09 -6.67
C MET A 85 -10.25 -6.00 -6.55
N LYS A 86 -10.47 -6.58 -5.39
CA LYS A 86 -11.65 -7.49 -5.22
C LYS A 86 -12.97 -6.74 -5.43
N ASP A 87 -12.99 -5.45 -5.21
CA ASP A 87 -14.24 -4.63 -5.40
C ASP A 87 -15.34 -5.03 -4.40
N ASP A 88 -15.91 -6.21 -4.57
CA ASP A 88 -17.01 -6.70 -3.66
C ASP A 88 -18.34 -5.98 -3.97
N SER A 89 -18.39 -4.68 -3.79
CA SER A 89 -19.66 -3.94 -4.09
C SER A 89 -19.36 -2.47 -4.40
N ARG B 1 -14.83 13.09 7.24
CA ARG B 1 -14.27 12.97 5.87
C ARG B 1 -13.51 11.64 5.70
N ARG B 2 -13.30 11.22 4.49
CA ARG B 2 -12.57 9.93 4.26
C ARG B 2 -11.72 10.01 2.99
N VAL B 3 -10.55 9.42 3.00
CA VAL B 3 -9.68 9.47 1.79
C VAL B 3 -9.37 8.05 1.30
N ARG B 4 -9.39 7.84 0.01
CA ARG B 4 -9.12 6.48 -0.55
C ARG B 4 -8.13 6.56 -1.72
N ILE B 5 -7.25 5.60 -1.83
CA ILE B 5 -6.25 5.61 -2.94
C ILE B 5 -6.36 4.30 -3.74
N SER B 6 -6.28 4.38 -5.03
CA SER B 6 -6.37 3.16 -5.88
C SER B 6 -4.97 2.77 -6.40
N ALA B 7 -4.85 1.58 -6.93
CA ALA B 7 -3.53 1.12 -7.47
C ALA B 7 -2.99 2.12 -8.51
N ASP B 8 -3.85 2.67 -9.33
CA ASP B 8 -3.40 3.66 -10.37
C ASP B 8 -2.86 4.92 -9.69
N ALA B 9 -3.56 5.46 -8.72
CA ALA B 9 -3.09 6.69 -8.02
C ALA B 9 -1.64 6.53 -7.55
N MET B 10 -1.32 5.43 -6.91
CA MET B 10 0.09 5.21 -6.45
C MET B 10 1.03 5.14 -7.65
N MET B 11 0.64 4.44 -8.69
CA MET B 11 1.51 4.33 -9.91
C MET B 11 1.69 5.70 -10.57
N GLN B 12 0.65 6.52 -10.56
CA GLN B 12 0.76 7.88 -11.20
C GLN B 12 1.88 8.72 -10.57
N ALA B 13 2.13 8.56 -9.29
CA ALA B 13 3.21 9.37 -8.63
C ALA B 13 4.50 8.54 -8.46
N LEU B 14 4.37 7.31 -8.01
CA LEU B 14 5.59 6.45 -7.81
C LEU B 14 6.13 5.94 -9.16
N LEU B 15 5.27 5.61 -10.08
CA LEU B 15 5.73 5.10 -11.42
C LEU B 15 5.36 6.11 -12.52
N GLY B 16 5.36 7.38 -12.22
CA GLY B 16 5.00 8.40 -13.25
C GLY B 16 5.34 9.81 -12.73
N ALA B 17 5.00 10.82 -13.51
CA ALA B 17 5.27 12.24 -13.10
C ALA B 17 6.79 12.47 -12.90
N ARG B 18 7.31 12.20 -11.72
CA ARG B 18 8.77 12.40 -11.47
C ARG B 18 9.51 11.05 -11.56
N ALA B 19 8.96 10.03 -10.95
CA ALA B 19 9.61 8.69 -10.97
C ALA B 19 8.99 7.83 -12.09
N LYS B 20 9.46 6.62 -12.25
CA LYS B 20 8.88 5.74 -13.33
C LYS B 20 8.76 4.28 -12.83
CA CA C . 3.50 -5.42 9.85
OAA SXK D . -11.17 4.47 3.28
OAB SXK D . -10.79 2.96 1.71
CAE SXK D . -1.08 2.24 -0.85
CAF SXK D . -5.87 4.99 1.52
CAG SXK D . -6.44 2.59 1.22
CAH SXK D . -4.52 4.70 1.25
CAI SXK D . -5.09 2.31 0.94
CAJ SXK D . -2.44 2.54 -0.58
CAK SXK D . -0.42 3.05 1.36
CAL SXK D . -8.89 3.78 2.89
OAM SXK D . -8.11 4.33 1.80
CAN SXK D . -10.41 3.74 2.61
CAO SXK D . -0.10 2.50 0.12
CAP SXK D . -6.83 3.92 1.51
CAQ SXK D . -1.78 3.35 1.65
CAR SXK D . -4.13 3.36 0.95
CAS SXK D . -2.78 3.09 0.68
FCC SXK D . 1.20 2.20 -0.16
FDD SXK D . -2.09 3.90 2.87
HAE SXK D . -0.80 1.82 -1.81
HAF SXK D . -6.19 6.01 1.75
HAG SXK D . -7.17 1.78 1.20
HAH SXK D . -3.78 5.51 1.25
HAI SXK D . -4.78 1.29 0.72
HAJ SXK D . -3.20 2.34 -1.33
HAK SXK D . 0.35 3.25 2.11
HAL SXK D . -8.56 2.75 3.08
HALA SXK D . -8.76 4.42 3.76
N MET A 1 -13.09 -13.41 10.62
CA MET A 1 -11.90 -14.11 10.04
C MET A 1 -12.19 -14.52 8.60
N ASP A 2 -11.27 -14.27 7.70
CA ASP A 2 -11.49 -14.64 6.27
C ASP A 2 -10.31 -15.43 5.72
N ASP A 3 -10.58 -16.40 4.88
CA ASP A 3 -9.48 -17.23 4.28
C ASP A 3 -9.52 -17.15 2.74
N ILE A 4 -10.39 -16.33 2.19
CA ILE A 4 -10.47 -16.20 0.70
C ILE A 4 -9.52 -15.11 0.21
N TYR A 5 -9.43 -14.00 0.91
CA TYR A 5 -8.51 -12.91 0.48
C TYR A 5 -7.06 -13.44 0.39
N LYS A 6 -6.71 -14.42 1.20
CA LYS A 6 -5.34 -15.00 1.15
C LYS A 6 -5.08 -15.60 -0.25
N ALA A 7 -6.04 -16.32 -0.79
CA ALA A 7 -5.87 -16.91 -2.16
C ALA A 7 -5.50 -15.82 -3.17
N ALA A 8 -6.01 -14.61 -2.98
CA ALA A 8 -5.70 -13.49 -3.93
C ALA A 8 -4.24 -13.04 -3.75
N VAL A 9 -3.74 -13.03 -2.54
CA VAL A 9 -2.34 -12.60 -2.28
C VAL A 9 -1.34 -13.71 -2.66
N GLU A 10 -1.78 -14.94 -2.68
CA GLU A 10 -0.85 -16.07 -3.01
C GLU A 10 -0.88 -16.41 -4.52
N GLN A 11 -1.97 -16.14 -5.21
CA GLN A 11 -2.03 -16.48 -6.66
C GLN A 11 -2.25 -15.24 -7.55
N LEU A 12 -1.31 -14.33 -7.56
CA LEU A 12 -1.45 -13.12 -8.43
C LEU A 12 -0.83 -13.39 -9.82
N THR A 13 -1.14 -12.59 -10.80
CA THR A 13 -0.53 -12.81 -12.15
C THR A 13 0.88 -12.25 -12.16
N GLU A 14 1.69 -12.65 -13.12
CA GLU A 14 3.10 -12.15 -13.16
C GLU A 14 3.12 -10.61 -13.20
N GLU A 15 2.15 -10.00 -13.83
CA GLU A 15 2.12 -8.50 -13.89
C GLU A 15 1.71 -7.94 -12.51
N GLN A 16 0.58 -8.35 -11.99
CA GLN A 16 0.11 -7.84 -10.66
C GLN A 16 1.16 -8.11 -9.58
N LYS A 17 1.56 -9.33 -9.46
CA LYS A 17 2.59 -9.72 -8.44
C LYS A 17 3.89 -8.93 -8.63
N ASN A 18 4.33 -8.75 -9.85
CA ASN A 18 5.60 -7.98 -10.10
C ASN A 18 5.38 -6.48 -9.81
N GLU A 19 4.27 -5.94 -10.23
CA GLU A 19 4.00 -4.48 -10.00
C GLU A 19 4.07 -4.16 -8.50
N PHE A 20 3.41 -4.95 -7.66
CA PHE A 20 3.47 -4.67 -6.18
C PHE A 20 4.90 -4.85 -5.67
N LYS A 21 5.61 -5.82 -6.18
CA LYS A 21 7.02 -6.06 -5.74
C LYS A 21 7.88 -4.84 -6.10
N ALA A 22 7.70 -4.28 -7.27
CA ALA A 22 8.49 -3.08 -7.67
C ALA A 22 7.95 -1.83 -6.98
N ALA A 23 6.64 -1.68 -6.93
CA ALA A 23 6.03 -0.48 -6.27
C ALA A 23 6.39 -0.45 -4.78
N PHE A 24 6.33 -1.59 -4.12
CA PHE A 24 6.67 -1.63 -2.66
C PHE A 24 8.14 -1.24 -2.44
N ASP A 25 9.03 -1.74 -3.26
CA ASP A 25 10.48 -1.39 -3.09
C ASP A 25 10.68 0.12 -3.18
N ILE A 26 10.06 0.76 -4.14
CA ILE A 26 10.19 2.25 -4.25
C ILE A 26 9.48 2.93 -3.07
N PHE A 27 8.47 2.30 -2.52
CA PHE A 27 7.73 2.90 -1.36
C PHE A 27 8.58 2.82 -0.08
N VAL A 28 9.23 1.71 0.18
CA VAL A 28 10.06 1.59 1.43
C VAL A 28 11.52 2.00 1.18
N LEU A 29 11.75 3.03 0.39
CA LEU A 29 13.16 3.47 0.14
C LEU A 29 13.73 4.10 1.42
N GLY A 30 12.92 4.81 2.17
CA GLY A 30 13.41 5.43 3.43
C GLY A 30 12.93 4.60 4.62
N ALA A 31 12.92 3.30 4.49
CA ALA A 31 12.46 2.42 5.61
C ALA A 31 13.49 1.31 5.89
N GLU A 32 13.14 0.37 6.73
CA GLU A 32 14.09 -0.74 7.05
C GLU A 32 13.35 -2.07 7.06
N ASP A 33 14.04 -3.16 6.79
CA ASP A 33 13.39 -4.51 6.78
C ASP A 33 12.31 -4.61 5.68
N GLY A 34 12.28 -3.70 4.74
CA GLY A 34 11.27 -3.75 3.64
C GLY A 34 9.85 -3.67 4.22
N CYS A 35 9.56 -2.63 4.96
CA CYS A 35 8.19 -2.48 5.55
C CYS A 35 7.69 -1.04 5.36
N ILE A 36 6.50 -0.88 4.81
CA ILE A 36 5.96 0.50 4.59
C ILE A 36 5.45 1.08 5.92
N SER A 37 5.83 2.31 6.21
CA SER A 37 5.37 2.96 7.47
C SER A 37 4.52 4.21 7.13
N THR A 38 3.93 4.82 8.13
CA THR A 38 3.08 6.04 7.86
C THR A 38 3.94 7.16 7.23
N LYS A 39 5.10 7.41 7.77
CA LYS A 39 5.99 8.47 7.21
C LYS A 39 6.35 8.18 5.75
N GLU A 40 6.50 6.92 5.41
CA GLU A 40 6.85 6.56 3.99
C GLU A 40 5.66 6.84 3.06
N LEU A 41 4.45 6.60 3.51
CA LEU A 41 3.27 6.89 2.64
C LEU A 41 3.15 8.41 2.44
N GLY A 42 3.29 9.17 3.49
CA GLY A 42 3.19 10.66 3.37
C GLY A 42 4.23 11.17 2.37
N LYS A 43 5.39 10.55 2.31
CA LYS A 43 6.44 10.98 1.34
C LYS A 43 5.86 11.03 -0.09
N VAL A 44 5.01 10.08 -0.42
CA VAL A 44 4.38 10.06 -1.79
C VAL A 44 3.13 10.97 -1.80
N MET A 45 2.35 10.93 -0.74
CA MET A 45 1.13 11.80 -0.67
C MET A 45 1.50 13.29 -0.65
N ARG A 46 2.71 13.61 -0.24
CA ARG A 46 3.14 15.04 -0.18
C ARG A 46 2.84 15.78 -1.50
N MET A 47 3.07 15.14 -2.63
CA MET A 47 2.79 15.82 -3.94
C MET A 47 1.38 15.49 -4.47
N LEU A 48 0.57 14.76 -3.73
CA LEU A 48 -0.80 14.42 -4.22
C LEU A 48 -1.85 14.69 -3.13
N GLY A 49 -1.79 13.97 -2.03
CA GLY A 49 -2.81 14.17 -0.94
C GLY A 49 -2.27 15.12 0.15
N GLN A 50 -1.25 15.90 -0.15
CA GLN A 50 -0.66 16.85 0.86
C GLN A 50 -0.02 16.10 2.04
N ASN A 51 -0.81 15.45 2.86
CA ASN A 51 -0.27 14.70 4.05
C ASN A 51 0.42 15.66 5.04
N PRO A 52 -0.34 16.09 6.03
CA PRO A 52 0.20 17.02 7.06
C PRO A 52 1.11 16.27 8.06
N THR A 53 0.73 15.10 8.50
CA THR A 53 1.57 14.33 9.47
C THR A 53 1.50 12.83 9.16
N PRO A 54 2.55 12.14 9.56
CA PRO A 54 2.61 10.66 9.34
C PRO A 54 1.61 9.93 10.27
N GLU A 55 1.51 10.35 11.51
CA GLU A 55 0.56 9.68 12.46
C GLU A 55 -0.87 9.67 11.89
N GLU A 56 -1.20 10.64 11.07
CA GLU A 56 -2.58 10.70 10.48
C GLU A 56 -2.83 9.50 9.53
N LEU A 57 -1.79 9.00 8.89
CA LEU A 57 -1.99 7.84 7.94
C LEU A 57 -1.98 6.50 8.69
N GLN A 58 -1.56 6.47 9.93
CA GLN A 58 -1.54 5.18 10.70
C GLN A 58 -2.97 4.57 10.71
N GLU A 59 -3.98 5.40 10.69
CA GLU A 59 -5.39 4.85 10.66
C GLU A 59 -5.58 4.03 9.38
N MET A 60 -5.00 4.48 8.29
CA MET A 60 -5.11 3.75 7.00
C MET A 60 -4.27 2.45 7.03
N ILE A 61 -3.09 2.51 7.60
CA ILE A 61 -2.23 1.28 7.66
C ILE A 61 -2.73 0.30 8.73
N ASP A 62 -3.18 0.80 9.86
CA ASP A 62 -3.68 -0.12 10.94
C ASP A 62 -4.96 -0.83 10.49
N GLU A 63 -5.79 -0.16 9.73
CA GLU A 63 -7.06 -0.80 9.23
C GLU A 63 -6.74 -2.08 8.46
N VAL A 64 -5.63 -2.12 7.75
CA VAL A 64 -5.27 -3.34 6.97
C VAL A 64 -4.18 -4.15 7.71
N ASP A 65 -3.46 -3.51 8.61
CA ASP A 65 -2.38 -4.25 9.37
C ASP A 65 -2.97 -5.45 10.13
N GLU A 66 -3.73 -5.21 11.18
CA GLU A 66 -4.32 -6.33 11.99
C GLU A 66 -3.23 -7.37 12.33
N ASP A 67 -2.02 -6.91 12.48
CA ASP A 67 -0.89 -7.83 12.81
C ASP A 67 -0.48 -7.67 14.28
N GLY A 68 -0.67 -6.51 14.85
CA GLY A 68 -0.28 -6.27 16.26
C GLY A 68 0.92 -5.31 16.31
N SER A 69 1.53 -5.05 15.17
CA SER A 69 2.71 -4.12 15.14
C SER A 69 2.31 -2.74 14.61
N GLY A 70 1.51 -2.69 13.56
CA GLY A 70 1.10 -1.38 12.98
C GLY A 70 2.03 -1.05 11.82
N THR A 71 2.40 -2.05 11.06
CA THR A 71 3.33 -1.84 9.92
C THR A 71 2.92 -2.74 8.74
N VAL A 72 2.88 -2.20 7.55
CA VAL A 72 2.49 -3.03 6.37
C VAL A 72 3.72 -3.42 5.55
N ASP A 73 4.04 -4.69 5.52
CA ASP A 73 5.23 -5.16 4.73
C ASP A 73 4.82 -5.44 3.27
N PHE A 74 5.58 -6.23 2.56
CA PHE A 74 5.24 -6.54 1.14
C PHE A 74 3.89 -7.26 1.06
N ASP A 75 3.73 -8.32 1.82
CA ASP A 75 2.44 -9.08 1.80
C ASP A 75 1.27 -8.18 2.25
N GLU A 76 1.44 -7.47 3.34
CA GLU A 76 0.34 -6.57 3.83
C GLU A 76 0.06 -5.46 2.80
N PHE A 77 1.07 -5.00 2.10
CA PHE A 77 0.86 -3.94 1.07
C PHE A 77 0.23 -4.54 -0.19
N LEU A 78 0.75 -5.65 -0.67
CA LEU A 78 0.18 -6.29 -1.90
C LEU A 78 -1.24 -6.79 -1.63
N VAL A 79 -1.52 -7.30 -0.44
CA VAL A 79 -2.92 -7.77 -0.16
C VAL A 79 -3.85 -6.56 -0.02
N MET A 80 -3.34 -5.47 0.50
CA MET A 80 -4.17 -4.22 0.63
C MET A 80 -4.62 -3.77 -0.76
N MET A 81 -3.79 -3.97 -1.76
CA MET A 81 -4.15 -3.58 -3.16
C MET A 81 -5.38 -4.38 -3.61
N VAL A 82 -5.41 -5.66 -3.32
CA VAL A 82 -6.59 -6.50 -3.71
C VAL A 82 -7.85 -5.95 -3.02
N ARG A 83 -7.73 -5.52 -1.79
CA ARG A 83 -8.92 -4.95 -1.07
C ARG A 83 -9.39 -3.68 -1.80
N CYS A 84 -8.46 -2.90 -2.31
CA CYS A 84 -8.83 -1.65 -3.06
C CYS A 84 -9.29 -2.00 -4.49
N MET A 85 -8.85 -3.12 -5.02
CA MET A 85 -9.27 -3.52 -6.40
C MET A 85 -10.68 -4.16 -6.35
N LYS A 86 -11.62 -3.47 -5.74
CA LYS A 86 -13.01 -4.04 -5.64
C LYS A 86 -13.98 -2.93 -5.22
N ASP A 87 -15.05 -2.76 -5.94
CA ASP A 87 -16.05 -1.70 -5.59
C ASP A 87 -17.37 -2.31 -5.13
N ASP A 88 -18.04 -3.05 -5.98
CA ASP A 88 -19.35 -3.67 -5.59
C ASP A 88 -19.13 -5.10 -5.07
N SER A 89 -18.66 -5.98 -5.90
CA SER A 89 -18.42 -7.39 -5.46
C SER A 89 -16.93 -7.64 -5.22
N ARG B 1 -8.81 3.93 5.78
CA ARG B 1 -10.15 4.10 5.14
C ARG B 1 -10.58 5.58 5.17
N ARG B 2 -10.15 6.35 4.19
CA ARG B 2 -10.52 7.80 4.15
C ARG B 2 -10.39 8.38 2.73
N VAL B 3 -9.21 8.31 2.14
CA VAL B 3 -9.01 8.88 0.77
C VAL B 3 -9.57 7.96 -0.32
N ARG B 4 -9.88 6.72 -0.01
CA ARG B 4 -10.43 5.78 -1.04
C ARG B 4 -9.47 5.65 -2.24
N ILE B 5 -8.18 5.59 -1.98
CA ILE B 5 -7.18 5.45 -3.10
C ILE B 5 -7.14 3.99 -3.59
N SER B 6 -7.12 3.80 -4.89
CA SER B 6 -7.09 2.41 -5.45
C SER B 6 -5.71 2.06 -6.02
N ALA B 7 -5.52 0.82 -6.40
CA ALA B 7 -4.20 0.38 -6.97
C ALA B 7 -3.82 1.23 -8.19
N ASP B 8 -4.70 1.40 -9.14
CA ASP B 8 -4.39 2.23 -10.35
C ASP B 8 -3.98 3.65 -9.93
N ALA B 9 -4.61 4.21 -8.92
CA ALA B 9 -4.24 5.58 -8.46
C ALA B 9 -2.86 5.56 -7.80
N MET B 10 -2.62 4.58 -6.94
CA MET B 10 -1.29 4.49 -6.27
C MET B 10 -0.18 4.25 -7.31
N MET B 11 -0.43 3.42 -8.29
CA MET B 11 0.60 3.16 -9.34
C MET B 11 0.93 4.46 -10.09
N GLN B 12 -0.08 5.18 -10.52
CA GLN B 12 0.16 6.47 -11.24
C GLN B 12 0.75 7.53 -10.29
N ALA B 13 0.42 7.46 -9.02
CA ALA B 13 0.96 8.46 -8.04
C ALA B 13 2.40 8.09 -7.62
N LEU B 14 2.80 6.85 -7.78
CA LEU B 14 4.18 6.45 -7.38
C LEU B 14 5.14 6.47 -8.59
N LEU B 15 4.76 5.87 -9.68
CA LEU B 15 5.66 5.85 -10.88
C LEU B 15 5.30 6.97 -11.88
N GLY B 16 4.05 7.37 -11.94
CA GLY B 16 3.65 8.44 -12.91
C GLY B 16 3.89 9.83 -12.31
N ALA B 17 3.77 9.99 -11.01
CA ALA B 17 3.98 11.33 -10.39
C ALA B 17 5.48 11.60 -10.13
N ARG B 18 6.19 11.98 -11.17
CA ARG B 18 7.66 12.29 -11.04
C ARG B 18 8.39 11.20 -10.22
N ALA B 19 8.62 10.06 -10.82
CA ALA B 19 9.33 8.97 -10.09
C ALA B 19 10.85 9.09 -10.33
N LYS B 20 11.63 9.00 -9.28
CA LYS B 20 13.13 9.12 -9.41
C LYS B 20 13.53 10.56 -9.78
CA CA C . 2.25 -6.01 10.44
OAA SXK D . -7.95 3.72 3.05
OAB SXK D . -9.75 4.23 1.86
CAE SXK D . 0.49 2.75 -0.36
CAF SXK D . -5.22 2.28 -0.12
CAG SXK D . -5.14 4.64 0.58
CAH SXK D . -3.83 2.18 0.03
CAI SXK D . -3.75 4.55 0.73
CAJ SXK D . -0.91 2.89 -0.51
CAK SXK D . 0.31 3.30 2.01
CAL SXK D . -8.16 2.77 0.86
OAM SXK D . -7.25 3.47 -0.03
CAN SXK D . -8.66 3.65 2.02
CAO SXK D . 1.09 2.97 0.89
CAP SXK D . -5.89 3.51 0.15
CAQ SXK D . -1.09 3.43 1.87
CAR SXK D . -3.09 3.32 0.46
CAS SXK D . -1.70 3.21 0.60
FCC SXK D . 2.44 2.85 1.03
FDD SXK D . -1.83 3.76 2.98
HAE SXK D . 1.12 2.50 -1.22
HAF SXK D . -5.81 1.41 -0.45
HAG SXK D . -5.64 5.59 0.79
HAH SXK D . -3.32 1.24 -0.18
HAI SXK D . -3.17 5.43 1.06
HAJ SXK D . -1.36 2.72 -1.49
HAK SXK D . 0.78 3.47 2.99
HAL SXK D . -9.04 2.45 0.29
HALA SXK D . -7.62 1.95 1.30
N MET A 1 -8.16 -16.15 9.83
CA MET A 1 -9.26 -15.14 9.78
C MET A 1 -9.39 -14.54 8.38
N ASP A 2 -8.34 -13.93 7.88
CA ASP A 2 -8.39 -13.33 6.51
C ASP A 2 -7.78 -14.30 5.50
N ASP A 3 -8.36 -15.46 5.35
CA ASP A 3 -7.82 -16.47 4.39
C ASP A 3 -8.45 -16.29 3.01
N ILE A 4 -9.71 -15.91 2.94
CA ILE A 4 -10.38 -15.72 1.62
C ILE A 4 -9.62 -14.68 0.77
N TYR A 5 -9.32 -13.53 1.34
CA TYR A 5 -8.57 -12.49 0.58
C TYR A 5 -7.15 -12.96 0.24
N LYS A 6 -6.48 -13.59 1.18
CA LYS A 6 -5.10 -14.07 0.90
C LYS A 6 -5.12 -15.16 -0.16
N ALA A 7 -6.17 -15.96 -0.24
CA ALA A 7 -6.23 -17.02 -1.29
C ALA A 7 -5.96 -16.39 -2.67
N ALA A 8 -6.54 -15.24 -2.92
CA ALA A 8 -6.29 -14.56 -4.23
C ALA A 8 -4.85 -14.03 -4.25
N VAL A 9 -4.39 -13.47 -3.16
CA VAL A 9 -2.99 -12.94 -3.09
C VAL A 9 -1.98 -14.09 -3.29
N GLU A 10 -2.26 -15.25 -2.72
CA GLU A 10 -1.34 -16.42 -2.88
C GLU A 10 -1.38 -16.93 -4.32
N GLN A 11 -2.49 -16.78 -5.00
CA GLN A 11 -2.59 -17.27 -6.42
C GLN A 11 -2.21 -16.16 -7.42
N LEU A 12 -1.18 -15.41 -7.13
CA LEU A 12 -0.75 -14.32 -8.06
C LEU A 12 0.54 -14.72 -8.79
N THR A 13 0.52 -14.73 -10.09
CA THR A 13 1.76 -15.10 -10.86
C THR A 13 2.73 -13.92 -10.90
N GLU A 14 3.97 -14.18 -11.24
CA GLU A 14 4.98 -13.07 -11.29
C GLU A 14 4.48 -11.90 -12.16
N GLU A 15 3.68 -12.18 -13.17
CA GLU A 15 3.15 -11.09 -14.04
C GLU A 15 2.34 -10.09 -13.19
N GLN A 16 1.41 -10.58 -12.41
CA GLN A 16 0.60 -9.66 -11.54
C GLN A 16 1.39 -9.28 -10.29
N LYS A 17 2.29 -10.14 -9.87
CA LYS A 17 3.11 -9.86 -8.67
C LYS A 17 4.09 -8.70 -8.94
N ASN A 18 4.70 -8.70 -10.10
CA ASN A 18 5.67 -7.60 -10.45
C ASN A 18 4.99 -6.22 -10.36
N GLU A 19 3.75 -6.13 -10.79
CA GLU A 19 3.04 -4.81 -10.72
C GLU A 19 3.06 -4.28 -9.28
N PHE A 20 2.72 -5.11 -8.32
CA PHE A 20 2.73 -4.66 -6.89
C PHE A 20 4.16 -4.64 -6.35
N LYS A 21 5.01 -5.54 -6.80
CA LYS A 21 6.42 -5.54 -6.32
C LYS A 21 7.12 -4.24 -6.77
N ALA A 22 6.77 -3.73 -7.93
CA ALA A 22 7.38 -2.45 -8.42
C ALA A 22 6.76 -1.28 -7.66
N ALA A 23 5.46 -1.33 -7.46
CA ALA A 23 4.76 -0.25 -6.72
C ALA A 23 5.07 -0.32 -5.21
N PHE A 24 5.74 -1.37 -4.78
CA PHE A 24 6.06 -1.51 -3.32
C PHE A 24 7.56 -1.26 -3.07
N ASP A 25 8.43 -1.89 -3.82
CA ASP A 25 9.90 -1.71 -3.61
C ASP A 25 10.30 -0.24 -3.84
N ILE A 26 9.77 0.39 -4.85
CA ILE A 26 10.12 1.83 -5.11
C ILE A 26 9.36 2.73 -4.11
N PHE A 27 8.23 2.28 -3.64
CA PHE A 27 7.43 3.07 -2.66
C PHE A 27 8.26 3.36 -1.40
N VAL A 28 8.84 2.34 -0.82
CA VAL A 28 9.65 2.53 0.42
C VAL A 28 11.13 2.81 0.08
N LEU A 29 11.65 2.18 -0.95
CA LEU A 29 13.08 2.40 -1.32
C LEU A 29 13.98 2.31 -0.08
N GLY A 30 13.73 1.33 0.76
CA GLY A 30 14.53 1.18 2.01
C GLY A 30 13.67 1.62 3.20
N ALA A 31 13.26 2.87 3.22
CA ALA A 31 12.41 3.40 4.34
C ALA A 31 12.98 2.99 5.71
N GLU A 32 14.21 3.36 5.97
CA GLU A 32 14.85 3.01 7.29
C GLU A 32 14.70 1.51 7.60
N ASP A 33 14.70 0.67 6.58
CA ASP A 33 14.55 -0.81 6.79
C ASP A 33 13.28 -1.13 7.59
N GLY A 34 12.15 -0.63 7.15
CA GLY A 34 10.88 -0.91 7.90
C GLY A 34 9.69 -1.06 6.94
N CYS A 35 9.91 -1.55 5.74
CA CYS A 35 8.77 -1.74 4.76
C CYS A 35 7.91 -0.46 4.65
N ILE A 36 6.64 -0.59 4.32
CA ILE A 36 5.77 0.62 4.21
C ILE A 36 5.30 1.07 5.61
N SER A 37 5.86 2.14 6.11
CA SER A 37 5.46 2.65 7.46
C SER A 37 4.50 3.83 7.31
N THR A 38 3.98 4.34 8.40
CA THR A 38 3.04 5.51 8.33
C THR A 38 3.76 6.72 7.71
N LYS A 39 5.02 6.91 8.06
CA LYS A 39 5.80 8.07 7.51
C LYS A 39 5.99 7.90 5.99
N GLU A 40 6.26 6.70 5.55
CA GLU A 40 6.47 6.46 4.09
C GLU A 40 5.16 6.71 3.31
N LEU A 41 4.07 6.15 3.77
CA LEU A 41 2.76 6.37 3.07
C LEU A 41 2.39 7.85 3.07
N GLY A 42 2.49 8.50 4.21
CA GLY A 42 2.13 9.95 4.29
C GLY A 42 3.00 10.75 3.31
N LYS A 43 4.26 10.43 3.18
CA LYS A 43 5.15 11.18 2.23
C LYS A 43 4.57 11.11 0.82
N VAL A 44 4.13 9.96 0.39
CA VAL A 44 3.53 9.84 -0.98
C VAL A 44 2.19 10.60 -1.02
N MET A 45 1.38 10.47 0.00
CA MET A 45 0.08 11.21 0.04
C MET A 45 0.33 12.71 -0.03
N ARG A 46 1.35 13.18 0.65
CA ARG A 46 1.69 14.63 0.60
C ARG A 46 2.03 15.05 -0.83
N MET A 47 2.69 14.20 -1.58
CA MET A 47 3.05 14.52 -2.99
C MET A 47 1.77 14.59 -3.84
N LEU A 48 0.82 13.72 -3.59
CA LEU A 48 -0.45 13.74 -4.38
C LEU A 48 -1.27 14.99 -4.04
N GLY A 49 -1.25 15.42 -2.79
CA GLY A 49 -2.03 16.63 -2.40
C GLY A 49 -2.84 16.34 -1.14
N GLN A 50 -3.42 15.17 -1.03
CA GLN A 50 -4.24 14.85 0.18
C GLN A 50 -3.35 14.25 1.29
N ASN A 51 -3.10 15.01 2.32
CA ASN A 51 -2.25 14.51 3.45
C ASN A 51 -2.57 15.28 4.74
N PRO A 52 -3.36 14.66 5.60
CA PRO A 52 -3.73 15.31 6.88
C PRO A 52 -2.58 15.18 7.93
N THR A 53 -2.58 14.13 8.71
CA THR A 53 -1.51 13.96 9.75
C THR A 53 -0.82 12.59 9.61
N PRO A 54 0.30 12.45 10.28
CA PRO A 54 1.05 11.16 10.25
C PRO A 54 0.29 10.05 11.00
N GLU A 55 -0.44 10.41 12.03
CA GLU A 55 -1.23 9.39 12.79
C GLU A 55 -2.35 8.81 11.91
N GLU A 56 -2.86 9.60 10.99
CA GLU A 56 -3.95 9.12 10.08
C GLU A 56 -3.50 7.85 9.33
N LEU A 57 -2.25 7.76 8.96
CA LEU A 57 -1.75 6.55 8.22
C LEU A 57 -1.73 5.33 9.14
N GLN A 58 -1.53 5.51 10.44
CA GLN A 58 -1.51 4.34 11.37
C GLN A 58 -2.82 3.56 11.24
N GLU A 59 -3.95 4.24 11.31
CA GLU A 59 -5.26 3.54 11.14
C GLU A 59 -5.33 2.98 9.72
N MET A 60 -4.82 3.73 8.76
CA MET A 60 -4.83 3.27 7.34
C MET A 60 -4.07 1.94 7.21
N ILE A 61 -2.97 1.81 7.93
CA ILE A 61 -2.18 0.53 7.87
C ILE A 61 -2.87 -0.57 8.68
N ASP A 62 -3.63 -0.22 9.69
CA ASP A 62 -4.34 -1.25 10.52
C ASP A 62 -5.33 -2.05 9.66
N GLU A 63 -5.79 -1.47 8.57
CA GLU A 63 -6.76 -2.19 7.67
C GLU A 63 -6.27 -3.62 7.37
N VAL A 64 -4.99 -3.77 7.11
CA VAL A 64 -4.45 -5.14 6.81
C VAL A 64 -3.25 -5.46 7.71
N ASP A 65 -3.21 -4.92 8.91
CA ASP A 65 -2.08 -5.22 9.82
C ASP A 65 -2.59 -5.89 11.11
N GLU A 66 -2.78 -5.13 12.18
CA GLU A 66 -3.29 -5.73 13.46
C GLU A 66 -2.50 -7.01 13.82
N ASP A 67 -1.23 -7.04 13.52
CA ASP A 67 -0.41 -8.26 13.84
C ASP A 67 0.67 -7.96 14.90
N GLY A 68 0.64 -6.78 15.50
CA GLY A 68 1.66 -6.44 16.54
C GLY A 68 2.79 -5.60 15.93
N SER A 69 3.05 -5.75 14.66
CA SER A 69 4.15 -4.97 14.01
C SER A 69 3.69 -3.54 13.67
N GLY A 70 2.49 -3.37 13.16
CA GLY A 70 1.99 -2.00 12.82
C GLY A 70 2.54 -1.55 11.46
N THR A 71 3.22 -2.41 10.74
CA THR A 71 3.77 -2.00 9.41
C THR A 71 3.27 -2.97 8.33
N VAL A 72 2.93 -2.46 7.16
CA VAL A 72 2.43 -3.36 6.08
C VAL A 72 3.58 -3.84 5.18
N ASP A 73 3.75 -5.13 5.05
CA ASP A 73 4.83 -5.67 4.18
C ASP A 73 4.26 -6.02 2.80
N PHE A 74 4.97 -6.80 2.01
CA PHE A 74 4.45 -7.19 0.66
C PHE A 74 3.18 -8.04 0.78
N ASP A 75 3.18 -9.01 1.67
CA ASP A 75 1.96 -9.86 1.84
C ASP A 75 0.76 -8.99 2.26
N GLU A 76 0.94 -8.18 3.28
CA GLU A 76 -0.17 -7.29 3.74
C GLU A 76 -0.55 -6.31 2.61
N PHE A 77 0.43 -5.79 1.91
CA PHE A 77 0.15 -4.86 0.77
C PHE A 77 -0.67 -5.59 -0.30
N LEU A 78 -0.32 -6.81 -0.62
CA LEU A 78 -1.09 -7.59 -1.64
C LEU A 78 -2.51 -7.87 -1.13
N VAL A 79 -2.63 -8.27 0.12
CA VAL A 79 -3.98 -8.56 0.69
C VAL A 79 -4.84 -7.30 0.64
N MET A 80 -4.28 -6.17 1.00
CA MET A 80 -5.04 -4.89 0.95
C MET A 80 -5.43 -4.56 -0.50
N MET A 81 -4.54 -4.81 -1.44
CA MET A 81 -4.85 -4.53 -2.87
C MET A 81 -6.03 -5.38 -3.35
N VAL A 82 -6.06 -6.65 -3.02
CA VAL A 82 -7.20 -7.51 -3.46
C VAL A 82 -8.49 -7.12 -2.71
N ARG A 83 -8.36 -6.58 -1.52
CA ARG A 83 -9.58 -6.15 -0.75
C ARG A 83 -10.14 -4.86 -1.37
N CYS A 84 -9.28 -4.01 -1.87
CA CYS A 84 -9.75 -2.74 -2.51
C CYS A 84 -10.44 -3.01 -3.85
N MET A 85 -10.34 -4.22 -4.37
CA MET A 85 -10.98 -4.57 -5.67
C MET A 85 -12.50 -4.34 -5.63
N LYS A 86 -13.09 -4.33 -4.46
CA LYS A 86 -14.58 -4.11 -4.37
C LYS A 86 -14.89 -2.61 -4.22
N ASP A 87 -14.23 -1.77 -4.98
CA ASP A 87 -14.49 -0.29 -4.91
C ASP A 87 -14.32 0.24 -3.47
N ASP A 88 -13.45 -0.36 -2.68
CA ASP A 88 -13.25 0.14 -1.29
C ASP A 88 -12.59 1.53 -1.32
N SER A 89 -11.66 1.74 -2.22
CA SER A 89 -10.99 3.07 -2.32
C SER A 89 -10.53 3.34 -3.78
N ARG B 1 -11.11 15.84 -1.30
CA ARG B 1 -11.40 15.62 0.16
C ARG B 1 -11.31 14.12 0.50
N ARG B 2 -11.28 13.80 1.78
CA ARG B 2 -11.19 12.37 2.21
C ARG B 2 -9.90 11.71 1.67
N VAL B 3 -9.87 10.40 1.58
CA VAL B 3 -8.64 9.72 1.07
C VAL B 3 -8.93 9.00 -0.26
N ARG B 4 -9.58 7.85 -0.22
CA ARG B 4 -9.90 7.10 -1.47
C ARG B 4 -8.62 6.83 -2.29
N ILE B 5 -7.89 5.80 -1.95
CA ILE B 5 -6.64 5.49 -2.71
C ILE B 5 -6.79 4.18 -3.49
N SER B 6 -6.86 4.26 -4.80
CA SER B 6 -7.01 3.03 -5.62
C SER B 6 -5.64 2.55 -6.14
N ALA B 7 -5.54 1.30 -6.50
CA ALA B 7 -4.23 0.76 -7.00
C ALA B 7 -3.76 1.54 -8.25
N ASP B 8 -4.61 1.70 -9.23
CA ASP B 8 -4.22 2.44 -10.47
C ASP B 8 -3.81 3.89 -10.16
N ALA B 9 -4.45 4.52 -9.20
CA ALA B 9 -4.08 5.93 -8.85
C ALA B 9 -2.76 5.95 -8.07
N MET B 10 -2.55 5.00 -7.19
CA MET B 10 -1.28 4.97 -6.39
C MET B 10 -0.08 4.74 -7.31
N MET B 11 -0.15 3.76 -8.20
CA MET B 11 1.00 3.51 -9.12
C MET B 11 1.23 4.72 -10.05
N GLN B 12 0.18 5.45 -10.37
CA GLN B 12 0.32 6.66 -11.25
C GLN B 12 1.15 7.74 -10.53
N ALA B 13 1.00 7.85 -9.24
CA ALA B 13 1.78 8.88 -8.48
C ALA B 13 3.14 8.30 -8.05
N LEU B 14 3.15 7.08 -7.56
CA LEU B 14 4.43 6.44 -7.13
C LEU B 14 5.37 6.25 -8.33
N LEU B 15 4.87 5.69 -9.41
CA LEU B 15 5.74 5.48 -10.61
C LEU B 15 5.49 6.56 -11.68
N GLY B 16 5.05 7.73 -11.27
CA GLY B 16 4.80 8.84 -12.23
C GLY B 16 5.64 10.05 -11.85
N ALA B 17 5.60 10.45 -10.59
CA ALA B 17 6.41 11.62 -10.14
C ALA B 17 7.83 11.16 -9.79
N ARG B 18 7.97 10.05 -9.09
CA ARG B 18 9.33 9.55 -8.73
C ARG B 18 9.97 8.87 -9.95
N ALA B 19 9.29 7.91 -10.54
CA ALA B 19 9.85 7.21 -11.73
C ALA B 19 9.25 7.82 -13.00
N LYS B 20 10.07 8.13 -13.98
CA LYS B 20 9.54 8.72 -15.25
C LYS B 20 10.11 7.98 -16.47
CA CA C . 2.55 -6.23 9.99
OAA SXK D . -11.51 4.61 4.10
OAB SXK D . -9.94 5.81 3.08
CAE SXK D . -1.66 2.27 -0.47
CAF SXK D . -6.82 4.26 1.86
CAG SXK D . -7.11 1.87 1.34
CAH SXK D . -5.43 4.14 1.63
CAI SXK D . -5.74 1.74 1.11
CAJ SXK D . -3.05 2.40 -0.25
CAK SXK D . -1.20 2.89 1.85
CAL SXK D . -9.54 3.47 3.30
OAM SXK D . -8.99 3.36 1.97
CAN SXK D . -10.40 4.73 3.51
CAO SXK D . -0.75 2.51 0.58
CAP SXK D . -7.67 3.12 1.71
CAQ SXK D . -2.59 3.02 2.09
CAR SXK D . -4.89 2.89 1.26
CAS SXK D . -3.51 2.77 1.03
FCC SXK D . 0.58 2.40 0.35
FDD SXK D . -3.00 3.38 3.34
HAE SXK D . -1.28 1.99 -1.45
HAF SXK D . -7.25 5.22 2.16
HAG SXK D . -7.76 0.99 1.22
HAH SXK D . -4.79 5.02 1.75
HAI SXK D . -5.32 0.78 0.81
HAJ SXK D . -3.75 2.20 -1.06
HAK SXK D . -0.49 3.08 2.66
HAL SXK D . -10.17 2.61 3.50
HALA SXK D . -8.70 3.56 4.00
N MET A 1 -18.15 -18.12 6.57
CA MET A 1 -16.86 -17.61 7.09
C MET A 1 -15.70 -18.02 6.16
N ASP A 2 -15.10 -17.06 5.49
CA ASP A 2 -13.98 -17.38 4.56
C ASP A 2 -13.10 -16.14 4.33
N ASP A 3 -11.94 -16.32 3.73
CA ASP A 3 -11.05 -15.14 3.47
C ASP A 3 -10.96 -14.84 1.97
N ILE A 4 -11.75 -13.93 1.50
CA ILE A 4 -11.71 -13.57 0.04
C ILE A 4 -10.56 -12.59 -0.25
N TYR A 5 -10.20 -11.77 0.72
CA TYR A 5 -9.08 -10.79 0.50
C TYR A 5 -7.75 -11.54 0.45
N LYS A 6 -7.55 -12.50 1.34
CA LYS A 6 -6.28 -13.27 1.35
C LYS A 6 -6.18 -14.13 0.07
N ALA A 7 -7.26 -14.77 -0.32
CA ALA A 7 -7.24 -15.61 -1.56
C ALA A 7 -6.73 -14.76 -2.74
N ALA A 8 -7.14 -13.52 -2.83
CA ALA A 8 -6.66 -12.64 -3.94
C ALA A 8 -5.14 -12.48 -3.89
N VAL A 9 -4.57 -12.49 -2.71
CA VAL A 9 -3.08 -12.34 -2.57
C VAL A 9 -2.39 -13.69 -2.73
N GLU A 10 -2.99 -14.75 -2.23
CA GLU A 10 -2.35 -16.11 -2.33
C GLU A 10 -2.30 -16.63 -3.78
N GLN A 11 -3.19 -16.20 -4.65
CA GLN A 11 -3.14 -16.72 -6.05
C GLN A 11 -3.29 -15.59 -7.09
N LEU A 12 -2.31 -14.71 -7.17
CA LEU A 12 -2.37 -13.61 -8.19
C LEU A 12 -1.28 -13.86 -9.25
N THR A 13 -1.41 -13.26 -10.41
CA THR A 13 -0.39 -13.49 -11.49
C THR A 13 0.91 -12.75 -11.19
N GLU A 14 2.00 -13.21 -11.77
CA GLU A 14 3.32 -12.56 -11.54
C GLU A 14 3.23 -11.06 -11.84
N GLU A 15 2.44 -10.68 -12.82
CA GLU A 15 2.29 -9.24 -13.17
C GLU A 15 1.67 -8.49 -11.98
N GLN A 16 0.66 -9.06 -11.37
CA GLN A 16 0.01 -8.41 -10.19
C GLN A 16 1.04 -8.17 -9.08
N LYS A 17 1.93 -9.09 -8.91
CA LYS A 17 2.98 -8.94 -7.86
C LYS A 17 4.07 -7.98 -8.35
N ASN A 18 4.36 -7.98 -9.64
CA ASN A 18 5.42 -7.08 -10.19
C ASN A 18 4.96 -5.61 -10.12
N GLU A 19 3.75 -5.31 -10.52
CA GLU A 19 3.27 -3.89 -10.46
C GLU A 19 3.30 -3.39 -9.01
N PHE A 20 3.00 -4.24 -8.06
CA PHE A 20 3.03 -3.81 -6.63
C PHE A 20 4.49 -3.75 -6.13
N LYS A 21 5.34 -4.61 -6.65
CA LYS A 21 6.78 -4.59 -6.23
C LYS A 21 7.40 -3.23 -6.58
N ALA A 22 7.19 -2.74 -7.78
CA ALA A 22 7.76 -1.42 -8.17
C ALA A 22 7.19 -0.32 -7.26
N ALA A 23 5.88 -0.27 -7.11
CA ALA A 23 5.27 0.76 -6.22
C ALA A 23 5.82 0.61 -4.79
N PHE A 24 5.96 -0.61 -4.35
CA PHE A 24 6.51 -0.86 -2.97
C PHE A 24 7.97 -0.37 -2.89
N ASP A 25 8.76 -0.65 -3.89
CA ASP A 25 10.19 -0.19 -3.88
C ASP A 25 10.26 1.33 -3.71
N ILE A 26 9.46 2.07 -4.44
CA ILE A 26 9.48 3.56 -4.29
C ILE A 26 8.89 3.96 -2.94
N PHE A 27 7.94 3.20 -2.44
CA PHE A 27 7.33 3.53 -1.11
C PHE A 27 8.30 3.18 0.03
N VAL A 28 9.24 2.29 -0.20
CA VAL A 28 10.20 1.91 0.89
C VAL A 28 11.61 2.48 0.64
N LEU A 29 11.77 3.38 -0.31
CA LEU A 29 13.15 3.96 -0.55
C LEU A 29 13.66 4.61 0.75
N GLY A 30 14.91 4.39 1.08
CA GLY A 30 15.44 4.96 2.36
C GLY A 30 15.23 3.92 3.47
N ALA A 31 14.02 3.40 3.58
CA ALA A 31 13.75 2.36 4.60
C ALA A 31 14.05 0.98 4.00
N GLU A 32 15.30 0.71 3.74
CA GLU A 32 15.70 -0.60 3.14
C GLU A 32 15.35 -1.80 4.04
N ASP A 33 14.96 -1.56 5.28
CA ASP A 33 14.59 -2.68 6.19
C ASP A 33 13.54 -3.59 5.53
N GLY A 34 12.63 -3.02 4.77
CA GLY A 34 11.58 -3.84 4.08
C GLY A 34 10.22 -3.62 4.74
N CYS A 35 9.96 -2.42 5.23
CA CYS A 35 8.64 -2.14 5.88
C CYS A 35 8.20 -0.71 5.56
N ILE A 36 6.92 -0.46 5.65
CA ILE A 36 6.40 0.91 5.35
C ILE A 36 5.65 1.46 6.58
N SER A 37 6.12 2.55 7.12
CA SER A 37 5.45 3.16 8.31
C SER A 37 4.59 4.35 7.85
N THR A 38 3.68 4.79 8.68
CA THR A 38 2.81 5.95 8.30
C THR A 38 3.65 7.22 8.14
N LYS A 39 4.71 7.35 8.91
CA LYS A 39 5.58 8.56 8.78
C LYS A 39 6.17 8.62 7.37
N GLU A 40 6.46 7.47 6.79
CA GLU A 40 7.01 7.45 5.39
C GLU A 40 5.85 7.54 4.39
N LEU A 41 4.69 7.03 4.74
CA LEU A 41 3.51 7.09 3.81
C LEU A 41 3.12 8.55 3.53
N GLY A 42 3.18 9.39 4.54
CA GLY A 42 2.79 10.82 4.36
C GLY A 42 3.58 11.46 3.20
N LYS A 43 4.83 11.08 3.03
CA LYS A 43 5.65 11.66 1.92
C LYS A 43 4.94 11.46 0.56
N VAL A 44 4.25 10.36 0.40
CA VAL A 44 3.52 10.10 -0.88
C VAL A 44 2.07 10.61 -0.76
N MET A 45 1.48 10.46 0.40
CA MET A 45 0.06 10.93 0.59
C MET A 45 -0.05 12.44 0.31
N ARG A 46 0.94 13.21 0.69
CA ARG A 46 0.88 14.69 0.43
C ARG A 46 0.85 14.98 -1.08
N MET A 47 1.34 14.07 -1.89
CA MET A 47 1.34 14.30 -3.37
C MET A 47 -0.04 13.93 -3.96
N LEU A 48 -0.99 13.52 -3.14
CA LEU A 48 -2.33 13.15 -3.68
C LEU A 48 -3.45 13.82 -2.86
N GLY A 49 -3.42 13.71 -1.56
CA GLY A 49 -4.51 14.34 -0.73
C GLY A 49 -3.92 15.27 0.33
N GLN A 50 -2.87 15.99 0.00
CA GLN A 50 -2.22 16.95 0.97
C GLN A 50 -1.55 16.23 2.17
N ASN A 51 -2.25 15.33 2.83
CA ASN A 51 -1.67 14.59 4.00
C ASN A 51 -1.39 15.57 5.17
N PRO A 52 -2.28 15.56 6.13
CA PRO A 52 -2.14 16.46 7.30
C PRO A 52 -1.05 15.96 8.26
N THR A 53 -1.11 14.72 8.68
CA THR A 53 -0.07 14.19 9.62
C THR A 53 0.16 12.69 9.41
N PRO A 54 1.35 12.26 9.75
CA PRO A 54 1.72 10.83 9.61
C PRO A 54 1.00 9.98 10.67
N GLU A 55 0.83 10.51 11.86
CA GLU A 55 0.14 9.73 12.95
C GLU A 55 -1.33 9.48 12.59
N GLU A 56 -1.92 10.33 11.79
CA GLU A 56 -3.36 10.12 11.40
C GLU A 56 -3.48 8.87 10.50
N LEU A 57 -2.46 8.56 9.75
CA LEU A 57 -2.52 7.36 8.86
C LEU A 57 -2.25 6.06 9.64
N GLN A 58 -1.81 6.16 10.89
CA GLN A 58 -1.53 4.92 11.69
C GLN A 58 -2.78 4.03 11.74
N GLU A 59 -3.94 4.60 11.94
CA GLU A 59 -5.20 3.79 11.99
C GLU A 59 -5.37 3.02 10.67
N MET A 60 -5.00 3.62 9.57
CA MET A 60 -5.12 2.94 8.25
C MET A 60 -4.31 1.63 8.25
N ILE A 61 -3.09 1.68 8.72
CA ILE A 61 -2.25 0.43 8.77
C ILE A 61 -2.78 -0.50 9.88
N ASP A 62 -3.14 0.04 11.01
CA ASP A 62 -3.67 -0.82 12.13
C ASP A 62 -4.83 -1.68 11.65
N GLU A 63 -5.61 -1.21 10.70
CA GLU A 63 -6.76 -2.01 10.18
C GLU A 63 -6.28 -3.25 9.41
N VAL A 64 -5.09 -3.22 8.86
CA VAL A 64 -4.58 -4.41 8.09
C VAL A 64 -3.27 -4.93 8.68
N ASP A 65 -2.82 -4.42 9.80
CA ASP A 65 -1.54 -4.93 10.39
C ASP A 65 -1.83 -5.95 11.50
N GLU A 66 -2.24 -7.13 11.12
CA GLU A 66 -2.52 -8.19 12.14
C GLU A 66 -1.23 -8.97 12.43
N ASP A 67 -0.19 -8.26 12.82
CA ASP A 67 1.12 -8.92 13.11
C ASP A 67 1.63 -8.55 14.50
N GLY A 68 1.83 -7.28 14.77
CA GLY A 68 2.34 -6.87 16.11
C GLY A 68 3.30 -5.70 15.95
N SER A 69 4.14 -5.72 14.94
CA SER A 69 5.12 -4.59 14.74
C SER A 69 4.38 -3.27 14.44
N GLY A 70 3.22 -3.34 13.84
CA GLY A 70 2.48 -2.06 13.53
C GLY A 70 2.92 -1.51 12.17
N THR A 71 4.00 -2.00 11.62
CA THR A 71 4.46 -1.48 10.29
C THR A 71 4.06 -2.45 9.18
N VAL A 72 3.59 -1.95 8.07
CA VAL A 72 3.16 -2.83 6.95
C VAL A 72 4.37 -3.27 6.11
N ASP A 73 4.55 -4.55 5.93
CA ASP A 73 5.69 -5.06 5.11
C ASP A 73 5.19 -5.42 3.70
N PHE A 74 5.96 -6.18 2.95
CA PHE A 74 5.51 -6.55 1.56
C PHE A 74 4.23 -7.39 1.63
N ASP A 75 4.18 -8.37 2.50
CA ASP A 75 2.95 -9.22 2.62
C ASP A 75 1.73 -8.39 3.03
N GLU A 76 1.85 -7.62 4.09
CA GLU A 76 0.71 -6.76 4.54
C GLU A 76 0.39 -5.69 3.47
N PHE A 77 1.36 -5.36 2.63
CA PHE A 77 1.13 -4.35 1.56
C PHE A 77 0.38 -5.02 0.39
N LEU A 78 0.67 -6.27 0.11
CA LEU A 78 -0.02 -6.97 -1.01
C LEU A 78 -1.52 -7.06 -0.73
N VAL A 79 -1.90 -7.52 0.44
CA VAL A 79 -3.36 -7.61 0.78
C VAL A 79 -3.98 -6.20 0.79
N MET A 80 -3.22 -5.20 1.14
CA MET A 80 -3.75 -3.80 1.14
C MET A 80 -4.07 -3.38 -0.30
N MET A 81 -3.23 -3.76 -1.24
CA MET A 81 -3.48 -3.40 -2.67
C MET A 81 -4.79 -4.03 -3.14
N VAL A 82 -5.06 -5.26 -2.78
CA VAL A 82 -6.35 -5.92 -3.20
C VAL A 82 -7.53 -5.11 -2.62
N ARG A 83 -7.37 -4.58 -1.42
CA ARG A 83 -8.47 -3.77 -0.81
C ARG A 83 -8.64 -2.46 -1.59
N CYS A 84 -7.59 -1.99 -2.24
CA CYS A 84 -7.67 -0.73 -3.03
C CYS A 84 -8.20 -0.99 -4.45
N MET A 85 -8.72 -2.17 -4.71
CA MET A 85 -9.25 -2.49 -6.08
C MET A 85 -10.74 -2.10 -6.19
N LYS A 86 -11.28 -1.42 -5.20
CA LYS A 86 -12.72 -0.99 -5.23
C LYS A 86 -13.67 -2.20 -5.07
N ASP A 87 -13.70 -3.09 -6.03
CA ASP A 87 -14.63 -4.28 -5.92
C ASP A 87 -13.93 -5.56 -6.37
N ASP A 88 -14.70 -6.58 -6.73
CA ASP A 88 -14.14 -7.89 -7.17
C ASP A 88 -13.49 -8.66 -6.01
N SER A 89 -12.39 -8.18 -5.49
CA SER A 89 -11.71 -8.89 -4.37
C SER A 89 -11.74 -8.04 -3.08
N ARG B 1 -15.57 12.61 0.28
CA ARG B 1 -14.80 12.23 1.52
C ARG B 1 -14.09 10.88 1.30
N ARG B 2 -13.55 10.30 2.36
CA ARG B 2 -12.83 8.99 2.27
C ARG B 2 -11.49 9.16 1.52
N VAL B 3 -10.52 8.35 1.85
CA VAL B 3 -9.19 8.45 1.18
C VAL B 3 -9.13 7.52 -0.04
N ARG B 4 -9.56 6.29 0.12
CA ARG B 4 -9.57 5.29 -1.00
C ARG B 4 -8.16 4.96 -1.50
N ILE B 5 -7.59 5.78 -2.36
CA ILE B 5 -6.22 5.50 -2.92
C ILE B 5 -6.22 4.11 -3.59
N SER B 6 -6.51 4.06 -4.86
CA SER B 6 -6.57 2.76 -5.59
C SER B 6 -5.22 2.45 -6.25
N ALA B 7 -5.04 1.21 -6.64
CA ALA B 7 -3.75 0.80 -7.29
C ALA B 7 -3.60 1.50 -8.65
N ASP B 8 -4.60 1.46 -9.49
CA ASP B 8 -4.52 2.13 -10.83
C ASP B 8 -4.14 3.60 -10.69
N ALA B 9 -4.67 4.28 -9.69
CA ALA B 9 -4.33 5.73 -9.49
C ALA B 9 -2.92 5.87 -8.92
N MET B 10 -2.57 5.07 -7.94
CA MET B 10 -1.20 5.16 -7.34
C MET B 10 -0.13 4.72 -8.35
N MET B 11 -0.46 3.80 -9.22
CA MET B 11 0.54 3.32 -10.24
C MET B 11 1.04 4.50 -11.08
N GLN B 12 0.16 5.37 -11.52
CA GLN B 12 0.59 6.54 -12.34
C GLN B 12 1.46 7.50 -11.51
N ALA B 13 1.13 7.66 -10.24
CA ALA B 13 1.93 8.57 -9.36
C ALA B 13 3.26 7.93 -8.93
N LEU B 14 3.27 6.63 -8.74
CA LEU B 14 4.54 5.94 -8.31
C LEU B 14 5.40 5.60 -9.54
N LEU B 15 4.82 4.98 -10.54
CA LEU B 15 5.59 4.61 -11.75
C LEU B 15 5.42 5.69 -12.84
N GLY B 16 5.85 6.89 -12.55
CA GLY B 16 5.71 8.00 -13.55
C GLY B 16 6.47 9.24 -13.05
N ALA B 17 6.13 10.40 -13.57
CA ALA B 17 6.82 11.67 -13.16
C ALA B 17 8.35 11.55 -13.32
N ARG B 18 9.05 11.12 -12.29
CA ARG B 18 10.54 10.99 -12.39
C ARG B 18 11.00 9.68 -11.73
N ALA B 19 10.18 8.65 -11.77
CA ALA B 19 10.59 7.35 -11.14
C ALA B 19 9.82 6.18 -11.79
N LYS B 20 10.35 4.98 -11.65
CA LYS B 20 9.66 3.78 -12.26
C LYS B 20 9.92 2.54 -11.41
CA CA C . 3.14 -5.70 10.81
OAA SXK D . -10.28 5.40 3.27
OAB SXK D . -11.05 3.33 3.02
CAE SXK D . -0.41 2.76 0.16
CAF SXK D . -5.75 4.80 2.01
CAG SXK D . -6.02 2.39 1.53
CAH SXK D . -4.35 4.66 1.90
CAI SXK D . -4.62 2.25 1.42
CAJ SXK D . -1.83 2.88 0.27
CAK SXK D . -0.16 3.38 2.53
CAL SXK D . -8.69 3.60 3.15
OAM SXK D . -7.93 3.93 1.96
CAN SXK D . -10.13 4.16 3.14
CAO SXK D . 0.40 3.01 1.29
CAP SXK D . -6.59 3.66 1.82
CAQ SXK D . -1.57 3.52 2.63
CAR SXK D . -3.79 3.38 1.60
CAS SXK D . -2.39 3.26 1.50
FCC SXK D . 1.74 2.88 1.18
FDD SXK D . -2.09 3.89 3.84
HAE SXK D . 0.04 2.46 -0.78
HAF SXK D . -6.20 5.77 2.24
HAG SXK D . -6.66 1.52 1.38
HAH SXK D . -3.70 5.54 2.04
HAI SXK D . -4.19 1.28 1.19
HAJ SXK D . -2.46 2.69 -0.61
HAK SXK D . 0.48 3.58 3.39
HAL SXK D . -8.75 2.51 3.24
HALA SXK D . -8.19 4.05 3.99
#